data_8Y3Q
#
_entry.id   8Y3Q
#
_cell.length_a   1.00
_cell.length_b   1.00
_cell.length_c   1.00
_cell.angle_alpha   90.00
_cell.angle_beta   90.00
_cell.angle_gamma   90.00
#
_symmetry.space_group_name_H-M   'P 1'
#
loop_
_entity.id
_entity.type
_entity.pdbx_description
1 polymer B646L
2 polymer 'Heavy chain of F11'
3 polymer 'Light chain of F11'
#
loop_
_entity_poly.entity_id
_entity_poly.type
_entity_poly.pdbx_seq_one_letter_code
_entity_poly.pdbx_strand_id
1 'polypeptide(L)'
;MHHHHHHHHHHGSDYKDHDGDYKDHDIDYKDDDDKELENLYFQGAGSMASGGAFCLIANDGKADKIILAQDLLNSRISNI
KNVNKSYGKPDPEPTLSQIEETHLVHFNAHFKPYVPVGFEYNKVRPHTGTPTLGNKLTFGIPQYGDFFHDMVGHHILGAC
HSSWQDAPIQGTSQMGAHGQLQTFPRNGYDWDNQTPLEGAVYTLVDPFGRPIVPGTKNAYRNLVYYCEYPGERLYENVRF
DVNGNSLDEYSSDVTTLVRKFCIPGDKMTGYKHLVGQEVSVEGTSGPLLCNIHDLHKPHQSKPILTDENDTQRTCSHTNP
KFLSQHFPENSHNIQTAGKQDITPITDATYLDIRRNVHYSCNGPQTPKYYQPPLALWIKLRFWFNENVNLAIPSVSIPFG
ERFITIKLASQKDLVNEFPGLFVRQSRFIAGRPSRRNIRFKPWFIPGVINEISLTNNELYINNLFVTPEIHNLFVKRVRF
SLIRVHKTQVTHTNNNHHDEKLMSALKWPIEYMFIGLKPTWNISDQNPHQHRDWHKFGHVVNAIMQPTHHAEISFQDRDT
ALPDACSSISDISPVTYPITLPIIKNISVTAHGINLIDKFPSKFCSSYIPFHYGGNAIKTPDDPGAMMITFALKPREEYQ
PSGHINVSRAREFYISWDTDYVGSITTADLVVSASAINFLLLQNGSAVLRYST
;
A,B,C
2 'polypeptide(L)'
;EKLVESGGGLVKPGGSLKLSCVGSGSTFSSDAVSWVRQAPGKGLEWLAGIDGDGYGVSTYYADSVKGRFTISRDNSQKTA
YLQMNSLRTDDTARYYCAECPMVLLAKCSMEFWGPGVEVVVS
;
D,E,F
3 'polypeptide(L)'
;LQTVIQEPAMSVSLGGTVTLTCAFSSGSVTSSNYPGWFQQTPGQPPRLLIYQTNSRPTGVPSRFSGAISGNRAALTITGA
QAEDEADYFCGLWKSGTDLPFGGGTHLTVL
;
G,H,I
#
# COMPACT_ATOMS: atom_id res chain seq x y z
N GLY A 118 26.87 -29.60 39.16
CA GLY A 118 27.45 -28.29 38.97
C GLY A 118 28.05 -28.09 37.59
N PHE A 119 27.89 -26.90 37.05
CA PHE A 119 28.41 -26.57 35.72
C PHE A 119 28.65 -25.07 35.63
N GLU A 120 29.80 -24.69 35.06
CA GLU A 120 30.11 -23.31 34.75
C GLU A 120 30.79 -23.26 33.39
N TYR A 121 30.68 -22.12 32.72
CA TYR A 121 31.16 -21.96 31.35
C TYR A 121 32.49 -21.23 31.39
N ASN A 122 33.57 -21.95 31.08
CA ASN A 122 34.89 -21.36 31.03
C ASN A 122 35.16 -20.77 29.64
N LYS A 123 36.39 -20.29 29.45
CA LYS A 123 36.81 -19.67 28.19
C LYS A 123 38.05 -20.38 27.67
N VAL A 124 38.11 -20.56 26.36
CA VAL A 124 39.28 -21.11 25.69
C VAL A 124 39.68 -20.14 24.58
N ARG A 125 40.98 -19.85 24.52
CA ARG A 125 41.50 -18.88 23.58
C ARG A 125 42.00 -19.56 22.31
N PRO A 126 41.99 -18.85 21.17
CA PRO A 126 42.49 -19.47 19.93
C PRO A 126 43.98 -19.80 20.04
N HIS A 127 44.33 -21.00 19.57
CA HIS A 127 45.73 -21.42 19.62
C HIS A 127 46.56 -20.75 18.52
N THR A 128 45.96 -20.51 17.35
CA THR A 128 46.71 -19.95 16.23
C THR A 128 47.15 -18.52 16.52
N GLY A 129 46.22 -17.67 16.93
CA GLY A 129 46.54 -16.28 17.21
C GLY A 129 46.08 -15.31 16.14
N THR A 130 45.14 -14.43 16.51
CA THR A 130 44.57 -13.41 15.64
C THR A 130 44.07 -14.00 14.32
N PRO A 131 42.97 -14.74 14.33
CA PRO A 131 42.45 -15.32 13.09
C PRO A 131 41.98 -14.24 12.11
N THR A 132 41.91 -14.62 10.84
CA THR A 132 41.39 -13.78 9.78
C THR A 132 40.33 -14.55 9.00
N LEU A 133 39.55 -13.81 8.21
CA LEU A 133 38.48 -14.41 7.41
C LEU A 133 39.09 -15.08 6.19
N GLY A 134 39.13 -16.41 6.21
CA GLY A 134 39.62 -17.16 5.08
C GLY A 134 40.83 -18.02 5.40
N ASN A 135 41.05 -18.27 6.69
CA ASN A 135 42.23 -19.01 7.14
C ASN A 135 41.83 -19.97 8.25
N LYS A 136 42.63 -21.02 8.39
CA LYS A 136 42.35 -22.05 9.40
C LYS A 136 42.46 -21.47 10.80
N LEU A 137 41.63 -22.01 11.69
CA LEU A 137 41.56 -21.59 13.08
C LEU A 137 41.56 -22.83 13.95
N THR A 138 42.25 -22.77 15.08
CA THR A 138 42.43 -23.95 15.93
C THR A 138 42.13 -23.61 17.39
N PHE A 139 41.37 -24.48 18.04
CA PHE A 139 41.19 -24.45 19.48
C PHE A 139 41.79 -25.71 20.09
N GLY A 140 42.33 -25.56 21.30
CA GLY A 140 42.84 -26.70 22.05
C GLY A 140 41.95 -27.02 23.24
N ILE A 141 41.41 -28.22 23.27
CA ILE A 141 40.46 -28.62 24.32
C ILE A 141 41.22 -28.98 25.59
N PRO A 142 41.01 -28.26 26.69
CA PRO A 142 41.62 -28.64 27.96
C PRO A 142 40.70 -29.51 28.80
N GLN A 143 41.33 -30.32 29.65
CA GLN A 143 40.60 -31.17 30.59
C GLN A 143 40.40 -30.41 31.89
N TYR A 144 39.31 -29.65 31.98
CA TYR A 144 38.96 -28.90 33.17
C TYR A 144 37.90 -29.60 34.02
N GLY A 145 36.86 -30.13 33.37
CA GLY A 145 35.84 -30.88 34.06
C GLY A 145 35.88 -32.36 33.69
N ASP A 146 35.11 -33.15 34.46
CA ASP A 146 35.08 -34.59 34.21
C ASP A 146 34.33 -34.90 32.92
N PHE A 147 33.39 -34.04 32.54
CA PHE A 147 32.70 -34.16 31.27
C PHE A 147 32.54 -32.77 30.66
N PHE A 148 32.56 -32.73 29.33
CA PHE A 148 32.20 -31.55 28.57
C PHE A 148 31.06 -31.89 27.62
N HIS A 149 30.06 -31.01 27.57
CA HIS A 149 28.75 -31.32 27.01
C HIS A 149 28.48 -30.58 25.71
N ASP A 150 28.54 -29.25 25.74
CA ASP A 150 28.26 -28.46 24.55
C ASP A 150 29.31 -27.37 24.41
N MET A 151 29.60 -27.00 23.16
CA MET A 151 30.61 -26.00 22.85
C MET A 151 29.99 -24.89 22.02
N VAL A 152 30.32 -23.64 22.37
CA VAL A 152 29.81 -22.47 21.66
C VAL A 152 31.00 -21.62 21.24
N GLY A 153 31.00 -21.19 19.98
CA GLY A 153 32.00 -20.26 19.48
C GLY A 153 31.41 -18.86 19.41
N HIS A 154 32.11 -17.92 20.02
CA HIS A 154 31.70 -16.52 20.06
C HIS A 154 32.68 -15.69 19.27
N HIS A 155 32.18 -14.95 18.28
CA HIS A 155 32.99 -14.07 17.47
C HIS A 155 32.30 -12.71 17.33
N ILE A 156 33.09 -11.67 17.06
CA ILE A 156 32.57 -10.32 16.91
C ILE A 156 33.15 -9.73 15.64
N LEU A 157 32.40 -9.79 14.55
CA LEU A 157 32.82 -9.16 13.30
C LEU A 157 32.72 -7.64 13.41
N GLY A 158 33.71 -6.96 12.87
CA GLY A 158 33.81 -5.51 13.00
C GLY A 158 32.92 -4.79 12.02
N ALA A 159 33.08 -3.46 12.02
CA ALA A 159 32.23 -2.59 11.21
C ALA A 159 32.57 -2.72 9.73
N CYS A 160 31.63 -2.31 8.88
CA CYS A 160 31.78 -2.38 7.44
C CYS A 160 31.32 -1.07 6.82
N HIS A 161 31.88 -0.76 5.65
CA HIS A 161 31.44 0.35 4.82
C HIS A 161 32.14 0.21 3.47
N SER A 162 31.81 1.11 2.55
CA SER A 162 32.35 1.07 1.20
C SER A 162 33.08 2.37 0.88
N SER A 163 33.84 2.34 -0.21
CA SER A 163 34.65 3.48 -0.60
C SER A 163 33.83 4.49 -1.40
N TRP A 164 34.28 5.74 -1.37
CA TRP A 164 33.63 6.80 -2.13
C TRP A 164 33.89 6.62 -3.61
N GLN A 165 32.93 7.05 -4.43
CA GLN A 165 33.00 6.89 -5.88
C GLN A 165 32.63 8.20 -6.55
N ASP A 166 32.86 8.26 -7.86
CA ASP A 166 32.63 9.45 -8.66
C ASP A 166 31.33 9.31 -9.46
N ALA A 167 30.64 10.43 -9.64
CA ALA A 167 29.43 10.44 -10.44
C ALA A 167 29.77 10.38 -11.93
N PRO A 168 28.96 9.70 -12.73
CA PRO A 168 29.24 9.55 -14.16
C PRO A 168 28.90 10.82 -14.93
N ILE A 169 29.23 10.80 -16.22
CA ILE A 169 28.90 11.86 -17.17
C ILE A 169 27.87 11.31 -18.15
N GLN A 170 26.92 12.16 -18.55
CA GLN A 170 25.83 11.71 -19.42
C GLN A 170 26.38 11.16 -20.72
N GLY A 171 25.91 9.96 -21.09
CA GLY A 171 26.38 9.27 -22.27
C GLY A 171 27.39 8.18 -22.01
N THR A 172 27.76 7.95 -20.76
CA THR A 172 28.81 7.00 -20.42
C THR A 172 28.25 5.59 -20.29
N SER A 173 29.03 4.61 -20.75
CA SER A 173 28.74 3.20 -20.56
C SER A 173 29.97 2.53 -19.97
N GLN A 174 29.75 1.66 -18.98
CA GLN A 174 30.86 1.05 -18.26
C GLN A 174 30.47 -0.38 -17.87
N MET A 175 31.47 -1.25 -17.86
CA MET A 175 31.25 -2.64 -17.50
C MET A 175 31.13 -2.78 -15.99
N GLY A 176 30.02 -3.33 -15.52
CA GLY A 176 29.75 -3.52 -14.11
C GLY A 176 29.99 -4.95 -13.66
N ALA A 177 29.28 -5.33 -12.61
CA ALA A 177 29.45 -6.67 -12.04
C ALA A 177 28.73 -7.72 -12.88
N HIS A 178 29.26 -8.95 -12.82
CA HIS A 178 28.67 -10.11 -13.50
C HIS A 178 28.56 -9.90 -15.00
N GLY A 179 29.48 -9.14 -15.58
CA GLY A 179 29.45 -8.90 -17.01
C GLY A 179 28.24 -8.12 -17.49
N GLN A 180 27.76 -7.17 -16.70
CA GLN A 180 26.59 -6.37 -17.04
C GLN A 180 27.04 -4.95 -17.34
N LEU A 181 26.51 -4.37 -18.42
CA LEU A 181 26.92 -3.05 -18.86
C LEU A 181 25.94 -2.01 -18.34
N GLN A 182 26.44 -1.08 -17.53
CA GLN A 182 25.66 0.02 -16.99
C GLN A 182 25.86 1.25 -17.84
N THR A 183 24.76 1.89 -18.24
CA THR A 183 24.81 3.03 -19.13
C THR A 183 24.00 4.18 -18.55
N PHE A 184 24.34 5.39 -18.98
CA PHE A 184 23.68 6.63 -18.56
C PHE A 184 23.27 7.32 -19.85
N PRO A 185 22.10 6.99 -20.39
CA PRO A 185 21.76 7.39 -21.76
C PRO A 185 21.61 8.89 -21.92
N ARG A 186 21.77 9.34 -23.16
CA ARG A 186 21.60 10.73 -23.53
C ARG A 186 20.11 11.06 -23.60
N ASN A 187 19.80 12.34 -23.84
CA ASN A 187 18.42 12.78 -23.94
C ASN A 187 17.82 12.35 -25.27
N GLY A 188 16.64 11.73 -25.21
CA GLY A 188 15.98 11.27 -26.41
C GLY A 188 16.37 9.89 -26.88
N TYR A 189 16.92 9.05 -26.00
CA TYR A 189 17.33 7.71 -26.37
C TYR A 189 16.86 6.72 -25.32
N ASP A 190 16.75 5.46 -25.72
CA ASP A 190 16.27 4.40 -24.85
C ASP A 190 17.38 3.98 -23.90
N TRP A 191 17.15 2.89 -23.15
CA TRP A 191 18.12 2.45 -22.15
C TRP A 191 19.39 1.89 -22.75
N ASP A 192 19.44 1.67 -24.07
CA ASP A 192 20.64 1.15 -24.72
C ASP A 192 21.46 2.24 -25.41
N ASN A 193 21.04 3.50 -25.31
CA ASN A 193 21.77 4.64 -25.86
C ASN A 193 21.90 4.57 -27.38
N GLN A 194 21.09 3.75 -28.05
CA GLN A 194 21.17 3.64 -29.50
C GLN A 194 19.80 3.82 -30.16
N THR A 195 18.74 3.31 -29.52
CA THR A 195 17.41 3.36 -30.11
C THR A 195 16.72 4.65 -29.71
N PRO A 196 16.27 5.47 -30.67
CA PRO A 196 15.66 6.75 -30.32
C PRO A 196 14.38 6.60 -29.51
N LEU A 197 14.16 7.56 -28.61
CA LEU A 197 12.93 7.69 -27.85
C LEU A 197 12.54 9.16 -27.86
N GLU A 198 11.23 9.43 -27.83
CA GLU A 198 10.76 10.77 -28.16
C GLU A 198 11.17 11.80 -27.11
N GLY A 199 10.89 11.53 -25.83
CA GLY A 199 11.04 12.57 -24.83
C GLY A 199 11.69 12.17 -23.53
N ALA A 200 12.64 11.24 -23.58
CA ALA A 200 13.28 10.76 -22.35
C ALA A 200 14.33 11.76 -21.87
N VAL A 201 14.31 12.01 -20.56
CA VAL A 201 15.29 12.86 -19.89
C VAL A 201 15.82 12.11 -18.68
N TYR A 202 17.15 12.06 -18.54
CA TYR A 202 17.80 11.23 -17.54
C TYR A 202 18.56 12.08 -16.55
N THR A 203 18.33 11.84 -15.26
CA THR A 203 19.06 12.50 -14.18
C THR A 203 19.58 11.43 -13.21
N LEU A 204 20.23 11.87 -12.15
CA LEU A 204 20.82 10.98 -11.16
C LEU A 204 20.22 11.26 -9.79
N VAL A 205 19.97 10.20 -9.02
CA VAL A 205 19.37 10.32 -7.69
C VAL A 205 19.99 9.30 -6.75
N ASP A 206 19.79 9.53 -5.46
CA ASP A 206 20.13 8.59 -4.39
C ASP A 206 19.10 7.47 -4.34
N PRO A 207 19.35 6.42 -3.55
CA PRO A 207 18.31 5.40 -3.33
C PRO A 207 17.07 5.96 -2.64
N PHE A 208 17.14 7.14 -2.05
CA PHE A 208 16.02 7.74 -1.35
C PHE A 208 15.46 8.97 -2.08
N GLY A 209 15.91 9.23 -3.30
CA GLY A 209 15.41 10.34 -4.09
C GLY A 209 16.21 11.62 -4.00
N ARG A 210 17.26 11.65 -3.20
CA ARG A 210 18.04 12.88 -3.06
C ARG A 210 18.97 13.06 -4.25
N PRO A 211 18.94 14.20 -4.92
CA PRO A 211 19.65 14.34 -6.20
C PRO A 211 21.16 14.37 -6.04
N ILE A 212 21.84 14.06 -7.14
CA ILE A 212 23.30 14.08 -7.23
C ILE A 212 23.70 14.76 -8.53
N VAL A 213 24.71 15.62 -8.48
CA VAL A 213 25.19 16.34 -9.65
C VAL A 213 26.22 15.51 -10.40
N PRO A 214 26.09 15.33 -11.71
CA PRO A 214 27.07 14.52 -12.44
C PRO A 214 28.46 15.13 -12.42
N GLY A 215 29.46 14.25 -12.38
CA GLY A 215 30.85 14.66 -12.42
C GLY A 215 31.47 14.97 -11.07
N THR A 216 30.69 15.00 -10.00
CA THR A 216 31.20 15.35 -8.70
C THR A 216 32.12 14.25 -8.17
N LYS A 217 33.29 14.65 -7.68
CA LYS A 217 34.23 13.70 -7.08
C LYS A 217 33.78 13.32 -5.68
N ASN A 218 33.85 12.03 -5.38
CA ASN A 218 33.46 11.49 -4.07
C ASN A 218 32.03 11.89 -3.72
N ALA A 219 31.09 11.43 -4.55
CA ALA A 219 29.71 11.85 -4.46
C ALA A 219 28.77 10.83 -3.82
N TYR A 220 29.10 9.54 -3.87
CA TYR A 220 28.18 8.53 -3.36
C TYR A 220 28.97 7.31 -2.90
N ARG A 221 28.29 6.48 -2.11
CA ARG A 221 28.84 5.21 -1.65
C ARG A 221 27.80 4.12 -1.84
N ASN A 222 28.26 2.91 -2.14
CA ASN A 222 27.34 1.78 -2.17
C ASN A 222 26.96 1.39 -0.74
N LEU A 223 25.80 0.74 -0.62
CA LEU A 223 25.36 0.24 0.67
C LEU A 223 25.85 -1.20 0.84
N VAL A 224 25.94 -1.65 2.08
CA VAL A 224 26.46 -2.98 2.38
C VAL A 224 25.46 -3.76 3.21
N TYR A 225 25.34 -5.05 2.93
CA TYR A 225 24.50 -5.94 3.72
C TYR A 225 25.20 -7.30 3.82
N TYR A 226 24.60 -8.18 4.61
CA TYR A 226 25.16 -9.49 4.92
C TYR A 226 24.42 -10.59 4.16
N CYS A 227 24.91 -11.82 4.31
CA CYS A 227 24.19 -12.98 3.83
C CYS A 227 23.07 -13.34 4.79
N GLU A 228 22.21 -14.25 4.36
CA GLU A 228 21.19 -14.79 5.24
C GLU A 228 21.79 -15.90 6.08
N TYR A 229 21.57 -15.82 7.40
CA TYR A 229 22.19 -16.70 8.38
C TYR A 229 23.71 -16.63 8.28
N PRO A 230 24.32 -15.47 8.51
CA PRO A 230 25.79 -15.39 8.41
C PRO A 230 26.51 -16.22 9.45
N GLY A 231 25.84 -16.60 10.53
CA GLY A 231 26.46 -17.45 11.52
C GLY A 231 26.57 -18.91 11.13
N GLU A 232 25.93 -19.31 10.04
CA GLU A 232 26.04 -20.67 9.53
C GLU A 232 27.04 -20.80 8.40
N ARG A 233 27.23 -19.74 7.61
CA ARG A 233 28.22 -19.75 6.54
C ARG A 233 29.64 -19.54 7.04
N LEU A 234 29.80 -19.02 8.26
CA LEU A 234 31.14 -18.72 8.77
C LEU A 234 31.97 -19.99 8.92
N TYR A 235 31.39 -21.05 9.49
CA TYR A 235 32.11 -22.30 9.72
C TYR A 235 31.93 -23.19 8.50
N GLU A 236 32.79 -23.00 7.50
CA GLU A 236 32.70 -23.77 6.26
C GLU A 236 33.18 -25.20 6.42
N ASN A 237 33.90 -25.52 7.49
CA ASN A 237 34.37 -26.88 7.74
C ASN A 237 34.82 -27.01 9.19
N VAL A 238 34.34 -28.04 9.88
CA VAL A 238 34.64 -28.25 11.30
C VAL A 238 35.19 -29.66 11.45
N ARG A 239 36.36 -29.79 12.06
CA ARG A 239 36.99 -31.08 12.29
C ARG A 239 37.42 -31.19 13.75
N PHE A 240 37.22 -32.37 14.32
CA PHE A 240 37.66 -32.68 15.68
C PHE A 240 38.76 -33.73 15.58
N ASP A 241 40.00 -33.34 15.88
CA ASP A 241 41.17 -34.16 15.64
C ASP A 241 41.78 -34.63 16.95
N VAL A 242 42.27 -35.87 16.93
CA VAL A 242 43.00 -36.45 18.06
C VAL A 242 44.32 -36.98 17.48
N ASN A 243 45.34 -36.13 17.46
CA ASN A 243 46.62 -36.44 16.83
C ASN A 243 46.40 -36.96 15.40
N GLY A 244 45.70 -36.14 14.61
CA GLY A 244 45.18 -36.63 13.36
C GLY A 244 43.95 -37.49 13.61
N ASN A 245 43.65 -38.36 12.66
CA ASN A 245 42.56 -39.34 12.79
C ASN A 245 41.25 -38.64 13.15
N SER A 246 40.77 -37.81 12.22
CA SER A 246 39.59 -37.00 12.43
C SER A 246 38.37 -37.85 12.80
N LEU A 247 37.92 -37.73 14.05
CA LEU A 247 36.77 -38.50 14.50
C LEU A 247 35.49 -38.07 13.79
N ASP A 248 35.33 -36.76 13.58
CA ASP A 248 34.13 -36.25 12.93
C ASP A 248 34.51 -35.06 12.06
N GLU A 249 33.70 -34.81 11.04
CA GLU A 249 33.94 -33.72 10.11
C GLU A 249 32.65 -33.44 9.35
N TYR A 250 32.19 -32.20 9.38
CA TYR A 250 31.01 -31.81 8.62
C TYR A 250 31.25 -30.44 8.00
N SER A 251 30.28 -29.98 7.21
CA SER A 251 30.42 -28.74 6.46
C SER A 251 29.25 -27.80 6.75
N SER A 252 29.12 -26.73 5.98
CA SER A 252 28.01 -25.80 6.12
C SER A 252 26.81 -26.21 5.28
N ASP A 253 26.69 -27.49 4.95
CA ASP A 253 25.53 -28.04 4.28
C ASP A 253 24.65 -28.88 5.18
N VAL A 254 25.24 -29.70 6.06
CA VAL A 254 24.46 -30.46 7.02
C VAL A 254 23.83 -29.54 8.06
N THR A 255 24.42 -28.37 8.30
CA THR A 255 23.81 -27.42 9.23
C THR A 255 22.49 -26.88 8.68
N THR A 256 22.43 -26.64 7.37
CA THR A 256 21.18 -26.20 6.76
C THR A 256 20.11 -27.28 6.87
N LEU A 257 20.47 -28.54 6.65
CA LEU A 257 19.52 -29.63 6.84
C LEU A 257 19.06 -29.72 8.29
N VAL A 258 20.00 -29.54 9.23
CA VAL A 258 19.63 -29.61 10.64
C VAL A 258 18.63 -28.52 10.98
N ARG A 259 18.85 -27.30 10.52
CA ARG A 259 17.90 -26.23 10.85
C ARG A 259 16.57 -26.43 10.14
N LYS A 260 16.60 -27.00 8.93
CA LYS A 260 15.34 -27.19 8.20
C LYS A 260 14.54 -28.38 8.72
N PHE A 261 15.15 -29.30 9.46
CA PHE A 261 14.43 -30.48 9.93
C PHE A 261 14.27 -30.55 11.43
N CYS A 262 15.36 -30.49 12.20
CA CYS A 262 15.36 -30.93 13.59
C CYS A 262 15.18 -29.78 14.59
N ILE A 263 14.98 -28.55 14.15
CA ILE A 263 14.78 -27.45 15.08
C ILE A 263 13.27 -27.26 15.32
N PRO A 264 12.80 -27.25 16.57
CA PRO A 264 11.37 -27.37 16.82
C PRO A 264 10.50 -26.30 16.17
N GLY A 265 10.95 -25.06 16.11
CA GLY A 265 10.11 -24.01 15.56
C GLY A 265 9.62 -23.03 16.60
N ASP A 266 9.34 -23.52 17.81
CA ASP A 266 9.13 -22.61 18.94
C ASP A 266 10.39 -21.81 19.23
N LYS A 267 11.55 -22.43 19.04
CA LYS A 267 12.84 -21.83 19.35
C LYS A 267 13.51 -21.24 18.13
N MET A 268 12.74 -20.77 17.15
CA MET A 268 13.33 -20.12 15.99
C MET A 268 13.79 -18.70 16.28
N THR A 269 13.12 -17.98 17.17
CA THR A 269 13.52 -16.61 17.46
C THR A 269 14.92 -16.58 18.07
N GLY A 270 15.19 -17.46 19.05
CA GLY A 270 16.50 -17.50 19.64
C GLY A 270 17.58 -17.91 18.65
N TYR A 271 17.30 -18.93 17.84
CA TYR A 271 18.29 -19.36 16.86
C TYR A 271 18.59 -18.27 15.85
N LYS A 272 17.56 -17.57 15.37
CA LYS A 272 17.79 -16.50 14.42
C LYS A 272 18.44 -15.29 15.08
N HIS A 273 18.36 -15.16 16.40
CA HIS A 273 19.13 -14.13 17.08
C HIS A 273 20.60 -14.53 17.22
N LEU A 274 20.87 -15.81 17.45
CA LEU A 274 22.24 -16.27 17.63
C LEU A 274 23.05 -16.14 16.34
N VAL A 275 22.48 -16.55 15.21
CA VAL A 275 23.20 -16.57 13.94
C VAL A 275 23.04 -15.27 13.17
N GLY A 276 22.52 -14.23 13.80
CA GLY A 276 22.44 -12.93 13.15
C GLY A 276 21.50 -12.84 11.97
N GLN A 277 20.31 -13.41 12.08
CA GLN A 277 19.28 -13.30 11.06
C GLN A 277 18.18 -12.37 11.55
N GLU A 278 17.80 -11.40 10.72
CA GLU A 278 16.85 -10.39 11.14
C GLU A 278 15.46 -10.98 11.33
N VAL A 279 14.68 -10.34 12.19
CA VAL A 279 13.32 -10.75 12.52
C VAL A 279 12.39 -9.57 12.32
N SER A 280 11.27 -9.79 11.65
CA SER A 280 10.36 -8.71 11.32
C SER A 280 9.61 -8.21 12.55
N VAL A 281 9.32 -6.92 12.55
CA VAL A 281 8.62 -6.24 13.64
C VAL A 281 7.30 -5.71 13.10
N GLU A 282 6.25 -5.84 13.90
CA GLU A 282 4.88 -5.54 13.49
C GLU A 282 4.46 -4.16 13.96
N GLY A 283 3.77 -3.43 13.08
CA GLY A 283 3.24 -2.13 13.42
C GLY A 283 1.80 -2.00 12.95
N THR A 284 1.16 -0.93 13.41
CA THR A 284 -0.26 -0.70 13.15
C THR A 284 -0.48 0.71 12.64
N SER A 285 -1.67 0.94 12.09
CA SER A 285 -2.07 2.23 11.57
C SER A 285 -3.25 2.77 12.36
N GLY A 286 -3.77 3.92 11.93
CA GLY A 286 -4.91 4.53 12.56
C GLY A 286 -6.20 3.81 12.21
N PRO A 287 -7.26 4.16 12.94
CA PRO A 287 -8.56 3.55 12.66
C PRO A 287 -9.09 3.95 11.28
N LEU A 288 -9.83 3.02 10.68
CA LEU A 288 -10.38 3.20 9.34
C LEU A 288 -11.80 2.67 9.30
N LEU A 289 -12.62 3.26 8.44
CA LEU A 289 -14.02 2.88 8.31
C LEU A 289 -14.19 1.77 7.29
N CYS A 290 -15.14 0.87 7.56
CA CYS A 290 -15.42 -0.29 6.73
C CYS A 290 -16.91 -0.47 6.58
N ASN A 291 -17.33 -1.11 5.48
CA ASN A 291 -18.73 -1.41 5.23
C ASN A 291 -18.95 -2.92 5.13
N ILE A 292 -19.65 -3.47 6.12
CA ILE A 292 -19.85 -4.91 6.21
C ILE A 292 -21.03 -5.32 5.34
N HIS A 293 -20.99 -6.56 4.86
CA HIS A 293 -22.08 -7.16 4.09
C HIS A 293 -22.46 -8.49 4.71
N ASP A 294 -23.75 -8.80 4.63
CA ASP A 294 -24.27 -10.06 5.14
C ASP A 294 -25.36 -10.58 4.21
N LEU A 295 -25.51 -11.90 4.17
CA LEU A 295 -26.54 -12.53 3.35
C LEU A 295 -27.22 -13.67 4.12
N TYR A 350 -24.21 -1.58 7.11
CA TYR A 350 -23.50 -1.61 8.38
C TYR A 350 -22.07 -1.10 8.21
N LEU A 351 -21.53 -0.47 9.24
CA LEU A 351 -20.18 0.08 9.22
C LEU A 351 -19.40 -0.43 10.43
N ASP A 352 -18.08 -0.38 10.32
CA ASP A 352 -17.21 -0.85 11.38
C ASP A 352 -15.90 -0.07 11.33
N ILE A 353 -15.10 -0.22 12.38
CA ILE A 353 -13.80 0.43 12.49
C ILE A 353 -12.74 -0.65 12.61
N ARG A 354 -11.73 -0.58 11.75
CA ARG A 354 -10.68 -1.59 11.70
C ARG A 354 -9.31 -0.93 11.53
N ARG A 355 -8.27 -1.69 11.83
CA ARG A 355 -6.89 -1.26 11.73
C ARG A 355 -6.14 -2.14 10.74
N ASN A 356 -5.10 -1.58 10.13
CA ASN A 356 -4.22 -2.32 9.24
C ASN A 356 -2.93 -2.68 9.97
N VAL A 357 -2.37 -3.83 9.62
CA VAL A 357 -1.17 -4.35 10.27
C VAL A 357 -0.07 -4.49 9.22
N HIS A 358 1.10 -3.94 9.50
CA HIS A 358 2.24 -3.98 8.60
C HIS A 358 3.44 -4.60 9.32
N TYR A 359 4.47 -4.94 8.54
CA TYR A 359 5.68 -5.53 9.05
C TYR A 359 6.90 -4.82 8.45
N SER A 360 8.01 -4.88 9.17
CA SER A 360 9.22 -4.19 8.73
C SER A 360 10.44 -4.94 9.26
N CYS A 361 11.61 -4.61 8.70
CA CYS A 361 12.86 -5.26 9.08
C CYS A 361 13.95 -4.21 9.22
N ASN A 362 14.89 -4.47 10.15
CA ASN A 362 15.98 -3.53 10.41
C ASN A 362 17.30 -4.24 10.70
N GLY A 363 17.43 -5.53 10.40
CA GLY A 363 18.56 -6.30 10.83
C GLY A 363 19.79 -6.16 9.96
N PRO A 364 20.75 -7.07 10.14
CA PRO A 364 21.99 -7.00 9.35
C PRO A 364 21.77 -7.14 7.85
N GLN A 365 20.69 -7.79 7.43
CA GLN A 365 20.46 -8.06 6.02
C GLN A 365 19.82 -6.87 5.28
N THR A 366 19.50 -5.81 5.99
CA THR A 366 18.99 -4.60 5.34
C THR A 366 20.16 -3.75 4.85
N PRO A 367 20.19 -3.37 3.58
CA PRO A 367 21.29 -2.54 3.08
C PRO A 367 21.40 -1.23 3.85
N LYS A 368 22.59 -0.99 4.41
CA LYS A 368 22.85 0.19 5.21
C LYS A 368 24.17 0.82 4.77
N TYR A 369 24.30 2.12 5.02
CA TYR A 369 25.56 2.81 4.73
C TYR A 369 26.69 2.30 5.62
N TYR A 370 26.38 2.00 6.89
CA TYR A 370 27.37 1.58 7.86
C TYR A 370 26.79 0.43 8.68
N GLN A 371 27.44 -0.72 8.62
CA GLN A 371 26.97 -1.90 9.34
C GLN A 371 27.68 -2.00 10.68
N PRO A 372 26.97 -1.95 11.80
CA PRO A 372 27.63 -2.01 13.11
C PRO A 372 28.24 -3.37 13.36
N PRO A 373 29.08 -3.51 14.40
CA PRO A 373 29.67 -4.82 14.68
C PRO A 373 28.61 -5.87 14.96
N LEU A 374 28.88 -7.10 14.54
CA LEU A 374 27.93 -8.20 14.63
C LEU A 374 28.51 -9.29 15.51
N ALA A 375 27.76 -9.67 16.55
CA ALA A 375 28.17 -10.74 17.45
C ALA A 375 27.49 -12.04 17.03
N LEU A 376 28.30 -13.10 16.88
CA LEU A 376 27.80 -14.39 16.41
C LEU A 376 28.14 -15.47 17.43
N TRP A 377 27.13 -16.26 17.78
CA TRP A 377 27.28 -17.47 18.59
C TRP A 377 26.95 -18.67 17.71
N ILE A 378 27.87 -19.63 17.64
CA ILE A 378 27.71 -20.79 16.79
C ILE A 378 27.94 -22.04 17.62
N LYS A 379 26.96 -22.94 17.65
CA LYS A 379 27.04 -24.14 18.47
C LYS A 379 27.70 -25.27 17.67
N LEU A 380 28.66 -25.93 18.29
CA LEU A 380 29.34 -27.06 17.65
C LEU A 380 28.60 -28.35 17.95
N ARG A 381 28.33 -29.12 16.90
CA ARG A 381 27.44 -30.28 16.96
C ARG A 381 28.22 -31.54 16.60
N PHE A 382 28.61 -32.30 17.62
CA PHE A 382 29.17 -33.62 17.44
C PHE A 382 28.21 -34.66 18.01
N TRP A 383 28.50 -35.94 17.72
CA TRP A 383 27.52 -36.99 18.02
C TRP A 383 27.23 -37.09 19.52
N PHE A 384 28.17 -36.68 20.37
CA PHE A 384 27.97 -36.73 21.81
C PHE A 384 27.38 -35.44 22.38
N ASN A 385 27.20 -34.41 21.56
CA ASN A 385 26.62 -33.17 22.05
C ASN A 385 25.10 -33.19 22.08
N GLU A 386 24.48 -34.21 21.49
CA GLU A 386 23.02 -34.21 21.35
C GLU A 386 22.32 -34.29 22.69
N ASN A 387 22.80 -35.14 23.59
CA ASN A 387 22.15 -35.38 24.87
C ASN A 387 23.13 -35.17 26.02
N VAL A 388 22.59 -34.77 27.18
CA VAL A 388 23.41 -34.58 28.36
C VAL A 388 23.99 -35.89 28.87
N ASN A 389 23.34 -37.02 28.61
CA ASN A 389 23.81 -38.32 29.07
C ASN A 389 24.81 -38.96 28.12
N LEU A 390 25.00 -38.40 26.93
CA LEU A 390 25.88 -38.99 25.92
C LEU A 390 27.19 -38.24 25.75
N ALA A 391 27.43 -37.17 26.51
CA ALA A 391 28.66 -36.41 26.38
C ALA A 391 29.87 -37.27 26.72
N ILE A 392 30.88 -37.24 25.87
CA ILE A 392 32.07 -38.07 26.06
C ILE A 392 32.90 -37.50 27.22
N PRO A 393 33.66 -38.31 27.92
CA PRO A 393 34.53 -37.78 29.00
C PRO A 393 35.71 -37.03 28.42
N SER A 394 36.33 -36.23 29.29
CA SER A 394 37.56 -35.52 28.95
C SER A 394 38.81 -36.29 29.34
N VAL A 395 38.66 -37.50 29.90
CA VAL A 395 39.79 -38.32 30.33
C VAL A 395 39.95 -39.56 29.48
N SER A 396 38.97 -39.90 28.65
CA SER A 396 39.04 -41.10 27.82
C SER A 396 40.19 -41.02 26.83
N ILE A 397 40.61 -39.80 26.48
CA ILE A 397 41.62 -39.58 25.46
C ILE A 397 42.75 -38.77 26.09
N PRO A 398 44.00 -39.02 25.69
CA PRO A 398 45.12 -38.26 26.27
C PRO A 398 44.94 -36.75 26.13
N PHE A 399 45.48 -36.03 27.11
CA PHE A 399 45.16 -34.61 27.28
C PHE A 399 45.60 -33.77 26.09
N GLY A 400 46.82 -33.99 25.61
CA GLY A 400 47.40 -33.10 24.62
C GLY A 400 47.02 -33.33 23.17
N GLU A 401 46.19 -34.34 22.89
CA GLU A 401 45.89 -34.69 21.51
C GLU A 401 44.60 -34.08 20.98
N ARG A 402 43.77 -33.49 21.83
CA ARG A 402 42.48 -32.97 21.40
C ARG A 402 42.65 -31.61 20.71
N PHE A 403 42.06 -31.46 19.53
CA PHE A 403 42.11 -30.18 18.83
C PHE A 403 40.85 -30.02 18.00
N ILE A 404 40.46 -28.77 17.77
CA ILE A 404 39.34 -28.42 16.92
C ILE A 404 39.84 -27.49 15.83
N THR A 405 39.57 -27.85 14.57
CA THR A 405 40.00 -27.08 13.41
C THR A 405 38.79 -26.57 12.66
N ILE A 406 38.80 -25.28 12.32
CA ILE A 406 37.68 -24.64 11.63
C ILE A 406 38.22 -23.81 10.49
N LYS A 407 37.65 -23.99 9.29
CA LYS A 407 38.06 -23.23 8.12
C LYS A 407 37.04 -22.11 7.90
N LEU A 408 37.39 -20.90 8.32
CA LEU A 408 36.48 -19.77 8.22
C LEU A 408 36.27 -19.36 6.76
N ALA A 409 35.04 -18.93 6.47
CA ALA A 409 34.69 -18.50 5.13
C ALA A 409 35.32 -17.15 4.80
N SER A 410 35.48 -16.89 3.50
CA SER A 410 36.11 -15.67 3.04
C SER A 410 35.18 -14.48 3.22
N GLN A 411 35.77 -13.27 3.12
CA GLN A 411 34.99 -12.05 3.32
C GLN A 411 33.98 -11.83 2.21
N LYS A 412 34.31 -12.17 0.97
CA LYS A 412 33.41 -11.94 -0.14
C LYS A 412 32.22 -12.90 -0.14
N ASP A 413 32.23 -13.92 0.71
CA ASP A 413 31.11 -14.83 0.86
C ASP A 413 30.21 -14.45 2.05
N LEU A 414 30.47 -13.31 2.68
CA LEU A 414 29.69 -12.88 3.83
C LEU A 414 29.03 -11.52 3.67
N VAL A 415 29.67 -10.58 2.98
CA VAL A 415 29.11 -9.25 2.78
C VAL A 415 28.95 -9.00 1.30
N ASN A 416 27.91 -8.24 0.95
CA ASN A 416 27.65 -7.85 -0.42
C ASN A 416 27.22 -6.39 -0.46
N GLU A 417 27.15 -5.83 -1.66
CA GLU A 417 26.85 -4.43 -1.86
C GLU A 417 25.56 -4.25 -2.65
N PHE A 418 24.89 -3.13 -2.37
CA PHE A 418 23.66 -2.67 -2.95
C PHE A 418 23.90 -1.30 -3.60
N PRO A 419 23.31 -1.03 -4.77
CA PRO A 419 23.62 0.21 -5.48
C PRO A 419 23.31 1.44 -4.64
N GLY A 420 24.20 2.43 -4.72
CA GLY A 420 24.02 3.70 -4.06
C GLY A 420 23.69 4.85 -4.98
N LEU A 421 23.51 4.59 -6.28
CA LEU A 421 23.20 5.62 -7.25
C LEU A 421 22.20 5.07 -8.25
N PHE A 422 21.20 5.87 -8.59
CA PHE A 422 20.15 5.44 -9.51
C PHE A 422 20.00 6.47 -10.62
N VAL A 423 19.61 6.00 -11.80
CA VAL A 423 19.32 6.84 -12.95
C VAL A 423 17.81 6.97 -13.06
N ARG A 424 17.33 8.20 -13.11
CA ARG A 424 15.91 8.52 -13.14
C ARG A 424 15.54 8.98 -14.53
N GLN A 425 14.60 8.27 -15.15
CA GLN A 425 14.11 8.58 -16.48
C GLN A 425 12.73 9.21 -16.39
N SER A 426 12.55 10.36 -17.03
CA SER A 426 11.27 11.04 -17.10
C SER A 426 10.91 11.20 -18.57
N ARG A 427 9.72 10.74 -18.95
CA ARG A 427 9.28 10.76 -20.33
C ARG A 427 7.93 11.44 -20.43
N PHE A 428 7.81 12.38 -21.35
CA PHE A 428 6.56 13.08 -21.63
C PHE A 428 6.04 12.64 -23.00
N ILE A 429 4.83 12.10 -23.01
CA ILE A 429 4.19 11.60 -24.23
C ILE A 429 3.09 12.59 -24.60
N ALA A 430 3.20 13.16 -25.79
CA ALA A 430 2.25 14.18 -26.25
C ALA A 430 1.04 13.53 -26.90
N GLY A 431 -0.05 14.29 -26.92
CA GLY A 431 -1.30 13.80 -27.46
C GLY A 431 -2.47 14.15 -26.56
N ARG A 432 -3.43 13.24 -26.45
CA ARG A 432 -4.53 13.43 -25.50
C ARG A 432 -5.02 12.07 -25.02
N PRO A 433 -4.80 11.72 -23.73
CA PRO A 433 -4.18 12.57 -22.71
C PRO A 433 -2.66 12.64 -22.81
N SER A 434 -2.09 13.81 -22.53
CA SER A 434 -0.65 13.91 -22.38
C SER A 434 -0.21 13.21 -21.10
N ARG A 435 0.89 12.47 -21.17
CA ARG A 435 1.28 11.57 -20.11
C ARG A 435 2.70 11.85 -19.64
N ARG A 436 2.93 11.67 -18.34
CA ARG A 436 4.27 11.76 -17.75
C ARG A 436 4.56 10.45 -17.04
N ASN A 437 5.70 9.84 -17.39
CA ASN A 437 6.13 8.59 -16.78
C ASN A 437 7.52 8.78 -16.17
N ILE A 438 7.70 8.23 -14.97
CA ILE A 438 8.98 8.30 -14.27
C ILE A 438 9.38 6.88 -13.86
N ARG A 439 10.58 6.46 -14.25
CA ARG A 439 11.10 5.13 -13.97
C ARG A 439 12.54 5.26 -13.49
N PHE A 440 13.09 4.16 -12.99
CA PHE A 440 14.42 4.16 -12.39
C PHE A 440 15.21 2.95 -12.84
N LYS A 441 16.55 3.09 -12.85
CA LYS A 441 17.45 2.00 -13.23
C LYS A 441 18.74 2.11 -12.43
N PRO A 442 19.22 1.04 -11.82
CA PRO A 442 20.43 1.13 -11.01
C PRO A 442 21.68 1.41 -11.83
N TRP A 443 22.65 2.04 -11.18
CA TRP A 443 24.02 2.21 -11.69
C TRP A 443 24.93 1.55 -10.68
N PHE A 444 25.25 0.29 -10.91
CA PHE A 444 25.97 -0.54 -9.94
C PHE A 444 27.38 -0.81 -10.45
N ILE A 445 28.35 -0.16 -9.83
CA ILE A 445 29.77 -0.37 -10.10
C ILE A 445 30.43 -0.78 -8.78
N PRO A 446 31.07 -1.94 -8.70
CA PRO A 446 31.57 -2.43 -7.42
C PRO A 446 32.67 -1.55 -6.84
N GLY A 447 32.71 -1.49 -5.51
CA GLY A 447 33.73 -0.75 -4.80
C GLY A 447 34.58 -1.64 -3.93
N VAL A 448 35.21 -1.08 -2.90
CA VAL A 448 36.07 -1.83 -2.00
C VAL A 448 35.52 -1.73 -0.59
N ILE A 449 35.37 -2.88 0.06
CA ILE A 449 34.92 -2.96 1.45
C ILE A 449 36.14 -3.22 2.31
N ASN A 450 36.26 -2.49 3.42
CA ASN A 450 37.42 -2.63 4.29
C ASN A 450 37.48 -4.03 4.88
N GLU A 451 38.66 -4.39 5.38
CA GLU A 451 38.87 -5.71 5.95
C GLU A 451 38.12 -5.84 7.28
N ILE A 452 37.40 -6.95 7.44
CA ILE A 452 36.66 -7.21 8.67
C ILE A 452 37.56 -8.03 9.60
N SER A 453 37.63 -7.61 10.86
CA SER A 453 38.50 -8.22 11.85
C SER A 453 37.68 -8.93 12.92
N LEU A 454 38.11 -10.12 13.31
CA LEU A 454 37.45 -10.88 14.35
C LEU A 454 38.07 -10.58 15.70
N THR A 455 37.24 -10.26 16.67
CA THR A 455 37.69 -9.95 18.03
C THR A 455 36.84 -10.71 19.03
N ASN A 456 37.39 -10.91 20.22
CA ASN A 456 36.75 -11.66 21.30
C ASN A 456 36.39 -13.07 20.85
N ASN A 457 37.27 -13.70 20.08
CA ASN A 457 37.06 -15.06 19.61
C ASN A 457 37.23 -16.02 20.78
N GLU A 458 36.13 -16.57 21.28
CA GLU A 458 36.17 -17.41 22.46
C GLU A 458 35.40 -18.70 22.22
N LEU A 459 35.73 -19.71 23.02
CA LEU A 459 35.04 -21.00 22.98
C LEU A 459 34.54 -21.32 24.39
N TYR A 460 33.23 -21.33 24.56
CA TYR A 460 32.59 -21.68 25.82
C TYR A 460 32.42 -23.20 25.83
N ILE A 461 33.07 -23.83 26.80
CA ILE A 461 32.95 -25.27 27.05
C ILE A 461 32.25 -25.46 28.38
N ASN A 462 31.18 -26.24 28.39
CA ASN A 462 30.42 -26.48 29.61
C ASN A 462 31.09 -27.63 30.35
N ASN A 463 31.48 -27.38 31.60
CA ASN A 463 32.18 -28.35 32.42
C ASN A 463 31.24 -28.89 33.49
N LEU A 464 30.81 -30.14 33.33
CA LEU A 464 30.01 -30.81 34.35
C LEU A 464 30.92 -31.37 35.44
N PHE A 465 30.60 -31.07 36.70
CA PHE A 465 31.35 -31.57 37.83
C PHE A 465 30.55 -32.65 38.54
N VAL A 466 31.22 -33.74 38.90
CA VAL A 466 30.58 -34.84 39.61
C VAL A 466 30.66 -34.60 41.11
N ILE A 510 20.46 -48.02 10.80
CA ILE A 510 20.05 -46.63 10.59
C ILE A 510 18.57 -46.58 10.27
N GLU A 511 17.91 -45.47 10.62
CA GLU A 511 16.47 -45.37 10.39
C GLU A 511 16.02 -44.03 9.82
N TYR A 512 16.92 -43.08 9.61
CA TYR A 512 16.54 -41.80 9.02
C TYR A 512 17.63 -41.35 8.08
N MET A 513 17.26 -40.47 7.14
CA MET A 513 18.24 -39.84 6.25
C MET A 513 17.61 -38.62 5.61
N PHE A 514 18.32 -37.49 5.67
CA PHE A 514 17.88 -36.27 5.03
C PHE A 514 18.79 -35.97 3.85
N ILE A 515 18.19 -35.70 2.69
CA ILE A 515 18.92 -35.51 1.45
C ILE A 515 18.59 -34.13 0.89
N GLY A 516 19.61 -33.40 0.47
CA GLY A 516 19.41 -32.11 -0.13
C GLY A 516 19.97 -32.05 -1.55
N LEU A 517 19.16 -31.57 -2.48
CA LEU A 517 19.55 -31.47 -3.89
C LEU A 517 19.64 -29.99 -4.24
N LYS A 518 20.87 -29.49 -4.35
CA LYS A 518 21.12 -28.07 -4.53
C LYS A 518 21.80 -27.83 -5.87
N PRO A 519 21.24 -27.00 -6.75
CA PRO A 519 21.96 -26.65 -7.98
C PRO A 519 23.24 -25.89 -7.67
N THR A 520 24.25 -26.10 -8.52
CA THR A 520 25.51 -25.39 -8.36
C THR A 520 25.36 -23.90 -8.65
N TRP A 521 24.32 -23.50 -9.38
CA TRP A 521 24.08 -22.09 -9.63
C TRP A 521 23.82 -21.31 -8.35
N ASN A 522 23.37 -21.99 -7.29
CA ASN A 522 23.04 -21.30 -6.05
C ASN A 522 24.26 -20.68 -5.40
N ILE A 523 25.40 -21.36 -5.45
CA ILE A 523 26.60 -20.94 -4.74
C ILE A 523 27.68 -20.40 -5.65
N SER A 524 27.46 -20.36 -6.96
CA SER A 524 28.47 -19.87 -7.88
C SER A 524 28.64 -18.36 -7.73
N ASP A 525 29.89 -17.91 -7.91
CA ASP A 525 30.19 -16.49 -7.75
C ASP A 525 29.54 -15.61 -8.82
N GLN A 526 29.14 -16.20 -9.95
CA GLN A 526 28.47 -15.45 -11.00
C GLN A 526 26.99 -15.24 -10.72
N ASN A 527 26.46 -15.83 -9.66
CA ASN A 527 25.06 -15.65 -9.30
C ASN A 527 24.87 -14.27 -8.67
N PRO A 528 24.04 -13.40 -9.24
CA PRO A 528 23.80 -12.09 -8.60
C PRO A 528 23.04 -12.20 -7.29
N HIS A 529 22.42 -13.33 -7.00
CA HIS A 529 21.62 -13.52 -5.80
C HIS A 529 22.14 -14.69 -4.96
N GLN A 530 23.44 -14.94 -4.98
CA GLN A 530 23.96 -16.09 -4.24
C GLN A 530 23.87 -15.88 -2.74
N HIS A 531 23.95 -14.63 -2.28
CA HIS A 531 23.89 -14.37 -0.84
C HIS A 531 22.51 -14.71 -0.28
N ARG A 532 21.45 -14.47 -1.06
CA ARG A 532 20.11 -14.85 -0.63
C ARG A 532 19.90 -16.36 -0.75
N ASP A 533 20.37 -16.97 -1.83
CA ASP A 533 19.99 -18.33 -2.20
C ASP A 533 21.06 -19.36 -1.87
N TRP A 534 22.05 -19.03 -1.05
CA TRP A 534 23.15 -19.97 -0.82
C TRP A 534 22.69 -21.23 -0.08
N HIS A 535 21.51 -21.20 0.55
CA HIS A 535 21.05 -22.33 1.36
C HIS A 535 19.82 -23.03 0.80
N LYS A 536 19.11 -22.43 -0.14
CA LYS A 536 17.86 -22.99 -0.62
C LYS A 536 18.10 -24.25 -1.45
N PHE A 537 17.26 -25.26 -1.24
CA PHE A 537 17.34 -26.52 -1.97
C PHE A 537 16.26 -26.53 -3.06
N GLY A 538 16.59 -25.93 -4.20
CA GLY A 538 15.66 -25.92 -5.30
C GLY A 538 16.08 -24.90 -6.35
N HIS A 539 15.26 -24.81 -7.39
CA HIS A 539 15.50 -23.87 -8.47
C HIS A 539 14.74 -22.59 -8.17
N VAL A 540 15.46 -21.49 -7.99
CA VAL A 540 14.88 -20.23 -7.51
C VAL A 540 14.70 -19.28 -8.67
N VAL A 541 13.47 -18.80 -8.85
CA VAL A 541 13.16 -17.72 -9.79
C VAL A 541 12.66 -16.53 -8.99
N ASN A 542 12.47 -15.41 -9.67
CA ASN A 542 12.11 -14.16 -9.01
C ASN A 542 10.88 -13.55 -9.69
N ALA A 543 9.97 -13.04 -8.86
CA ALA A 543 8.79 -12.31 -9.34
C ALA A 543 8.86 -10.88 -8.83
N ILE A 544 8.56 -9.93 -9.70
CA ILE A 544 8.75 -8.51 -9.41
C ILE A 544 7.42 -7.78 -9.48
N MET A 545 6.97 -7.26 -8.34
CA MET A 545 5.92 -6.25 -8.28
C MET A 545 6.53 -4.87 -8.47
N GLN A 546 5.83 -4.01 -9.20
CA GLN A 546 6.22 -2.62 -9.39
C GLN A 546 5.01 -1.73 -9.16
N PRO A 547 4.71 -1.37 -7.92
CA PRO A 547 3.56 -0.51 -7.65
C PRO A 547 3.75 0.89 -8.23
N THR A 548 2.63 1.51 -8.57
CA THR A 548 2.63 2.79 -9.29
C THR A 548 1.47 3.65 -8.80
N HIS A 549 1.72 4.96 -8.67
CA HIS A 549 0.69 5.93 -8.34
C HIS A 549 0.15 6.53 -9.62
N HIS A 550 -1.16 6.43 -9.83
CA HIS A 550 -1.80 6.87 -11.08
C HIS A 550 -2.77 8.00 -10.79
N ALA A 551 -2.85 8.96 -11.71
CA ALA A 551 -3.76 10.09 -11.53
C ALA A 551 -4.18 10.64 -12.89
N GLU A 552 -5.41 11.17 -12.93
CA GLU A 552 -5.99 11.74 -14.14
C GLU A 552 -6.64 13.07 -13.81
N ILE A 553 -6.40 14.08 -14.64
CA ILE A 553 -6.89 15.44 -14.41
C ILE A 553 -7.51 15.98 -15.68
N SER A 554 -8.63 16.70 -15.54
CA SER A 554 -9.29 17.38 -16.65
C SER A 554 -9.32 18.87 -16.36
N PHE A 555 -8.87 19.68 -17.32
CA PHE A 555 -8.72 21.11 -17.11
C PHE A 555 -9.96 21.94 -17.44
N GLN A 556 -10.99 21.33 -18.02
CA GLN A 556 -12.15 22.10 -18.46
C GLN A 556 -13.38 21.21 -18.45
N ASP A 557 -14.52 21.78 -18.83
CA ASP A 557 -15.80 21.08 -18.83
C ASP A 557 -16.51 21.10 -20.17
N ARG A 558 -15.79 21.41 -21.26
CA ARG A 558 -16.43 21.37 -22.58
C ARG A 558 -16.55 19.95 -23.09
N ASP A 559 -15.42 19.27 -23.29
CA ASP A 559 -15.40 17.85 -23.64
C ASP A 559 -14.60 17.10 -22.59
N THR A 560 -15.24 16.15 -21.90
CA THR A 560 -14.65 15.47 -20.76
C THR A 560 -14.70 13.96 -20.89
N ALA A 561 -14.85 13.44 -22.10
CA ALA A 561 -14.86 11.99 -22.29
C ALA A 561 -13.52 11.38 -21.89
N LEU A 562 -12.42 12.02 -22.26
CA LEU A 562 -11.08 11.56 -21.98
C LEU A 562 -10.36 12.59 -21.10
N PRO A 563 -9.51 12.14 -20.17
CA PRO A 563 -8.80 13.09 -19.32
C PRO A 563 -7.85 13.96 -20.12
N ASP A 564 -7.64 15.18 -19.64
CA ASP A 564 -6.70 16.08 -20.30
C ASP A 564 -5.25 15.73 -20.00
N ALA A 565 -4.97 15.21 -18.81
CA ALA A 565 -3.61 14.85 -18.44
C ALA A 565 -3.63 13.62 -17.55
N CYS A 566 -2.56 12.84 -17.61
CA CYS A 566 -2.38 11.65 -16.80
C CYS A 566 -0.99 11.68 -16.16
N SER A 567 -0.82 10.85 -15.14
CA SER A 567 0.49 10.71 -14.52
C SER A 567 0.60 9.35 -13.87
N SER A 568 1.79 8.75 -13.98
CA SER A 568 2.09 7.46 -13.35
C SER A 568 3.49 7.55 -12.76
N ILE A 569 3.57 7.55 -11.44
CA ILE A 569 4.83 7.67 -10.71
C ILE A 569 5.21 6.29 -10.21
N SER A 570 6.45 5.87 -10.50
CA SER A 570 6.92 4.57 -10.04
C SER A 570 7.75 4.75 -8.77
N ASP A 571 8.21 3.63 -8.22
CA ASP A 571 9.09 3.63 -7.07
C ASP A 571 10.52 3.35 -7.50
N ILE A 572 11.47 3.75 -6.65
CA ILE A 572 12.88 3.62 -6.99
C ILE A 572 13.28 2.15 -7.10
N SER A 573 12.84 1.33 -6.14
CA SER A 573 13.20 -0.08 -6.14
C SER A 573 11.95 -0.93 -6.09
N PRO A 574 11.93 -2.07 -6.79
CA PRO A 574 10.71 -2.89 -6.85
C PRO A 574 10.55 -3.82 -5.66
N VAL A 575 9.54 -4.68 -5.71
CA VAL A 575 9.31 -5.69 -4.68
C VAL A 575 9.59 -7.06 -5.29
N THR A 576 10.48 -7.82 -4.65
CA THR A 576 10.97 -9.07 -5.21
C THR A 576 10.55 -10.24 -4.35
N TYR A 577 9.97 -11.26 -4.99
CA TYR A 577 9.55 -12.49 -4.33
C TYR A 577 10.38 -13.65 -4.85
N PRO A 578 11.08 -14.38 -4.00
CA PRO A 578 11.79 -15.58 -4.47
C PRO A 578 10.88 -16.80 -4.46
N ILE A 579 10.74 -17.48 -5.60
CA ILE A 579 9.88 -18.64 -5.74
C ILE A 579 10.76 -19.86 -6.02
N THR A 580 10.65 -20.87 -5.17
CA THR A 580 11.47 -22.06 -5.27
C THR A 580 10.66 -23.20 -5.89
N LEU A 581 11.25 -23.88 -6.87
CA LEU A 581 10.61 -24.93 -7.63
C LEU A 581 11.44 -26.21 -7.54
N PRO A 582 10.80 -27.37 -7.59
CA PRO A 582 11.54 -28.63 -7.48
C PRO A 582 12.39 -28.90 -8.72
N ILE A 583 13.44 -29.69 -8.52
CA ILE A 583 14.35 -30.10 -9.58
C ILE A 583 14.40 -31.61 -9.73
N ILE A 584 13.58 -32.35 -8.99
CA ILE A 584 13.57 -33.81 -9.03
C ILE A 584 12.14 -34.28 -9.25
N LYS A 585 11.97 -35.23 -10.16
CA LYS A 585 10.68 -35.88 -10.39
C LYS A 585 10.58 -37.25 -9.75
N ASN A 586 11.64 -38.04 -9.81
CA ASN A 586 11.68 -39.38 -9.22
C ASN A 586 13.03 -39.58 -8.57
N ILE A 587 13.03 -40.20 -7.40
CA ILE A 587 14.27 -40.47 -6.65
C ILE A 587 14.28 -41.95 -6.26
N SER A 588 15.45 -42.58 -6.42
CA SER A 588 15.62 -43.97 -6.02
C SER A 588 16.96 -44.14 -5.33
N VAL A 589 16.94 -44.70 -4.13
CA VAL A 589 18.17 -45.02 -3.41
C VAL A 589 18.30 -46.53 -3.36
N THR A 590 18.99 -47.10 -4.35
CA THR A 590 19.07 -48.55 -4.48
C THR A 590 20.04 -49.14 -3.48
N ALA A 591 19.97 -50.47 -3.34
CA ALA A 591 20.87 -51.22 -2.49
C ALA A 591 21.46 -52.37 -3.27
N HIS A 592 22.63 -52.82 -2.84
CA HIS A 592 23.29 -53.95 -3.51
C HIS A 592 22.47 -55.23 -3.39
N GLY A 593 21.62 -55.33 -2.36
CA GLY A 593 20.79 -56.51 -2.18
C GLY A 593 19.48 -56.44 -2.94
N ILE A 594 18.70 -55.39 -2.68
CA ILE A 594 17.40 -55.19 -3.32
C ILE A 594 17.32 -53.75 -3.82
N ASN A 595 16.28 -53.48 -4.62
CA ASN A 595 16.13 -52.17 -5.24
C ASN A 595 15.69 -51.10 -4.24
N LEU A 596 15.03 -51.50 -3.16
CA LEU A 596 14.67 -50.62 -2.04
C LEU A 596 13.75 -49.53 -2.57
N ILE A 597 13.98 -48.24 -2.29
CA ILE A 597 13.10 -47.19 -2.79
C ILE A 597 13.21 -47.11 -4.30
N ASP A 598 12.06 -47.07 -4.97
CA ASP A 598 12.00 -47.12 -6.43
C ASP A 598 11.00 -46.13 -6.97
N LYS A 599 11.49 -45.13 -7.71
CA LYS A 599 10.67 -44.27 -8.57
C LYS A 599 9.56 -43.54 -7.82
N PHE A 600 9.72 -43.32 -6.51
CA PHE A 600 8.70 -42.58 -5.77
C PHE A 600 8.68 -41.12 -6.21
N PRO A 601 7.50 -40.50 -6.24
CA PRO A 601 7.42 -39.08 -6.61
C PRO A 601 8.12 -38.20 -5.58
N SER A 602 8.49 -37.00 -6.03
CA SER A 602 9.24 -36.09 -5.18
C SER A 602 8.44 -35.65 -3.96
N LYS A 603 7.18 -35.26 -4.17
CA LYS A 603 6.36 -34.76 -3.06
C LYS A 603 6.02 -35.84 -2.06
N PHE A 604 6.14 -37.11 -2.43
CA PHE A 604 5.96 -38.19 -1.47
C PHE A 604 7.05 -38.17 -0.42
N CYS A 605 8.31 -38.07 -0.85
CA CYS A 605 9.43 -38.05 0.08
C CYS A 605 9.58 -36.68 0.76
N SER A 606 9.23 -35.61 0.05
CA SER A 606 9.44 -34.27 0.60
C SER A 606 8.45 -33.95 1.71
N SER A 607 7.17 -34.27 1.50
CA SER A 607 6.10 -33.81 2.38
C SER A 607 5.47 -34.91 3.20
N TYR A 608 4.99 -35.99 2.59
CA TYR A 608 4.21 -36.98 3.33
C TYR A 608 5.05 -37.70 4.37
N ILE A 609 6.27 -38.12 4.02
CA ILE A 609 7.08 -38.89 4.96
C ILE A 609 7.44 -38.08 6.21
N PRO A 610 7.92 -36.83 6.11
CA PRO A 610 8.11 -36.04 7.35
C PRO A 610 6.82 -35.82 8.11
N PHE A 611 5.70 -35.65 7.40
CA PHE A 611 4.43 -35.40 8.05
C PHE A 611 4.00 -36.58 8.90
N HIS A 612 4.16 -37.80 8.38
CA HIS A 612 3.71 -38.98 9.11
C HIS A 612 4.74 -39.41 10.15
N TYR A 613 5.95 -39.76 9.70
CA TYR A 613 6.98 -40.26 10.59
C TYR A 613 7.67 -39.12 11.33
N GLY A 614 8.28 -39.45 12.46
CA GLY A 614 9.13 -38.50 13.15
C GLY A 614 8.66 -38.08 14.52
N GLY A 615 7.35 -37.87 14.68
CA GLY A 615 6.85 -37.31 15.92
C GLY A 615 7.10 -35.82 15.97
N ASN A 616 7.08 -35.27 17.19
CA ASN A 616 7.28 -33.85 17.36
C ASN A 616 8.72 -33.41 17.12
N ALA A 617 9.67 -34.34 17.08
CA ALA A 617 11.06 -33.97 16.86
C ALA A 617 11.29 -33.43 15.45
N ILE A 618 10.81 -34.15 14.44
CA ILE A 618 11.07 -33.80 13.04
C ILE A 618 10.01 -32.82 12.58
N LYS A 619 10.46 -31.64 12.15
CA LYS A 619 9.57 -30.65 11.55
C LYS A 619 9.46 -30.90 10.06
N THR A 620 8.28 -30.63 9.52
CA THR A 620 8.08 -30.72 8.08
C THR A 620 8.81 -29.58 7.38
N PRO A 621 9.70 -29.86 6.44
CA PRO A 621 10.49 -28.78 5.82
C PRO A 621 9.64 -27.89 4.95
N ASP A 622 10.29 -26.86 4.40
CA ASP A 622 9.64 -25.90 3.54
C ASP A 622 10.08 -26.01 2.09
N ASP A 623 11.38 -26.20 1.83
CA ASP A 623 11.91 -26.27 0.48
C ASP A 623 11.48 -27.57 -0.20
N PRO A 624 11.23 -27.53 -1.51
CA PRO A 624 10.84 -28.76 -2.22
C PRO A 624 11.99 -29.74 -2.44
N GLY A 625 13.24 -29.31 -2.27
CA GLY A 625 14.38 -30.16 -2.51
C GLY A 625 14.90 -30.92 -1.32
N ALA A 626 14.36 -30.69 -0.12
CA ALA A 626 14.79 -31.39 1.08
C ALA A 626 13.92 -32.64 1.23
N MET A 627 14.54 -33.81 1.14
CA MET A 627 13.84 -35.08 1.11
C MET A 627 14.21 -35.92 2.31
N MET A 628 13.29 -36.79 2.73
CA MET A 628 13.49 -37.65 3.88
C MET A 628 12.98 -39.05 3.56
N ILE A 629 13.78 -40.06 3.90
CA ILE A 629 13.44 -41.45 3.65
C ILE A 629 13.75 -42.26 4.89
N THR A 630 12.91 -43.24 5.19
CA THR A 630 13.07 -44.09 6.36
C THR A 630 13.41 -45.51 5.92
N PHE A 631 14.28 -46.18 6.67
CA PHE A 631 14.75 -47.51 6.32
C PHE A 631 14.18 -48.59 7.22
N ALA A 632 14.35 -48.47 8.53
CA ALA A 632 13.87 -49.48 9.45
C ALA A 632 12.86 -48.90 10.44
N PHE A 653 23.10 -47.43 -1.05
CA PHE A 653 23.49 -46.02 -0.97
C PHE A 653 23.94 -45.51 -2.34
N TYR A 654 23.00 -45.49 -3.29
CA TYR A 654 23.24 -44.98 -4.63
C TYR A 654 22.04 -44.13 -5.02
N ILE A 655 22.13 -42.83 -4.80
CA ILE A 655 21.02 -41.93 -5.06
C ILE A 655 20.98 -41.60 -6.55
N SER A 656 19.91 -42.02 -7.22
CA SER A 656 19.67 -41.69 -8.61
C SER A 656 18.36 -40.92 -8.72
N TRP A 657 18.26 -40.06 -9.72
CA TRP A 657 17.09 -39.20 -9.84
C TRP A 657 16.79 -38.94 -11.31
N ASP A 658 15.53 -38.58 -11.56
CA ASP A 658 15.07 -38.13 -12.86
C ASP A 658 14.83 -36.63 -12.80
N THR A 659 15.36 -35.90 -13.79
CA THR A 659 15.43 -34.46 -13.71
C THR A 659 15.14 -33.83 -15.06
N ASP A 660 14.31 -32.80 -15.05
CA ASP A 660 14.04 -31.98 -16.22
C ASP A 660 14.88 -30.69 -16.23
N TYR A 661 15.80 -30.56 -15.28
CA TYR A 661 16.66 -29.40 -15.15
C TYR A 661 18.06 -29.76 -15.63
N VAL A 662 18.63 -28.91 -16.49
CA VAL A 662 19.95 -29.15 -17.06
C VAL A 662 20.97 -28.32 -16.30
N GLY A 663 21.98 -29.00 -15.77
CA GLY A 663 23.02 -28.33 -15.02
C GLY A 663 23.54 -29.23 -13.92
N SER A 664 24.58 -28.75 -13.25
CA SER A 664 25.19 -29.48 -12.15
C SER A 664 24.28 -29.47 -10.93
N ILE A 665 24.28 -30.57 -10.18
CA ILE A 665 23.48 -30.70 -8.97
C ILE A 665 24.36 -31.22 -7.85
N THR A 666 24.32 -30.55 -6.70
CA THR A 666 25.08 -30.96 -5.52
C THR A 666 24.19 -31.79 -4.60
N THR A 667 24.82 -32.68 -3.83
CA THR A 667 24.09 -33.56 -2.94
C THR A 667 24.67 -33.47 -1.54
N ALA A 668 23.79 -33.47 -0.54
CA ALA A 668 24.18 -33.48 0.85
C ALA A 668 23.40 -34.56 1.58
N ASP A 669 24.05 -35.21 2.54
CA ASP A 669 23.47 -36.34 3.26
C ASP A 669 23.66 -36.16 4.76
N LEU A 670 22.75 -36.76 5.53
CA LEU A 670 22.83 -36.73 6.99
C LEU A 670 22.06 -37.95 7.51
N VAL A 671 22.80 -38.98 7.93
CA VAL A 671 22.19 -40.20 8.44
C VAL A 671 22.14 -40.11 9.96
N VAL A 672 20.93 -40.16 10.51
CA VAL A 672 20.71 -40.04 11.94
C VAL A 672 19.76 -41.15 12.38
N SER A 673 19.87 -41.54 13.65
CA SER A 673 19.01 -42.55 14.24
C SER A 673 18.23 -41.93 15.39
N ALA A 674 16.92 -42.20 15.42
CA ALA A 674 16.07 -41.67 16.48
C ALA A 674 15.15 -42.75 17.04
N GLU B 1 0.55 41.39 4.17
CA GLU B 1 -0.87 41.38 3.82
C GLU B 1 -1.48 42.77 4.05
N LYS B 2 -1.59 43.54 2.99
CA LYS B 2 -2.13 44.89 3.05
C LYS B 2 -3.43 44.97 2.27
N LEU B 3 -4.12 46.11 2.43
CA LEU B 3 -5.43 46.31 1.82
C LEU B 3 -5.50 47.72 1.26
N VAL B 4 -6.27 47.89 0.19
CA VAL B 4 -6.48 49.19 -0.44
C VAL B 4 -7.97 49.37 -0.70
N GLU B 5 -8.52 50.49 -0.24
CA GLU B 5 -9.93 50.80 -0.44
C GLU B 5 -10.10 51.79 -1.58
N SER B 6 -11.24 51.70 -2.26
CA SER B 6 -11.56 52.64 -3.33
C SER B 6 -13.08 52.68 -3.51
N GLY B 7 -13.53 53.70 -4.22
CA GLY B 7 -14.93 53.87 -4.53
C GLY B 7 -15.71 54.79 -3.62
N GLY B 8 -15.03 55.55 -2.76
CA GLY B 8 -15.70 56.45 -1.84
C GLY B 8 -15.70 57.88 -2.33
N GLY B 9 -16.84 58.55 -2.14
CA GLY B 9 -16.96 59.93 -2.55
C GLY B 9 -18.29 60.49 -2.12
N LEU B 10 -18.49 61.77 -2.42
CA LEU B 10 -19.73 62.45 -2.06
C LEU B 10 -20.92 61.81 -2.77
N VAL B 11 -21.99 61.57 -2.03
CA VAL B 11 -23.18 60.92 -2.55
C VAL B 11 -24.40 61.73 -2.15
N LYS B 12 -25.26 62.03 -3.13
CA LYS B 12 -26.51 62.71 -2.85
C LYS B 12 -27.42 61.80 -2.01
N PRO B 13 -28.19 62.35 -1.08
CA PRO B 13 -29.07 61.50 -0.26
C PRO B 13 -30.04 60.71 -1.11
N GLY B 14 -30.32 59.48 -0.67
CA GLY B 14 -31.22 58.59 -1.37
C GLY B 14 -30.57 57.74 -2.44
N GLY B 15 -29.28 57.92 -2.71
CA GLY B 15 -28.60 57.19 -3.75
C GLY B 15 -28.04 55.87 -3.26
N SER B 16 -27.23 55.25 -4.12
CA SER B 16 -26.55 54.00 -3.81
C SER B 16 -25.10 54.11 -4.22
N LEU B 17 -24.25 53.33 -3.56
CA LEU B 17 -22.81 53.39 -3.78
C LEU B 17 -22.21 52.00 -3.66
N LYS B 18 -21.03 51.83 -4.24
CA LYS B 18 -20.28 50.58 -4.14
C LYS B 18 -18.83 50.89 -3.75
N LEU B 19 -18.34 50.18 -2.75
CA LEU B 19 -16.98 50.33 -2.26
C LEU B 19 -16.22 49.03 -2.51
N SER B 20 -15.00 49.15 -3.02
CA SER B 20 -14.17 48.00 -3.36
C SER B 20 -12.94 47.97 -2.48
N CYS B 21 -12.52 46.75 -2.11
CA CYS B 21 -11.36 46.53 -1.26
C CYS B 21 -10.47 45.49 -1.93
N VAL B 22 -9.23 45.86 -2.23
CA VAL B 22 -8.30 45.01 -2.95
C VAL B 22 -7.22 44.56 -1.98
N GLY B 23 -6.98 43.26 -1.93
CA GLY B 23 -5.97 42.67 -1.07
C GLY B 23 -4.85 42.08 -1.89
N SER B 24 -3.66 42.01 -1.28
CA SER B 24 -2.46 41.52 -1.94
C SER B 24 -1.71 40.55 -1.03
N GLY B 25 -2.47 39.68 -0.36
CA GLY B 25 -1.89 38.68 0.51
C GLY B 25 -1.81 37.32 -0.15
N SER B 26 -1.16 36.39 0.55
CA SER B 26 -1.00 35.03 0.07
C SER B 26 -2.13 34.11 0.51
N THR B 27 -3.03 34.58 1.39
CA THR B 27 -4.15 33.78 1.85
C THR B 27 -5.44 34.59 1.86
N PHE B 28 -5.59 35.52 0.92
CA PHE B 28 -6.79 36.36 0.89
C PHE B 28 -8.05 35.55 0.67
N SER B 29 -7.96 34.46 -0.09
CA SER B 29 -9.13 33.64 -0.36
C SER B 29 -9.54 32.79 0.83
N SER B 30 -8.66 32.63 1.82
CA SER B 30 -8.97 31.87 3.02
C SER B 30 -9.12 32.75 4.25
N ASP B 31 -9.45 34.02 4.07
CA ASP B 31 -9.51 34.98 5.16
C ASP B 31 -10.87 35.68 5.16
N ALA B 32 -11.36 35.98 6.36
CA ALA B 32 -12.67 36.58 6.53
C ALA B 32 -12.56 38.09 6.42
N VAL B 33 -13.35 38.68 5.55
CA VAL B 33 -13.34 40.12 5.33
C VAL B 33 -14.50 40.75 6.09
N SER B 34 -14.28 41.96 6.60
CA SER B 34 -15.29 42.68 7.36
C SER B 34 -15.20 44.15 7.05
N TRP B 35 -16.30 44.87 7.30
CA TRP B 35 -16.38 46.30 7.04
C TRP B 35 -16.74 47.02 8.32
N VAL B 36 -15.96 48.03 8.69
CA VAL B 36 -16.17 48.80 9.91
C VAL B 36 -16.24 50.28 9.55
N ARG B 37 -16.94 51.05 10.36
CA ARG B 37 -17.09 52.47 10.11
C ARG B 37 -16.96 53.25 11.41
N GLN B 38 -16.59 54.53 11.27
CA GLN B 38 -16.36 55.41 12.41
C GLN B 38 -16.89 56.79 12.09
N ALA B 39 -17.99 57.17 12.72
CA ALA B 39 -18.50 58.52 12.57
C ALA B 39 -17.54 59.51 13.23
N PRO B 40 -17.49 60.74 12.73
CA PRO B 40 -16.54 61.73 13.29
C PRO B 40 -16.87 62.03 14.75
N GLY B 41 -15.87 61.86 15.61
CA GLY B 41 -16.04 62.11 17.03
C GLY B 41 -16.71 60.99 17.80
N LYS B 42 -16.84 59.80 17.22
CA LYS B 42 -17.50 58.69 17.88
C LYS B 42 -16.60 57.45 17.91
N GLY B 43 -17.16 56.33 18.34
CA GLY B 43 -16.43 55.08 18.38
C GLY B 43 -16.73 54.20 17.17
N LEU B 44 -15.94 53.15 17.03
CA LEU B 44 -16.08 52.24 15.91
C LEU B 44 -17.40 51.47 16.00
N GLU B 45 -18.00 51.22 14.84
CA GLU B 45 -19.23 50.46 14.74
C GLU B 45 -19.07 49.42 13.63
N TRP B 46 -19.39 48.16 13.94
CA TRP B 46 -19.24 47.08 12.99
C TRP B 46 -20.50 46.95 12.15
N LEU B 47 -20.32 46.73 10.84
CA LEU B 47 -21.42 46.80 9.89
C LEU B 47 -21.75 45.44 9.28
N ALA B 48 -20.78 44.78 8.64
CA ALA B 48 -21.05 43.53 7.94
C ALA B 48 -19.76 42.76 7.76
N GLY B 49 -19.90 41.49 7.38
CA GLY B 49 -18.75 40.64 7.14
C GLY B 49 -19.08 39.34 6.44
N ILE B 50 -18.09 38.74 5.80
CA ILE B 50 -18.27 37.52 5.02
C ILE B 50 -17.23 36.50 5.46
N ASP B 51 -17.52 35.23 5.20
CA ASP B 51 -16.64 34.14 5.57
C ASP B 51 -15.63 33.88 4.47
N GLY B 52 -14.77 32.88 4.70
CA GLY B 52 -13.76 32.50 3.74
C GLY B 52 -13.94 31.08 3.23
N ASP B 53 -13.26 30.74 2.15
CA ASP B 53 -13.40 29.42 1.56
C ASP B 53 -12.85 28.34 2.49
N GLY B 54 -13.52 27.19 2.48
CA GLY B 54 -13.17 26.09 3.36
C GLY B 54 -14.40 25.46 3.96
N TYR B 55 -15.44 26.28 4.14
CA TYR B 55 -16.74 25.82 4.61
C TYR B 55 -17.79 26.51 3.76
N GLY B 56 -19.05 26.43 4.20
CA GLY B 56 -20.12 27.13 3.51
C GLY B 56 -19.99 28.63 3.68
N VAL B 57 -19.82 29.36 2.58
CA VAL B 57 -19.68 30.80 2.65
C VAL B 57 -21.02 31.43 2.99
N SER B 58 -21.00 32.40 3.91
CA SER B 58 -22.22 33.07 4.35
C SER B 58 -21.90 34.51 4.69
N THR B 59 -22.94 35.35 4.70
CA THR B 59 -22.81 36.77 4.97
C THR B 59 -23.61 37.12 6.21
N TYR B 60 -22.99 37.85 7.12
CA TYR B 60 -23.62 38.31 8.35
C TYR B 60 -23.75 39.83 8.34
N TYR B 61 -24.83 40.32 8.96
CA TYR B 61 -25.12 41.74 8.97
C TYR B 61 -25.48 42.18 10.38
N ALA B 62 -25.36 43.49 10.61
CA ALA B 62 -25.77 44.08 11.88
C ALA B 62 -27.28 44.25 11.89
N ASP B 63 -27.80 44.99 12.88
CA ASP B 63 -29.23 45.22 12.97
C ASP B 63 -29.66 46.57 12.42
N SER B 64 -28.75 47.55 12.37
CA SER B 64 -29.10 48.88 11.89
C SER B 64 -28.95 49.02 10.38
N VAL B 65 -28.37 48.04 9.70
CA VAL B 65 -28.11 48.12 8.27
C VAL B 65 -28.59 46.90 7.50
N LYS B 66 -29.15 45.90 8.18
CA LYS B 66 -29.65 44.72 7.49
C LYS B 66 -30.76 45.10 6.52
N GLY B 67 -30.67 44.60 5.30
CA GLY B 67 -31.62 44.91 4.26
C GLY B 67 -31.24 46.08 3.37
N ARG B 68 -30.31 46.93 3.82
CA ARG B 68 -29.84 48.06 3.02
C ARG B 68 -28.46 47.82 2.42
N PHE B 69 -27.63 47.01 3.07
CA PHE B 69 -26.27 46.76 2.64
C PHE B 69 -26.14 45.34 2.12
N THR B 70 -25.15 45.12 1.24
CA THR B 70 -24.87 43.79 0.72
C THR B 70 -23.38 43.63 0.49
N ILE B 71 -22.79 42.60 1.08
CA ILE B 71 -21.36 42.33 0.98
C ILE B 71 -21.16 41.14 0.05
N SER B 72 -20.16 41.25 -0.84
CA SER B 72 -19.89 40.21 -1.82
C SER B 72 -18.38 40.04 -1.95
N ARG B 73 -17.98 38.89 -2.49
CA ARG B 73 -16.58 38.51 -2.61
C ARG B 73 -16.25 38.16 -4.05
N ASP B 74 -14.97 38.27 -4.40
CA ASP B 74 -14.47 37.84 -5.70
C ASP B 74 -13.02 37.39 -5.50
N ASN B 75 -12.82 36.09 -5.35
CA ASN B 75 -11.50 35.57 -5.04
C ASN B 75 -10.57 35.59 -6.25
N SER B 76 -11.13 35.51 -7.46
CA SER B 76 -10.29 35.47 -8.66
C SER B 76 -9.48 36.76 -8.81
N GLN B 77 -10.10 37.90 -8.54
CA GLN B 77 -9.43 39.19 -8.61
C GLN B 77 -8.98 39.70 -7.25
N LYS B 78 -9.15 38.92 -6.19
CA LYS B 78 -8.79 39.31 -4.83
C LYS B 78 -9.47 40.62 -4.43
N THR B 79 -10.79 40.59 -4.38
CA THR B 79 -11.55 41.81 -4.16
C THR B 79 -12.77 41.52 -3.30
N ALA B 80 -13.15 42.49 -2.48
CA ALA B 80 -14.38 42.45 -1.70
C ALA B 80 -15.19 43.71 -1.98
N TYR B 81 -16.50 43.54 -2.16
CA TYR B 81 -17.39 44.63 -2.53
C TYR B 81 -18.44 44.84 -1.45
N LEU B 82 -18.77 46.12 -1.20
CA LEU B 82 -19.89 46.48 -0.34
C LEU B 82 -20.81 47.41 -1.12
N GLN B 83 -22.07 47.04 -1.23
CA GLN B 83 -23.09 47.83 -1.93
C GLN B 83 -24.04 48.42 -0.90
N MET B 84 -24.19 49.73 -0.93
CA MET B 84 -25.00 50.46 0.03
C MET B 84 -26.15 51.13 -0.70
N ASN B 85 -27.38 50.86 -0.24
CA ASN B 85 -28.60 51.38 -0.84
C ASN B 85 -29.33 52.26 0.16
N SER B 86 -29.94 53.33 -0.35
CA SER B 86 -30.74 54.26 0.45
C SER B 86 -29.90 54.87 1.58
N LEU B 87 -28.86 55.59 1.18
CA LEU B 87 -28.00 56.25 2.15
C LEU B 87 -28.70 57.44 2.77
N ARG B 88 -28.60 57.56 4.10
CA ARG B 88 -29.20 58.65 4.85
C ARG B 88 -28.13 59.66 5.24
N THR B 89 -28.60 60.83 5.70
CA THR B 89 -27.69 61.92 6.05
C THR B 89 -26.85 61.60 7.27
N ASP B 90 -27.19 60.56 8.03
CA ASP B 90 -26.43 60.16 9.21
C ASP B 90 -25.49 59.00 8.94
N ASP B 91 -24.92 58.95 7.73
CA ASP B 91 -23.96 57.91 7.36
C ASP B 91 -22.60 58.48 6.96
N THR B 92 -22.40 59.79 7.12
CA THR B 92 -21.11 60.41 6.81
C THR B 92 -20.05 59.92 7.77
N ALA B 93 -19.15 59.06 7.31
CA ALA B 93 -18.16 58.45 8.18
C ALA B 93 -16.97 58.00 7.34
N ARG B 94 -16.11 57.19 7.95
CA ARG B 94 -14.92 56.62 7.30
C ARG B 94 -15.00 55.11 7.40
N TYR B 95 -14.80 54.42 6.28
CA TYR B 95 -15.04 52.99 6.19
C TYR B 95 -13.73 52.26 5.96
N TYR B 96 -13.45 51.27 6.80
CA TYR B 96 -12.26 50.44 6.71
C TYR B 96 -12.64 48.99 6.44
N CYS B 97 -11.75 48.28 5.74
CA CYS B 97 -11.81 46.83 5.71
C CYS B 97 -11.06 46.25 6.90
N ALA B 98 -11.27 44.95 7.13
CA ALA B 98 -10.57 44.28 8.22
C ALA B 98 -10.54 42.79 7.89
N GLU B 99 -9.35 42.29 7.57
CA GLU B 99 -9.18 40.89 7.21
C GLU B 99 -8.51 40.15 8.35
N CYS B 100 -9.23 39.19 8.94
CA CYS B 100 -8.62 38.34 9.94
C CYS B 100 -7.75 37.27 9.30
N PRO B 101 -6.83 36.67 10.04
CA PRO B 101 -6.15 35.45 9.60
C PRO B 101 -6.95 34.20 9.93
N MET B 102 -8.25 34.21 9.63
CA MET B 102 -9.12 33.10 9.96
C MET B 102 -10.16 32.89 8.87
N VAL B 103 -10.72 31.68 8.83
CA VAL B 103 -11.69 31.33 7.81
C VAL B 103 -13.08 31.85 8.18
N LEU B 104 -13.60 31.40 9.31
CA LEU B 104 -14.92 31.83 9.77
C LEU B 104 -14.82 33.21 10.43
N LEU B 105 -15.95 33.94 10.38
CA LEU B 105 -15.99 35.29 10.91
C LEU B 105 -16.49 35.36 12.34
N ALA B 106 -17.24 34.35 12.80
CA ALA B 106 -17.71 34.35 14.17
C ALA B 106 -16.53 34.33 15.13
N LYS B 107 -16.47 35.34 16.01
CA LYS B 107 -15.38 35.49 16.98
C LYS B 107 -14.04 35.58 16.27
N CYS B 108 -13.89 36.64 15.48
CA CYS B 108 -12.79 36.76 14.53
C CYS B 108 -11.63 37.46 15.24
N SER B 109 -10.62 37.91 14.48
CA SER B 109 -9.50 38.63 15.06
C SER B 109 -9.41 40.08 14.61
N MET B 110 -9.55 40.32 13.30
CA MET B 110 -9.55 41.68 12.74
C MET B 110 -8.19 42.36 12.91
N GLU B 111 -7.14 41.66 12.46
CA GLU B 111 -5.78 42.18 12.63
C GLU B 111 -5.46 43.25 11.60
N PHE B 112 -5.50 42.89 10.33
CA PHE B 112 -5.09 43.81 9.28
C PHE B 112 -6.19 44.82 8.97
N TRP B 113 -5.79 46.05 8.72
CA TRP B 113 -6.71 47.14 8.40
C TRP B 113 -6.20 47.90 7.17
N GLY B 114 -7.13 48.54 6.47
CA GLY B 114 -6.79 49.38 5.36
C GLY B 114 -6.84 50.85 5.75
N PRO B 115 -6.25 51.72 4.92
CA PRO B 115 -6.30 53.16 5.22
C PRO B 115 -7.71 53.73 5.28
N GLY B 116 -8.64 53.21 4.50
CA GLY B 116 -10.01 53.67 4.53
C GLY B 116 -10.30 54.77 3.52
N VAL B 117 -11.59 54.94 3.24
CA VAL B 117 -12.06 55.96 2.32
C VAL B 117 -13.16 56.77 3.01
N GLU B 118 -13.09 58.09 2.87
CA GLU B 118 -13.98 59.00 3.57
C GLU B 118 -15.25 59.20 2.74
N VAL B 119 -16.35 58.59 3.18
CA VAL B 119 -17.62 58.67 2.47
C VAL B 119 -18.46 59.78 3.09
N VAL B 120 -19.01 60.65 2.24
CA VAL B 120 -19.84 61.76 2.69
C VAL B 120 -21.20 61.65 2.02
N VAL B 121 -22.25 61.95 2.79
CA VAL B 121 -23.63 61.96 2.30
C VAL B 121 -24.21 63.32 2.59
N SER B 122 -24.54 64.07 1.54
CA SER B 122 -25.08 65.41 1.69
C SER B 122 -25.69 65.92 0.39
N GLU C 1 -30.79 16.70 -22.66
CA GLU C 1 -29.93 16.55 -23.81
C GLU C 1 -30.70 16.82 -25.10
N LYS C 2 -30.62 18.05 -25.59
CA LYS C 2 -31.31 18.47 -26.80
C LYS C 2 -30.29 18.84 -27.87
N LEU C 3 -30.78 19.03 -29.09
CA LEU C 3 -29.94 19.31 -30.24
C LEU C 3 -30.53 20.44 -31.05
N VAL C 4 -29.66 21.24 -31.66
CA VAL C 4 -30.07 22.34 -32.54
C VAL C 4 -29.32 22.22 -33.85
N GLU C 5 -30.03 22.29 -34.96
CA GLU C 5 -29.45 22.04 -36.27
C GLU C 5 -29.50 23.29 -37.13
N SER C 6 -28.51 23.43 -38.00
CA SER C 6 -28.42 24.62 -38.86
C SER C 6 -27.65 24.27 -40.12
N GLY C 7 -27.72 25.16 -41.10
CA GLY C 7 -27.00 25.01 -42.34
C GLY C 7 -27.80 24.51 -43.52
N GLY C 8 -29.11 24.36 -43.37
CA GLY C 8 -29.95 23.83 -44.44
C GLY C 8 -30.62 24.95 -45.22
N GLY C 9 -30.71 24.77 -46.53
CA GLY C 9 -31.35 25.74 -47.39
C GLY C 9 -31.36 25.26 -48.82
N LEU C 10 -31.96 26.07 -49.68
CA LEU C 10 -32.06 25.72 -51.10
C LEU C 10 -30.66 25.65 -51.72
N VAL C 11 -30.42 24.59 -52.47
CA VAL C 11 -29.11 24.33 -53.08
C VAL C 11 -29.31 24.03 -54.56
N LYS C 12 -28.57 24.71 -55.42
CA LYS C 12 -28.59 24.43 -56.84
C LYS C 12 -28.04 23.03 -57.09
N PRO C 13 -28.60 22.29 -58.06
CA PRO C 13 -28.10 20.93 -58.32
C PRO C 13 -26.62 20.93 -58.69
N GLY C 14 -25.93 19.90 -58.22
CA GLY C 14 -24.50 19.76 -58.46
C GLY C 14 -23.61 20.45 -57.45
N GLY C 15 -24.18 21.15 -56.48
CA GLY C 15 -23.39 21.86 -55.49
C GLY C 15 -23.05 20.99 -54.30
N SER C 16 -22.51 21.65 -53.27
CA SER C 16 -22.16 21.00 -52.02
C SER C 16 -22.69 21.83 -50.86
N LEU C 17 -22.91 21.17 -49.72
CA LEU C 17 -23.50 21.82 -48.56
C LEU C 17 -22.90 21.25 -47.29
N LYS C 18 -23.00 21.99 -46.20
CA LYS C 18 -22.56 21.54 -44.89
C LYS C 18 -23.66 21.79 -43.87
N LEU C 19 -23.98 20.77 -43.09
CA LEU C 19 -24.98 20.83 -42.03
C LEU C 19 -24.31 20.68 -40.68
N SER C 20 -24.68 21.52 -39.72
CA SER C 20 -24.09 21.53 -38.39
C SER C 20 -25.13 21.19 -37.35
N CYS C 21 -24.74 20.36 -36.38
CA CYS C 21 -25.61 19.92 -35.30
C CYS C 21 -24.91 20.20 -33.99
N VAL C 22 -25.56 20.98 -33.11
CA VAL C 22 -24.97 21.44 -31.87
C VAL C 22 -25.72 20.78 -30.72
N GLY C 23 -24.98 20.13 -29.83
CA GLY C 23 -25.55 19.47 -28.67
C GLY C 23 -25.24 20.25 -27.40
N SER C 24 -26.07 20.06 -26.39
CA SER C 24 -25.92 20.76 -25.12
C SER C 24 -26.11 19.79 -23.96
N GLY C 25 -25.55 18.59 -24.08
CA GLY C 25 -25.62 17.58 -23.05
C GLY C 25 -24.34 17.48 -22.25
N SER C 26 -24.41 16.72 -21.17
CA SER C 26 -23.27 16.50 -20.29
C SER C 26 -22.39 15.35 -20.73
N THR C 27 -22.79 14.58 -21.75
CA THR C 27 -22.00 13.46 -22.23
C THR C 27 -21.93 13.46 -23.76
N PHE C 28 -21.96 14.63 -24.39
CA PHE C 28 -21.98 14.69 -25.85
C PHE C 28 -20.71 14.09 -26.45
N SER C 29 -19.58 14.23 -25.76
CA SER C 29 -18.32 13.69 -26.26
C SER C 29 -18.22 12.18 -26.15
N SER C 30 -19.12 11.55 -25.39
CA SER C 30 -19.14 10.09 -25.24
C SER C 30 -20.36 9.46 -25.90
N ASP C 31 -20.96 10.15 -26.87
CA ASP C 31 -22.20 9.69 -27.48
C ASP C 31 -22.03 9.59 -28.99
N ALA C 32 -22.67 8.59 -29.58
CA ALA C 32 -22.58 8.32 -31.00
C ALA C 32 -23.62 9.16 -31.73
N VAL C 33 -23.16 9.95 -32.69
CA VAL C 33 -24.04 10.81 -33.48
C VAL C 33 -24.38 10.11 -34.80
N SER C 34 -25.56 10.39 -35.32
CA SER C 34 -26.00 9.79 -36.57
C SER C 34 -26.88 10.79 -37.31
N TRP C 35 -27.01 10.60 -38.62
CA TRP C 35 -27.79 11.49 -39.47
C TRP C 35 -28.85 10.66 -40.20
N VAL C 36 -30.11 11.10 -40.10
CA VAL C 36 -31.22 10.39 -40.74
C VAL C 36 -31.97 11.39 -41.62
N ARG C 37 -32.57 10.90 -42.70
CA ARG C 37 -33.37 11.75 -43.56
C ARG C 37 -34.71 11.10 -43.84
N GLN C 38 -35.65 11.91 -44.34
CA GLN C 38 -37.00 11.44 -44.64
C GLN C 38 -37.52 12.24 -45.82
N ALA C 39 -37.70 11.58 -46.96
CA ALA C 39 -38.31 12.22 -48.09
C ALA C 39 -39.80 12.42 -47.83
N PRO C 40 -40.41 13.43 -48.44
CA PRO C 40 -41.85 13.68 -48.20
C PRO C 40 -42.69 12.51 -48.69
N GLY C 41 -43.56 12.02 -47.79
CA GLY C 41 -44.44 10.92 -48.12
C GLY C 41 -43.81 9.54 -48.08
N LYS C 42 -42.60 9.42 -47.53
CA LYS C 42 -41.90 8.14 -47.46
C LYS C 42 -41.51 7.84 -46.02
N GLY C 43 -40.69 6.80 -45.84
CA GLY C 43 -40.20 6.40 -44.54
C GLY C 43 -38.78 6.85 -44.29
N LEU C 44 -38.35 6.67 -43.05
CA LEU C 44 -37.02 7.09 -42.63
C LEU C 44 -35.94 6.26 -43.33
N GLU C 45 -34.83 6.92 -43.63
CA GLU C 45 -33.67 6.27 -44.25
C GLU C 45 -32.42 6.72 -43.53
N TRP C 46 -31.57 5.77 -43.16
CA TRP C 46 -30.35 6.08 -42.41
C TRP C 46 -29.21 6.34 -43.38
N LEU C 47 -28.40 7.36 -43.06
CA LEU C 47 -27.38 7.85 -43.99
C LEU C 47 -25.97 7.61 -43.50
N ALA C 48 -25.61 8.09 -42.31
CA ALA C 48 -24.24 7.98 -41.84
C ALA C 48 -24.21 8.15 -40.33
N GLY C 49 -23.07 7.82 -39.74
CA GLY C 49 -22.91 7.96 -38.31
C GLY C 49 -21.46 7.81 -37.90
N ILE C 50 -21.15 8.34 -36.72
CA ILE C 50 -19.80 8.37 -36.18
C ILE C 50 -19.83 7.83 -34.76
N ASP C 51 -18.66 7.42 -34.28
CA ASP C 51 -18.52 6.82 -32.96
C ASP C 51 -18.31 7.89 -31.90
N GLY C 52 -18.08 7.44 -30.66
CA GLY C 52 -17.78 8.32 -29.55
C GLY C 52 -16.46 8.01 -28.91
N ASP C 53 -15.94 8.94 -28.12
CA ASP C 53 -14.63 8.76 -27.49
C ASP C 53 -14.66 7.64 -26.47
N GLY C 54 -13.56 6.91 -26.38
CA GLY C 54 -13.44 5.77 -25.50
C GLY C 54 -12.80 4.59 -26.18
N TYR C 55 -13.00 4.50 -27.49
CA TYR C 55 -12.36 3.50 -28.33
C TYR C 55 -11.87 4.21 -29.58
N GLY C 56 -11.48 3.42 -30.59
CA GLY C 56 -11.09 3.99 -31.87
C GLY C 56 -12.28 4.62 -32.56
N VAL C 57 -12.18 5.91 -32.89
CA VAL C 57 -13.25 6.61 -33.58
C VAL C 57 -13.25 6.22 -35.04
N SER C 58 -14.43 5.95 -35.59
CA SER C 58 -14.56 5.54 -36.98
C SER C 58 -15.90 6.04 -37.51
N THR C 59 -15.98 6.12 -38.84
CA THR C 59 -17.16 6.63 -39.52
C THR C 59 -17.74 5.53 -40.41
N TYR C 60 -19.05 5.33 -40.31
CA TYR C 60 -19.76 4.34 -41.10
C TYR C 60 -20.76 5.03 -42.03
N TYR C 61 -20.92 4.46 -43.22
CA TYR C 61 -21.78 5.04 -44.23
C TYR C 61 -22.73 3.99 -44.79
N ALA C 62 -23.80 4.45 -45.41
CA ALA C 62 -24.74 3.57 -46.09
C ALA C 62 -24.15 3.18 -47.46
N ASP C 63 -24.96 2.55 -48.30
CA ASP C 63 -24.50 2.14 -49.62
C ASP C 63 -24.87 3.13 -50.73
N SER C 64 -25.92 3.92 -50.53
CA SER C 64 -26.36 4.85 -51.57
C SER C 64 -25.68 6.21 -51.47
N VAL C 65 -24.90 6.46 -50.43
CA VAL C 65 -24.26 7.76 -50.22
C VAL C 65 -22.77 7.65 -49.92
N LYS C 66 -22.22 6.45 -49.87
CA LYS C 66 -20.79 6.31 -49.61
C LYS C 66 -19.99 6.94 -50.74
N GLY C 67 -18.99 7.74 -50.36
CA GLY C 67 -18.18 8.46 -51.32
C GLY C 67 -18.66 9.85 -51.63
N ARG C 68 -19.92 10.17 -51.35
CA ARG C 68 -20.46 11.50 -51.58
C ARG C 68 -20.61 12.31 -50.30
N PHE C 69 -20.88 11.65 -49.17
CA PHE C 69 -21.08 12.31 -47.90
C PHE C 69 -19.87 12.10 -47.00
N THR C 70 -19.70 12.98 -46.03
CA THR C 70 -18.62 12.86 -45.06
C THR C 70 -19.07 13.42 -43.72
N ILE C 71 -18.98 12.62 -42.67
CA ILE C 71 -19.39 13.01 -41.33
C ILE C 71 -18.15 13.27 -40.50
N SER C 72 -18.16 14.35 -39.73
CA SER C 72 -17.03 14.73 -38.90
C SER C 72 -17.54 15.22 -37.54
N ARG C 73 -16.65 15.20 -36.55
CA ARG C 73 -17.00 15.55 -35.18
C ARG C 73 -16.04 16.59 -34.65
N ASP C 74 -16.52 17.46 -33.76
CA ASP C 74 -15.71 18.45 -33.07
C ASP C 74 -16.18 18.50 -31.64
N ASN C 75 -15.44 17.84 -30.73
CA ASN C 75 -15.89 17.72 -29.35
C ASN C 75 -15.68 18.99 -28.56
N SER C 76 -14.68 19.81 -28.92
CA SER C 76 -14.39 21.01 -28.14
C SER C 76 -15.56 21.98 -28.17
N GLN C 77 -16.18 22.15 -29.34
CA GLN C 77 -17.33 23.03 -29.49
C GLN C 77 -18.66 22.30 -29.42
N LYS C 78 -18.65 20.98 -29.16
CA LYS C 78 -19.86 20.17 -29.10
C LYS C 78 -20.65 20.26 -30.40
N THR C 79 -20.03 19.82 -31.49
CA THR C 79 -20.64 19.97 -32.80
C THR C 79 -20.36 18.73 -33.66
N ALA C 80 -21.31 18.45 -34.56
CA ALA C 80 -21.14 17.42 -35.57
C ALA C 80 -21.46 18.02 -36.93
N TYR C 81 -20.65 17.68 -37.93
CA TYR C 81 -20.77 18.26 -39.26
C TYR C 81 -21.03 17.16 -40.29
N LEU C 82 -21.87 17.46 -41.26
CA LEU C 82 -22.10 16.59 -42.41
C LEU C 82 -21.85 17.39 -43.68
N GLN C 83 -20.94 16.91 -44.51
CA GLN C 83 -20.60 17.55 -45.78
C GLN C 83 -21.15 16.70 -46.91
N MET C 84 -21.98 17.31 -47.75
CA MET C 84 -22.66 16.62 -48.84
C MET C 84 -22.17 17.18 -50.16
N ASN C 85 -21.68 16.31 -51.03
CA ASN C 85 -21.13 16.68 -52.33
C ASN C 85 -21.97 16.08 -53.44
N SER C 86 -22.13 16.84 -54.53
CA SER C 86 -22.85 16.39 -55.72
C SER C 86 -24.28 15.99 -55.39
N LEU C 87 -25.04 16.97 -54.90
CA LEU C 87 -26.45 16.74 -54.56
C LEU C 87 -27.28 16.58 -55.83
N ARG C 88 -28.15 15.58 -55.83
CA ARG C 88 -29.05 15.31 -56.94
C ARG C 88 -30.45 15.80 -56.63
N THR C 89 -31.29 15.83 -57.67
CA THR C 89 -32.65 16.33 -57.51
C THR C 89 -33.51 15.45 -56.64
N ASP C 90 -33.07 14.21 -56.35
CA ASP C 90 -33.81 13.29 -55.51
C ASP C 90 -33.30 13.27 -54.07
N ASP C 91 -32.82 14.40 -53.57
CA ASP C 91 -32.35 14.51 -52.19
C ASP C 91 -33.14 15.52 -51.38
N THR C 92 -34.21 16.09 -51.94
CA THR C 92 -35.04 17.04 -51.21
C THR C 92 -35.76 16.33 -50.07
N ALA C 93 -35.34 16.57 -48.84
CA ALA C 93 -35.90 15.87 -47.70
C ALA C 93 -35.65 16.70 -46.44
N ARG C 94 -35.88 16.08 -45.28
CA ARG C 94 -35.65 16.69 -43.99
C ARG C 94 -34.63 15.84 -43.23
N TYR C 95 -33.65 16.50 -42.62
CA TYR C 95 -32.52 15.81 -42.02
C TYR C 95 -32.50 16.04 -40.52
N TYR C 96 -32.43 14.94 -39.75
CA TYR C 96 -32.36 14.99 -38.30
C TYR C 96 -31.06 14.39 -37.81
N CYS C 97 -30.60 14.89 -36.67
CA CYS C 97 -29.56 14.23 -35.90
C CYS C 97 -30.16 13.13 -35.03
N ALA C 98 -29.30 12.31 -34.44
CA ALA C 98 -29.75 11.27 -33.52
C ALA C 98 -28.58 10.95 -32.58
N GLU C 99 -28.65 11.50 -31.38
CA GLU C 99 -27.60 11.32 -30.40
C GLU C 99 -27.88 10.06 -29.58
N CYS C 100 -27.04 9.05 -29.75
CA CYS C 100 -27.15 7.83 -28.97
C CYS C 100 -26.75 8.05 -27.52
N PRO C 101 -27.37 7.34 -26.59
CA PRO C 101 -26.80 7.30 -25.23
C PRO C 101 -25.77 6.20 -25.11
N MET C 102 -24.87 6.11 -26.09
CA MET C 102 -23.96 4.97 -26.18
C MET C 102 -22.66 5.42 -26.84
N VAL C 103 -21.61 4.62 -26.64
CA VAL C 103 -20.30 4.96 -27.17
C VAL C 103 -20.17 4.51 -28.62
N LEU C 104 -20.43 3.23 -28.88
CA LEU C 104 -20.33 2.69 -30.23
C LEU C 104 -21.66 2.80 -30.96
N LEU C 105 -21.60 3.11 -32.25
CA LEU C 105 -22.81 3.28 -33.04
C LEU C 105 -23.45 1.95 -33.42
N ALA C 106 -22.67 0.88 -33.51
CA ALA C 106 -23.20 -0.41 -33.94
C ALA C 106 -24.30 -0.88 -33.00
N LYS C 107 -25.48 -1.11 -33.55
CA LYS C 107 -26.64 -1.61 -32.81
C LYS C 107 -27.07 -0.66 -31.70
N CYS C 108 -27.14 0.63 -32.02
CA CYS C 108 -27.54 1.64 -31.06
C CYS C 108 -29.05 1.66 -30.88
N SER C 109 -29.53 2.66 -30.15
CA SER C 109 -30.95 2.91 -29.91
C SER C 109 -31.46 4.20 -30.52
N MET C 110 -30.64 5.27 -30.49
CA MET C 110 -31.00 6.57 -31.06
C MET C 110 -32.20 7.19 -30.37
N GLU C 111 -32.07 7.49 -29.08
CA GLU C 111 -33.19 8.06 -28.33
C GLU C 111 -33.45 9.52 -28.70
N PHE C 112 -32.41 10.35 -28.64
CA PHE C 112 -32.58 11.79 -28.79
C PHE C 112 -32.62 12.19 -30.26
N TRP C 113 -33.43 13.20 -30.57
CA TRP C 113 -33.59 13.71 -31.92
C TRP C 113 -33.64 15.22 -31.90
N GLY C 114 -33.32 15.81 -33.04
CA GLY C 114 -33.42 17.24 -33.22
C GLY C 114 -34.65 17.62 -34.04
N PRO C 115 -35.01 18.90 -34.04
CA PRO C 115 -36.19 19.32 -34.81
C PRO C 115 -36.06 19.11 -36.31
N GLY C 116 -34.86 19.21 -36.86
CA GLY C 116 -34.65 18.96 -38.27
C GLY C 116 -34.53 20.25 -39.07
N VAL C 117 -33.92 20.12 -40.25
CA VAL C 117 -33.73 21.24 -41.18
C VAL C 117 -34.18 20.80 -42.57
N GLU C 118 -34.85 21.69 -43.28
CA GLU C 118 -35.43 21.38 -44.58
C GLU C 118 -34.40 21.68 -45.67
N VAL C 119 -33.80 20.64 -46.21
CA VAL C 119 -32.84 20.77 -47.30
C VAL C 119 -33.54 20.53 -48.62
N VAL C 120 -33.41 21.47 -49.55
CA VAL C 120 -34.07 21.40 -50.85
C VAL C 120 -33.01 21.49 -51.94
N VAL C 121 -33.20 20.71 -53.00
CA VAL C 121 -32.32 20.71 -54.15
C VAL C 121 -33.18 21.00 -55.38
N SER C 122 -32.92 22.14 -56.02
CA SER C 122 -33.69 22.55 -57.20
C SER C 122 -32.98 23.69 -57.94
N GLU D 1 15.84 17.21 -34.42
CA GLU D 1 16.25 18.37 -33.63
C GLU D 1 17.13 19.30 -34.47
N LYS D 2 16.55 20.40 -34.93
CA LYS D 2 17.27 21.37 -35.76
C LYS D 2 17.18 22.74 -35.11
N LEU D 3 18.04 23.65 -35.59
CA LEU D 3 18.19 24.97 -35.01
C LEU D 3 18.18 26.00 -36.12
N VAL D 4 17.64 27.19 -35.81
CA VAL D 4 17.60 28.30 -36.76
C VAL D 4 18.12 29.55 -36.06
N GLU D 5 19.10 30.21 -36.66
CA GLU D 5 19.69 31.41 -36.09
C GLU D 5 19.17 32.65 -36.81
N SER D 6 19.11 33.76 -36.07
CA SER D 6 18.67 35.02 -36.66
C SER D 6 19.22 36.17 -35.81
N GLY D 7 19.17 37.37 -36.38
CA GLY D 7 19.62 38.56 -35.69
C GLY D 7 21.01 39.02 -36.01
N GLY D 8 21.66 38.47 -37.04
CA GLY D 8 23.00 38.84 -37.40
C GLY D 8 23.03 39.82 -38.57
N GLY D 9 23.94 40.77 -38.49
CA GLY D 9 24.07 41.76 -39.55
C GLY D 9 25.21 42.69 -39.26
N LEU D 10 25.43 43.62 -40.19
CA LEU D 10 26.50 44.59 -40.05
C LEU D 10 26.27 45.47 -38.82
N VAL D 11 27.32 45.64 -38.02
CA VAL D 11 27.25 46.41 -36.78
C VAL D 11 28.39 47.42 -36.77
N LYS D 12 28.07 48.68 -36.51
CA LYS D 12 29.10 49.70 -36.38
C LYS D 12 29.93 49.43 -35.13
N PRO D 13 31.24 49.70 -35.16
CA PRO D 13 32.08 49.45 -33.99
C PRO D 13 31.59 50.19 -32.77
N GLY D 14 31.70 49.54 -31.61
CA GLY D 14 31.26 50.10 -30.36
C GLY D 14 29.80 49.86 -30.02
N GLY D 15 29.05 49.22 -30.90
CA GLY D 15 27.63 48.98 -30.68
C GLY D 15 27.37 47.70 -29.93
N SER D 16 26.09 47.35 -29.84
CA SER D 16 25.64 46.12 -29.20
C SER D 16 24.67 45.40 -30.13
N LEU D 17 24.57 44.09 -29.95
CA LEU D 17 23.75 43.26 -30.82
C LEU D 17 23.14 42.12 -30.01
N LYS D 18 22.06 41.56 -30.54
CA LYS D 18 21.42 40.39 -29.95
C LYS D 18 21.13 39.36 -31.03
N LEU D 19 21.54 38.12 -30.78
CA LEU D 19 21.32 37.01 -31.69
C LEU D 19 20.37 36.00 -31.04
N SER D 20 19.43 35.49 -31.82
CA SER D 20 18.42 34.56 -31.34
C SER D 20 18.57 33.21 -32.02
N CYS D 21 18.32 32.14 -31.28
CA CYS D 21 18.44 30.78 -31.76
C CYS D 21 17.15 30.06 -31.39
N VAL D 22 16.45 29.54 -32.39
CA VAL D 22 15.15 28.91 -32.23
C VAL D 22 15.32 27.41 -32.47
N GLY D 23 14.86 26.61 -31.52
CA GLY D 23 14.93 25.16 -31.61
C GLY D 23 13.54 24.56 -31.76
N SER D 24 13.47 23.40 -32.39
CA SER D 24 12.21 22.72 -32.64
C SER D 24 12.34 21.24 -32.30
N GLY D 25 12.98 20.95 -31.19
CA GLY D 25 13.14 19.59 -30.72
C GLY D 25 12.12 19.24 -29.64
N SER D 26 12.11 17.96 -29.28
CA SER D 26 11.22 17.46 -28.25
C SER D 26 11.81 17.55 -26.86
N THR D 27 13.08 17.90 -26.73
CA THR D 27 13.73 18.03 -25.43
C THR D 27 14.58 19.29 -25.34
N PHE D 28 14.16 20.37 -26.01
CA PHE D 28 14.96 21.58 -26.03
C PHE D 28 15.13 22.18 -24.63
N SER D 29 14.11 22.03 -23.79
CA SER D 29 14.17 22.58 -22.44
C SER D 29 15.08 21.80 -21.50
N SER D 30 15.51 20.59 -21.89
CA SER D 30 16.42 19.79 -21.09
C SER D 30 17.79 19.65 -21.75
N ASP D 31 18.18 20.61 -22.59
CA ASP D 31 19.39 20.52 -23.38
C ASP D 31 20.26 21.74 -23.14
N ALA D 32 21.58 21.53 -23.17
CA ALA D 32 22.55 22.59 -22.94
C ALA D 32 22.85 23.30 -24.25
N VAL D 33 22.66 24.61 -24.28
CA VAL D 33 22.90 25.40 -25.48
C VAL D 33 24.26 26.07 -25.34
N SER D 34 24.95 26.23 -26.47
CA SER D 34 26.27 26.85 -26.49
C SER D 34 26.41 27.66 -27.77
N TRP D 35 27.33 28.62 -27.74
CA TRP D 35 27.59 29.49 -28.89
C TRP D 35 29.05 29.36 -29.28
N VAL D 36 29.30 29.09 -30.57
CA VAL D 36 30.65 28.87 -31.07
C VAL D 36 30.88 29.74 -32.29
N ARG D 37 32.01 30.43 -32.33
CA ARG D 37 32.33 31.32 -33.44
C ARG D 37 33.58 30.85 -34.17
N GLN D 38 33.71 31.30 -35.41
CA GLN D 38 34.82 30.88 -36.29
C GLN D 38 35.21 32.06 -37.16
N ALA D 39 36.37 32.66 -36.87
CA ALA D 39 36.88 33.73 -37.71
C ALA D 39 37.30 33.15 -39.07
N PRO D 40 37.25 33.96 -40.12
CA PRO D 40 37.62 33.45 -41.45
C PRO D 40 39.08 33.01 -41.49
N GLY D 41 39.31 31.82 -42.06
CA GLY D 41 40.65 31.29 -42.16
C GLY D 41 41.23 30.76 -40.88
N LYS D 42 40.42 30.60 -39.83
CA LYS D 42 40.92 30.15 -38.54
C LYS D 42 40.17 28.94 -38.04
N GLY D 43 40.42 28.54 -36.80
CA GLY D 43 39.74 27.43 -36.18
C GLY D 43 38.60 27.87 -35.28
N LEU D 44 37.80 26.90 -34.85
CA LEU D 44 36.66 27.18 -34.00
C LEU D 44 37.11 27.68 -32.63
N GLU D 45 36.30 28.57 -32.05
CA GLU D 45 36.57 29.12 -30.72
C GLU D 45 35.27 29.14 -29.94
N TRP D 46 35.26 28.50 -28.78
CA TRP D 46 34.08 28.44 -27.95
C TRP D 46 33.95 29.71 -27.12
N LEU D 47 32.72 30.22 -27.02
CA LEU D 47 32.47 31.52 -26.41
C LEU D 47 31.70 31.44 -25.10
N ALA D 48 30.51 30.84 -25.11
CA ALA D 48 29.68 30.82 -23.91
C ALA D 48 28.67 29.69 -24.02
N GLY D 49 28.03 29.38 -22.89
CA GLY D 49 27.02 28.35 -22.88
C GLY D 49 26.27 28.35 -21.57
N ILE D 50 25.08 27.73 -21.60
CA ILE D 50 24.17 27.68 -20.47
C ILE D 50 23.70 26.25 -20.29
N ASP D 51 23.27 25.93 -19.06
CA ASP D 51 22.84 24.59 -18.70
C ASP D 51 21.38 24.39 -19.09
N GLY D 52 20.85 23.23 -18.72
CA GLY D 52 19.46 22.89 -18.97
C GLY D 52 18.69 22.62 -17.69
N ASP D 53 17.37 22.56 -17.79
CA ASP D 53 16.54 22.35 -16.61
C ASP D 53 16.73 20.95 -16.05
N GLY D 54 16.63 20.84 -14.74
CA GLY D 54 16.86 19.59 -14.05
C GLY D 54 17.74 19.79 -12.82
N TYR D 55 18.63 20.78 -12.90
CA TYR D 55 19.47 21.20 -11.79
C TYR D 55 19.45 22.72 -11.76
N GLY D 56 20.35 23.30 -10.97
CA GLY D 56 20.51 24.75 -10.95
C GLY D 56 21.04 25.25 -12.28
N VAL D 57 20.30 26.14 -12.92
CA VAL D 57 20.73 26.72 -14.19
C VAL D 57 21.83 27.74 -13.94
N SER D 58 22.89 27.68 -14.73
CA SER D 58 24.01 28.59 -14.59
C SER D 58 24.64 28.85 -15.95
N THR D 59 25.33 29.97 -16.07
CA THR D 59 25.94 30.40 -17.32
C THR D 59 27.46 30.43 -17.16
N TYR D 60 28.16 29.86 -18.12
CA TYR D 60 29.62 29.85 -18.14
C TYR D 60 30.14 30.65 -19.33
N TYR D 61 31.28 31.30 -19.14
CA TYR D 61 31.86 32.15 -20.15
C TYR D 61 33.33 31.82 -20.34
N ALA D 62 33.87 32.23 -21.49
CA ALA D 62 35.29 32.07 -21.77
C ALA D 62 36.06 33.17 -21.05
N ASP D 63 37.35 33.31 -21.38
CA ASP D 63 38.18 34.34 -20.76
C ASP D 63 38.30 35.59 -21.60
N SER D 64 38.14 35.50 -22.91
CA SER D 64 38.30 36.66 -23.78
C SER D 64 37.00 37.45 -23.97
N VAL D 65 35.88 36.94 -23.47
CA VAL D 65 34.58 37.60 -23.66
C VAL D 65 33.82 37.79 -22.38
N LYS D 66 34.34 37.33 -21.24
CA LYS D 66 33.64 37.50 -19.97
C LYS D 66 33.50 38.98 -19.66
N GLY D 67 32.29 39.38 -19.27
CA GLY D 67 31.97 40.77 -18.97
C GLY D 67 31.38 41.54 -20.13
N ARG D 68 31.55 41.07 -21.36
CA ARG D 68 30.98 41.70 -22.53
C ARG D 68 29.79 40.96 -23.12
N PHE D 69 29.74 39.65 -22.97
CA PHE D 69 28.68 38.83 -23.53
C PHE D 69 27.76 38.33 -22.43
N THR D 70 26.51 38.06 -22.80
CA THR D 70 25.55 37.50 -21.85
C THR D 70 24.62 36.54 -22.58
N ILE D 71 24.51 35.32 -22.07
CA ILE D 71 23.66 34.30 -22.66
C ILE D 71 22.43 34.11 -21.80
N SER D 72 21.27 34.00 -22.44
CA SER D 72 20.00 33.86 -21.73
C SER D 72 19.14 32.81 -22.42
N ARG D 73 18.21 32.24 -21.66
CA ARG D 73 17.37 31.16 -22.13
C ARG D 73 15.91 31.53 -21.96
N ASP D 74 15.04 31.00 -22.83
CA ASP D 74 13.60 31.20 -22.73
C ASP D 74 12.95 29.90 -23.21
N ASN D 75 12.60 29.04 -22.26
CA ASN D 75 12.04 27.73 -22.60
C ASN D 75 10.61 27.79 -23.09
N SER D 76 9.86 28.82 -22.70
CA SER D 76 8.45 28.92 -23.11
C SER D 76 8.33 29.05 -24.63
N GLN D 77 9.21 29.83 -25.25
CA GLN D 77 9.21 30.03 -26.69
C GLN D 77 10.27 29.19 -27.40
N LYS D 78 10.98 28.34 -26.67
CA LYS D 78 12.06 27.51 -27.23
C LYS D 78 13.11 28.39 -27.92
N THR D 79 13.76 29.25 -27.12
CA THR D 79 14.66 30.22 -27.72
C THR D 79 15.85 30.46 -26.79
N ALA D 80 17.01 30.75 -27.40
CA ALA D 80 18.20 31.15 -26.67
C ALA D 80 18.71 32.46 -27.25
N TYR D 81 19.14 33.37 -26.37
CA TYR D 81 19.57 34.70 -26.76
C TYR D 81 21.03 34.92 -26.36
N LEU D 82 21.76 35.62 -27.23
CA LEU D 82 23.12 36.08 -26.92
C LEU D 82 23.18 37.58 -27.11
N GLN D 83 23.58 38.30 -26.07
CA GLN D 83 23.72 39.74 -26.10
C GLN D 83 25.20 40.11 -26.07
N MET D 84 25.64 40.87 -27.06
CA MET D 84 27.04 41.24 -27.23
C MET D 84 27.17 42.75 -27.11
N ASN D 85 28.04 43.19 -26.21
CA ASN D 85 28.27 44.60 -25.93
C ASN D 85 29.71 44.97 -26.27
N SER D 86 29.89 46.17 -26.81
CA SER D 86 31.21 46.71 -27.15
C SER D 86 31.95 45.80 -28.12
N LEU D 87 31.36 45.65 -29.31
CA LEU D 87 31.97 44.82 -30.34
C LEU D 87 33.16 45.54 -30.96
N ARG D 88 34.27 44.80 -31.10
CA ARG D 88 35.49 45.32 -31.68
C ARG D 88 35.63 44.86 -33.12
N THR D 89 36.59 45.47 -33.82
CA THR D 89 36.80 45.17 -35.24
C THR D 89 37.31 43.75 -35.46
N ASP D 90 37.76 43.07 -34.40
CA ASP D 90 38.26 41.69 -34.50
C ASP D 90 37.20 40.67 -34.08
N ASP D 91 35.93 40.94 -34.37
CA ASP D 91 34.86 40.01 -34.06
C ASP D 91 34.08 39.59 -35.31
N THR D 92 34.52 39.98 -36.50
CA THR D 92 33.87 39.58 -37.74
C THR D 92 34.06 38.08 -37.93
N ALA D 93 32.97 37.31 -37.76
CA ALA D 93 33.07 35.86 -37.83
C ALA D 93 31.67 35.30 -38.09
N ARG D 94 31.54 33.98 -37.94
CA ARG D 94 30.28 33.27 -38.12
C ARG D 94 29.96 32.55 -36.83
N TYR D 95 28.71 32.67 -36.38
CA TYR D 95 28.30 32.20 -35.07
C TYR D 95 27.27 31.09 -35.21
N TYR D 96 27.52 29.96 -34.55
CA TYR D 96 26.62 28.82 -34.56
C TYR D 96 26.15 28.52 -33.16
N CYS D 97 24.96 27.94 -33.05
CA CYS D 97 24.51 27.32 -31.81
C CYS D 97 24.97 25.86 -31.80
N ALA D 98 24.88 25.24 -30.62
CA ALA D 98 25.22 23.83 -30.48
C ALA D 98 24.39 23.27 -29.33
N GLU D 99 23.25 22.67 -29.67
CA GLU D 99 22.35 22.12 -28.68
C GLU D 99 22.86 20.74 -28.26
N CYS D 100 23.32 20.65 -27.02
CA CYS D 100 23.78 19.39 -26.46
C CYS D 100 22.61 18.43 -26.24
N PRO D 101 22.83 17.13 -26.37
CA PRO D 101 21.86 16.13 -25.90
C PRO D 101 22.04 15.79 -24.43
N MET D 102 22.22 16.82 -23.60
CA MET D 102 22.61 16.62 -22.21
C MET D 102 22.07 17.75 -21.37
N VAL D 103 21.96 17.50 -20.07
CA VAL D 103 21.42 18.50 -19.15
C VAL D 103 22.50 19.51 -18.77
N LEU D 104 23.66 19.03 -18.30
CA LEU D 104 24.76 19.90 -17.93
C LEU D 104 25.69 20.13 -19.12
N LEU D 105 26.31 21.31 -19.14
CA LEU D 105 27.17 21.68 -20.25
C LEU D 105 28.60 21.20 -20.06
N ALA D 106 29.05 21.04 -18.82
CA ALA D 106 30.43 20.63 -18.56
C ALA D 106 30.71 19.28 -19.19
N LYS D 107 31.72 19.24 -20.06
CA LYS D 107 32.18 18.01 -20.72
C LYS D 107 31.07 17.39 -21.57
N CYS D 108 30.50 18.21 -22.46
CA CYS D 108 29.39 17.78 -23.30
C CYS D 108 29.90 17.21 -24.63
N SER D 109 28.98 17.03 -25.57
CA SER D 109 29.26 16.49 -26.89
C SER D 109 29.02 17.49 -28.01
N MET D 110 27.91 18.23 -27.96
CA MET D 110 27.56 19.24 -28.96
C MET D 110 27.29 18.61 -30.33
N GLU D 111 26.34 17.65 -30.35
CA GLU D 111 26.02 16.94 -31.59
C GLU D 111 25.37 17.86 -32.62
N PHE D 112 24.34 18.59 -32.22
CA PHE D 112 23.52 19.36 -33.16
C PHE D 112 24.09 20.75 -33.37
N TRP D 113 24.03 21.22 -34.63
CA TRP D 113 24.52 22.52 -35.02
C TRP D 113 23.50 23.21 -35.91
N GLY D 114 23.56 24.54 -35.94
CA GLY D 114 22.72 25.32 -36.81
C GLY D 114 23.50 25.89 -37.98
N PRO D 115 22.81 26.37 -39.00
CA PRO D 115 23.52 26.94 -40.17
C PRO D 115 24.39 28.14 -39.82
N GLY D 116 24.00 28.96 -38.87
CA GLY D 116 24.80 30.10 -38.46
C GLY D 116 24.45 31.37 -39.21
N VAL D 117 24.86 32.50 -38.61
CA VAL D 117 24.64 33.83 -39.18
C VAL D 117 25.97 34.57 -39.21
N GLU D 118 26.18 35.33 -40.28
CA GLU D 118 27.45 36.02 -40.50
C GLU D 118 27.38 37.41 -39.86
N VAL D 119 28.01 37.54 -38.70
CA VAL D 119 28.10 38.82 -38.01
C VAL D 119 29.33 39.57 -38.49
N VAL D 120 29.14 40.82 -38.92
CA VAL D 120 30.23 41.64 -39.41
C VAL D 120 30.30 42.92 -38.59
N VAL D 121 31.51 43.34 -38.26
CA VAL D 121 31.75 44.56 -37.48
C VAL D 121 32.69 45.44 -38.30
N SER D 122 32.19 46.59 -38.75
CA SER D 122 32.98 47.51 -39.54
C SER D 122 32.33 48.88 -39.60
N LEU E 1 -30.26 47.13 27.13
CA LEU E 1 -29.62 46.46 26.01
C LEU E 1 -28.16 46.16 26.32
N GLN E 2 -27.61 45.18 25.60
CA GLN E 2 -26.21 44.80 25.78
C GLN E 2 -25.33 45.85 25.11
N THR E 3 -24.90 46.84 25.88
CA THR E 3 -24.02 47.90 25.39
C THR E 3 -22.74 47.88 26.20
N VAL E 4 -21.67 48.38 25.58
CA VAL E 4 -20.33 48.31 26.14
C VAL E 4 -19.95 49.67 26.70
N ILE E 5 -19.46 49.68 27.95
CA ILE E 5 -19.10 50.91 28.63
C ILE E 5 -17.67 50.83 29.13
N GLN E 6 -17.00 51.98 29.16
CA GLN E 6 -15.67 52.12 29.73
C GLN E 6 -15.49 53.56 30.19
N GLU E 7 -14.39 53.81 30.89
CA GLU E 7 -14.13 55.13 31.43
C GLU E 7 -13.91 56.13 30.29
N PRO E 8 -14.51 57.32 30.37
CA PRO E 8 -14.28 58.32 29.30
C PRO E 8 -12.84 58.73 29.12
N ALA E 9 -12.07 58.84 30.21
CA ALA E 9 -10.70 59.29 30.13
C ALA E 9 -9.90 58.77 31.32
N MET E 10 -8.59 58.66 31.12
CA MET E 10 -7.67 58.21 32.16
C MET E 10 -6.40 59.05 32.10
N SER E 11 -5.61 58.98 33.17
CA SER E 11 -4.34 59.69 33.24
C SER E 11 -3.30 58.78 33.86
N VAL E 12 -2.03 59.07 33.55
CA VAL E 12 -0.92 58.28 34.06
C VAL E 12 0.33 59.15 34.03
N SER E 13 1.25 58.87 34.95
CA SER E 13 2.56 59.50 34.94
C SER E 13 3.52 58.66 34.09
N LEU E 14 4.49 59.34 33.49
CA LEU E 14 5.43 58.68 32.60
C LEU E 14 6.18 57.59 33.37
N GLY E 15 6.24 56.40 32.78
CA GLY E 15 6.86 55.25 33.41
C GLY E 15 6.00 54.53 34.44
N GLY E 16 4.75 54.96 34.62
CA GLY E 16 3.87 54.35 35.59
C GLY E 16 3.11 53.16 35.04
N THR E 17 2.18 52.67 35.85
CA THR E 17 1.31 51.56 35.50
C THR E 17 -0.14 52.01 35.56
N VAL E 18 -0.88 51.78 34.47
CA VAL E 18 -2.26 52.22 34.36
C VAL E 18 -3.11 51.10 33.78
N THR E 19 -4.31 50.91 34.32
CA THR E 19 -5.20 49.85 33.90
C THR E 19 -6.53 50.44 33.44
N LEU E 20 -6.94 50.09 32.22
CA LEU E 20 -8.22 50.47 31.66
C LEU E 20 -9.19 49.30 31.75
N THR E 21 -10.47 49.62 31.91
CA THR E 21 -11.50 48.61 32.12
C THR E 21 -12.59 48.75 31.08
N CYS E 22 -13.28 47.64 30.83
CA CYS E 22 -14.36 47.57 29.86
C CYS E 22 -15.41 46.59 30.38
N ALA E 23 -16.69 46.92 30.19
CA ALA E 23 -17.74 46.10 30.77
C ALA E 23 -19.01 46.16 29.94
N PHE E 24 -19.90 45.21 30.19
CA PHE E 24 -21.26 45.22 29.66
C PHE E 24 -22.15 46.11 30.51
N SER E 25 -23.35 46.38 29.99
CA SER E 25 -24.33 47.13 30.76
C SER E 25 -24.97 46.28 31.85
N SER E 26 -25.32 45.04 31.55
CA SER E 26 -26.02 44.18 32.49
C SER E 26 -25.36 42.83 32.69
N GLY E 27 -24.79 42.24 31.64
CA GLY E 27 -24.23 40.91 31.71
C GLY E 27 -22.91 40.87 32.46
N SER E 28 -22.19 39.77 32.28
CA SER E 28 -20.89 39.56 32.90
C SER E 28 -19.91 39.11 31.83
N VAL E 29 -18.76 39.76 31.76
CA VAL E 29 -17.74 39.42 30.77
C VAL E 29 -16.97 38.19 31.23
N THR E 30 -16.88 37.19 30.36
CA THR E 30 -16.11 35.99 30.62
C THR E 30 -15.13 35.76 29.47
N SER E 31 -14.39 34.66 29.55
CA SER E 31 -13.43 34.34 28.50
C SER E 31 -14.09 33.88 27.20
N SER E 32 -15.39 33.63 27.21
CA SER E 32 -16.10 33.20 26.01
C SER E 32 -16.54 34.36 25.13
N ASN E 33 -16.34 35.60 25.57
CA ASN E 33 -16.66 36.76 24.75
C ASN E 33 -15.48 37.21 23.89
N TYR E 34 -14.28 36.68 24.14
CA TYR E 34 -13.09 36.99 23.37
C TYR E 34 -12.87 38.51 23.19
N PRO E 35 -12.68 39.25 24.27
CA PRO E 35 -12.46 40.70 24.13
C PRO E 35 -11.18 41.00 23.36
N GLY E 36 -11.23 42.07 22.58
CA GLY E 36 -10.06 42.55 21.88
C GLY E 36 -9.85 44.03 22.16
N TRP E 37 -8.59 44.45 22.11
CA TRP E 37 -8.23 45.84 22.40
C TRP E 37 -7.55 46.47 21.19
N PHE E 38 -7.97 47.68 20.86
CA PHE E 38 -7.49 48.39 19.69
C PHE E 38 -6.97 49.76 20.09
N GLN E 39 -5.94 50.21 19.38
CA GLN E 39 -5.35 51.53 19.56
C GLN E 39 -5.44 52.30 18.26
N GLN E 40 -5.77 53.59 18.37
CA GLN E 40 -5.96 54.45 17.20
C GLN E 40 -5.24 55.78 17.42
N THR E 41 -4.00 55.86 16.95
CA THR E 41 -3.32 57.14 16.87
C THR E 41 -4.07 58.04 15.88
N PRO E 42 -4.32 59.30 16.23
CA PRO E 42 -5.13 60.16 15.35
C PRO E 42 -4.54 60.26 13.96
N GLY E 43 -5.42 60.18 12.96
CA GLY E 43 -5.01 60.16 11.57
C GLY E 43 -4.53 58.83 11.05
N GLN E 44 -4.67 57.76 11.82
CA GLN E 44 -4.16 56.46 11.43
C GLN E 44 -5.22 55.39 11.64
N PRO E 45 -5.15 54.29 10.87
CA PRO E 45 -6.10 53.20 11.08
C PRO E 45 -5.87 52.52 12.41
N PRO E 46 -6.89 51.91 12.99
CA PRO E 46 -6.71 51.24 14.28
C PRO E 46 -5.70 50.11 14.19
N ARG E 47 -5.00 49.90 15.30
CA ARG E 47 -3.96 48.88 15.41
C ARG E 47 -4.31 47.95 16.56
N LEU E 48 -4.22 46.64 16.32
CA LEU E 48 -4.63 45.65 17.30
C LEU E 48 -3.49 45.34 18.26
N LEU E 49 -3.78 45.39 19.56
CA LEU E 49 -2.80 45.14 20.61
C LEU E 49 -3.01 43.79 21.28
N ILE E 50 -4.21 43.52 21.78
CA ILE E 50 -4.51 42.31 22.52
C ILE E 50 -5.71 41.63 21.86
N TYR E 51 -5.58 40.34 21.56
CA TYR E 51 -6.70 39.55 21.05
C TYR E 51 -6.84 38.30 21.89
N GLN E 52 -8.09 37.92 22.16
CA GLN E 52 -8.41 36.78 23.02
C GLN E 52 -7.89 36.98 24.45
N THR E 53 -7.76 38.25 24.85
CA THR E 53 -7.55 38.68 26.23
C THR E 53 -6.14 38.40 26.74
N ASN E 54 -5.35 37.63 25.98
CA ASN E 54 -3.99 37.37 26.43
C ASN E 54 -2.92 37.46 25.34
N SER E 55 -3.25 37.23 24.08
CA SER E 55 -2.23 37.08 23.05
C SER E 55 -1.92 38.42 22.39
N ARG E 56 -0.66 38.58 22.00
CA ARG E 56 -0.17 39.77 21.34
C ARG E 56 0.28 39.41 19.93
N PRO E 57 -0.18 40.12 18.90
CA PRO E 57 0.38 39.92 17.56
C PRO E 57 1.81 40.41 17.50
N THR E 58 2.56 39.85 16.56
CA THR E 58 3.97 40.24 16.39
C THR E 58 4.09 41.72 16.09
N GLY E 59 5.06 42.36 16.74
CA GLY E 59 5.27 43.79 16.59
C GLY E 59 4.66 44.65 17.67
N VAL E 60 4.19 44.06 18.77
CA VAL E 60 3.60 44.79 19.88
C VAL E 60 4.47 44.55 21.11
N PRO E 61 4.84 45.58 21.86
CA PRO E 61 5.73 45.38 23.01
C PRO E 61 5.07 44.57 24.10
N SER E 62 5.93 44.00 24.96
CA SER E 62 5.48 43.14 26.05
C SER E 62 4.94 43.92 27.24
N ARG E 63 5.02 45.25 27.23
CA ARG E 63 4.51 46.03 28.35
C ARG E 63 2.99 46.09 28.37
N PHE E 64 2.32 45.66 27.29
CA PHE E 64 0.86 45.58 27.27
C PHE E 64 0.42 44.22 27.76
N SER E 65 -0.58 44.19 28.64
CA SER E 65 -1.13 42.94 29.13
C SER E 65 -2.65 43.06 29.21
N GLY E 66 -3.31 41.92 29.17
CA GLY E 66 -4.76 41.90 29.26
C GLY E 66 -5.21 40.74 30.12
N ALA E 67 -6.37 40.91 30.75
CA ALA E 67 -6.90 39.89 31.64
C ALA E 67 -8.37 40.16 31.90
N ILE E 68 -9.01 39.23 32.60
CA ILE E 68 -10.38 39.37 33.06
C ILE E 68 -10.34 39.44 34.58
N SER E 69 -10.81 40.56 35.13
CA SER E 69 -10.82 40.78 36.58
C SER E 69 -12.26 40.80 37.04
N GLY E 70 -12.65 39.79 37.81
CA GLY E 70 -14.02 39.68 38.27
C GLY E 70 -14.99 39.55 37.11
N ASN E 71 -15.76 40.61 36.86
CA ASN E 71 -16.67 40.68 35.73
C ASN E 71 -16.33 41.87 34.84
N ARG E 72 -15.03 42.13 34.66
CA ARG E 72 -14.55 43.27 33.89
C ARG E 72 -13.39 42.80 33.02
N ALA E 73 -13.17 43.49 31.90
CA ALA E 73 -12.04 43.23 31.03
C ALA E 73 -11.01 44.34 31.24
N ALA E 74 -9.79 43.96 31.60
CA ALA E 74 -8.77 44.93 32.01
C ALA E 74 -7.56 44.84 31.11
N LEU E 75 -7.10 46.00 30.66
CA LEU E 75 -5.84 46.14 29.92
C LEU E 75 -4.87 46.95 30.76
N THR E 76 -3.69 46.39 31.02
CA THR E 76 -2.68 47.01 31.87
C THR E 76 -1.49 47.42 31.04
N ILE E 77 -1.11 48.69 31.13
CA ILE E 77 0.10 49.22 30.52
C ILE E 77 1.08 49.54 31.63
N THR E 78 2.24 48.88 31.62
CA THR E 78 3.27 49.06 32.62
C THR E 78 4.47 49.72 31.98
N GLY E 79 4.92 50.83 32.56
CA GLY E 79 6.03 51.57 31.99
C GLY E 79 5.59 52.38 30.78
N ALA E 80 4.68 53.32 30.99
CA ALA E 80 4.14 54.11 29.90
C ALA E 80 5.22 54.98 29.26
N GLN E 81 5.01 55.29 27.99
CA GLN E 81 5.92 56.12 27.20
C GLN E 81 5.15 57.27 26.59
N ALA E 82 5.86 58.13 25.86
CA ALA E 82 5.22 59.31 25.28
C ALA E 82 4.31 58.94 24.12
N GLU E 83 4.69 57.92 23.34
CA GLU E 83 3.91 57.55 22.16
C GLU E 83 2.54 56.97 22.52
N ASP E 84 2.37 56.48 23.76
CA ASP E 84 1.12 55.82 24.13
C ASP E 84 -0.07 56.78 24.18
N GLU E 85 0.15 58.08 23.97
CA GLU E 85 -0.94 59.04 23.97
C GLU E 85 -1.88 58.76 22.79
N ALA E 86 -3.03 58.16 23.06
CA ALA E 86 -3.95 57.75 22.00
C ALA E 86 -5.27 57.30 22.63
N ASP E 87 -6.16 56.78 21.78
CA ASP E 87 -7.46 56.26 22.19
C ASP E 87 -7.42 54.74 22.20
N TYR E 88 -8.17 54.15 23.13
CA TYR E 88 -8.24 52.71 23.30
C TYR E 88 -9.69 52.25 23.18
N PHE E 89 -9.89 51.15 22.46
CA PHE E 89 -11.20 50.58 22.18
C PHE E 89 -11.25 49.14 22.64
N CYS E 90 -12.38 48.72 23.21
CA CYS E 90 -12.60 47.33 23.58
C CYS E 90 -13.75 46.79 22.73
N GLY E 91 -13.51 45.64 22.10
CA GLY E 91 -14.53 44.99 21.29
C GLY E 91 -14.87 43.62 21.82
N LEU E 92 -16.14 43.40 22.12
CA LEU E 92 -16.62 42.18 22.75
C LEU E 92 -17.52 41.40 21.79
N TRP E 93 -17.31 40.09 21.72
CA TRP E 93 -18.07 39.23 20.82
C TRP E 93 -19.19 38.58 21.61
N LYS E 94 -20.32 39.29 21.71
CA LYS E 94 -21.54 38.71 22.27
C LYS E 94 -22.26 37.95 21.17
N SER E 95 -22.84 36.81 21.54
CA SER E 95 -23.44 35.89 20.58
C SER E 95 -22.40 35.46 19.54
N GLY E 96 -22.86 35.13 18.33
CA GLY E 96 -21.94 34.73 17.28
C GLY E 96 -21.98 35.62 16.06
N THR E 97 -22.81 36.66 16.10
CA THR E 97 -22.99 37.54 14.95
C THR E 97 -23.03 39.01 15.32
N ASP E 98 -22.56 39.38 16.52
CA ASP E 98 -22.56 40.77 16.96
C ASP E 98 -21.21 41.12 17.58
N LEU E 99 -20.67 42.26 17.18
CA LEU E 99 -19.41 42.77 17.75
C LEU E 99 -19.59 44.24 18.08
N PRO E 100 -20.24 44.54 19.21
CA PRO E 100 -20.36 45.94 19.64
C PRO E 100 -19.06 46.43 20.26
N PHE E 101 -18.55 47.56 19.75
CA PHE E 101 -17.32 48.13 20.25
C PHE E 101 -17.61 49.00 21.48
N GLY E 102 -16.60 49.74 21.94
CA GLY E 102 -16.74 50.61 23.07
C GLY E 102 -16.76 52.09 22.68
N GLY E 103 -17.00 52.92 23.69
CA GLY E 103 -17.07 54.36 23.44
C GLY E 103 -15.73 54.95 23.02
N GLY E 104 -14.64 54.41 23.56
CA GLY E 104 -13.32 54.94 23.28
C GLY E 104 -12.78 55.76 24.43
N THR E 105 -11.64 55.34 24.99
CA THR E 105 -11.04 56.01 26.14
C THR E 105 -9.73 56.66 25.73
N HIS E 106 -9.62 57.96 25.96
CA HIS E 106 -8.41 58.70 25.66
C HIS E 106 -7.46 58.59 26.85
N LEU E 107 -6.21 58.21 26.58
CA LEU E 107 -5.21 58.03 27.63
C LEU E 107 -4.23 59.20 27.62
N THR E 108 -4.07 59.85 28.78
CA THR E 108 -3.24 61.04 28.90
C THR E 108 -1.99 60.70 29.71
N VAL E 109 -0.84 60.81 29.07
CA VAL E 109 0.45 60.57 29.71
C VAL E 109 1.06 61.93 30.03
N LEU E 110 0.98 62.32 31.29
CA LEU E 110 1.49 63.63 31.72
C LEU E 110 3.02 63.65 31.66
N LEU F 1 50.92 28.15 -22.14
CA LEU F 1 49.51 27.96 -21.85
C LEU F 1 49.00 26.65 -22.43
N GLN F 2 47.83 26.22 -21.97
CA GLN F 2 47.22 24.98 -22.43
C GLN F 2 46.56 25.24 -23.79
N THR F 3 47.25 24.89 -24.86
CA THR F 3 46.74 25.03 -26.21
C THR F 3 46.84 23.70 -26.94
N VAL F 4 46.03 23.56 -27.99
CA VAL F 4 45.90 22.31 -28.73
C VAL F 4 46.77 22.38 -29.96
N ILE F 5 47.53 21.31 -30.21
CA ILE F 5 48.47 21.24 -31.32
C ILE F 5 48.08 20.07 -32.21
N GLN F 6 48.03 20.33 -33.52
CA GLN F 6 47.75 19.33 -34.53
C GLN F 6 48.77 19.49 -35.66
N GLU F 7 48.76 18.52 -36.57
CA GLU F 7 49.51 18.69 -37.81
C GLU F 7 48.79 19.70 -38.71
N PRO F 8 49.54 20.49 -39.48
CA PRO F 8 48.90 21.45 -40.39
C PRO F 8 48.09 20.78 -41.49
N ALA F 9 48.70 19.83 -42.19
CA ALA F 9 48.02 19.12 -43.27
C ALA F 9 48.62 17.74 -43.41
N MET F 10 47.83 16.82 -43.98
CA MET F 10 48.26 15.45 -44.22
C MET F 10 47.72 14.99 -45.56
N SER F 11 48.20 13.82 -46.00
CA SER F 11 47.79 13.24 -47.27
C SER F 11 47.57 11.75 -47.09
N VAL F 12 46.79 11.17 -48.00
CA VAL F 12 46.48 9.75 -47.97
C VAL F 12 46.13 9.30 -49.38
N SER F 13 46.42 8.04 -49.67
CA SER F 13 46.00 7.40 -50.92
C SER F 13 44.59 6.84 -50.77
N LEU F 14 43.86 6.82 -51.88
CA LEU F 14 42.48 6.34 -51.85
C LEU F 14 42.44 4.89 -51.36
N GLY F 15 41.56 4.62 -50.40
CA GLY F 15 41.47 3.31 -49.80
C GLY F 15 42.50 3.01 -48.75
N GLY F 16 43.35 3.97 -48.39
CA GLY F 16 44.39 3.75 -47.42
C GLY F 16 43.94 3.98 -45.98
N THR F 17 44.91 3.95 -45.07
CA THR F 17 44.68 4.20 -43.66
C THR F 17 45.53 5.39 -43.22
N VAL F 18 44.88 6.36 -42.59
CA VAL F 18 45.56 7.59 -42.17
C VAL F 18 45.11 7.94 -40.76
N THR F 19 46.07 8.38 -39.93
CA THR F 19 45.80 8.70 -38.54
C THR F 19 46.23 10.13 -38.24
N LEU F 20 45.30 10.93 -37.73
CA LEU F 20 45.55 12.29 -37.30
C LEU F 20 45.73 12.32 -35.79
N THR F 21 46.57 13.25 -35.32
CA THR F 21 46.92 13.33 -33.90
C THR F 21 46.56 14.70 -33.35
N CYS F 22 46.34 14.73 -32.04
CA CYS F 22 45.96 15.93 -31.30
C CYS F 22 46.64 15.88 -29.95
N ALA F 23 47.28 16.98 -29.56
CA ALA F 23 48.05 16.96 -28.32
C ALA F 23 47.93 18.29 -27.59
N PHE F 24 48.27 18.26 -26.31
CA PHE F 24 48.40 19.48 -25.52
C PHE F 24 49.79 20.09 -25.74
N SER F 25 49.94 21.35 -25.30
CA SER F 25 51.22 22.01 -25.39
C SER F 25 52.19 21.49 -24.33
N SER F 26 51.71 21.29 -23.10
CA SER F 26 52.55 20.86 -21.99
C SER F 26 52.02 19.64 -21.26
N GLY F 27 50.71 19.51 -21.10
CA GLY F 27 50.12 18.43 -20.33
C GLY F 27 50.08 17.13 -21.11
N SER F 28 49.32 16.18 -20.55
CA SER F 28 49.14 14.87 -21.15
C SER F 28 47.65 14.60 -21.29
N VAL F 29 47.24 14.16 -22.48
CA VAL F 29 45.84 13.89 -22.74
C VAL F 29 45.48 12.52 -22.20
N THR F 30 44.39 12.44 -21.43
CA THR F 30 43.89 11.20 -20.88
C THR F 30 42.41 11.06 -21.26
N SER F 31 41.78 10.01 -20.75
CA SER F 31 40.36 9.78 -21.03
C SER F 31 39.45 10.72 -20.25
N SER F 32 39.98 11.48 -19.30
CA SER F 32 39.19 12.42 -18.52
C SER F 32 39.02 13.76 -19.20
N ASN F 33 39.66 13.98 -20.34
CA ASN F 33 39.49 15.20 -21.12
C ASN F 33 38.36 15.11 -22.13
N TYR F 34 37.84 13.92 -22.37
CA TYR F 34 36.75 13.68 -23.32
C TYR F 34 36.97 14.36 -24.67
N PRO F 35 38.03 14.02 -25.39
CA PRO F 35 38.26 14.64 -26.71
C PRO F 35 37.13 14.33 -27.67
N GLY F 36 36.82 15.31 -28.51
CA GLY F 36 35.85 15.12 -29.58
C GLY F 36 36.45 15.53 -30.91
N TRP F 37 35.93 14.95 -31.97
CA TRP F 37 36.41 15.21 -33.31
C TRP F 37 35.28 15.74 -34.19
N PHE F 38 35.59 16.76 -34.99
CA PHE F 38 34.61 17.42 -35.82
C PHE F 38 35.09 17.49 -37.26
N GLN F 39 34.15 17.40 -38.19
CA GLN F 39 34.42 17.51 -39.62
C GLN F 39 33.64 18.68 -40.19
N GLN F 40 34.28 19.45 -41.07
CA GLN F 40 33.68 20.64 -41.66
C GLN F 40 33.99 20.68 -43.16
N THR F 41 33.08 20.15 -43.97
CA THR F 41 33.16 20.37 -45.40
C THR F 41 32.93 21.85 -45.69
N PRO F 42 33.56 22.40 -46.72
CA PRO F 42 33.46 23.84 -46.97
C PRO F 42 32.02 24.28 -47.18
N GLY F 43 31.67 25.41 -46.57
CA GLY F 43 30.35 25.99 -46.70
C GLY F 43 29.27 25.36 -45.84
N GLN F 44 29.62 24.43 -44.96
CA GLN F 44 28.62 23.72 -44.18
C GLN F 44 29.00 23.73 -42.70
N PRO F 45 28.01 23.61 -41.80
CA PRO F 45 28.31 23.62 -40.38
C PRO F 45 29.11 22.39 -39.99
N PRO F 46 29.90 22.46 -38.92
CA PRO F 46 30.70 21.29 -38.52
C PRO F 46 29.82 20.11 -38.16
N ARG F 47 30.34 18.91 -38.41
CA ARG F 47 29.64 17.66 -38.16
C ARG F 47 30.47 16.81 -37.21
N LEU F 48 29.81 16.20 -36.23
CA LEU F 48 30.48 15.45 -35.18
C LEU F 48 30.64 13.99 -35.60
N LEU F 49 31.86 13.47 -35.50
CA LEU F 49 32.19 12.10 -35.86
C LEU F 49 32.45 11.21 -34.65
N ILE F 50 33.29 11.66 -33.73
CA ILE F 50 33.70 10.88 -32.58
C ILE F 50 33.54 11.73 -31.32
N TYR F 51 32.85 11.19 -30.32
CA TYR F 51 32.73 11.83 -29.01
C TYR F 51 33.13 10.82 -27.95
N GLN F 52 33.85 11.30 -26.93
CA GLN F 52 34.38 10.47 -25.85
C GLN F 52 35.38 9.43 -26.38
N THR F 53 36.00 9.74 -27.51
CA THR F 53 37.15 9.04 -28.10
C THR F 53 36.82 7.68 -28.70
N ASN F 54 35.62 7.15 -28.46
CA ASN F 54 35.25 5.90 -29.12
C ASN F 54 33.83 5.85 -29.65
N SER F 55 32.91 6.65 -29.12
CA SER F 55 31.51 6.53 -29.48
C SER F 55 31.21 7.29 -30.77
N ARG F 56 30.35 6.71 -31.60
CA ARG F 56 29.94 7.30 -32.87
C ARG F 56 28.46 7.64 -32.84
N PRO F 57 28.08 8.87 -33.16
CA PRO F 57 26.65 9.17 -33.30
C PRO F 57 26.06 8.46 -34.50
N THR F 58 24.75 8.23 -34.44
CA THR F 58 24.07 7.55 -35.53
C THR F 58 24.22 8.33 -36.83
N GLY F 59 24.48 7.60 -37.91
CA GLY F 59 24.69 8.21 -39.21
C GLY F 59 26.13 8.42 -39.61
N VAL F 60 27.08 7.86 -38.88
CA VAL F 60 28.50 7.99 -39.19
C VAL F 60 29.06 6.62 -39.52
N PRO F 61 29.83 6.47 -40.60
CA PRO F 61 30.32 5.14 -40.98
C PRO F 61 31.29 4.57 -39.96
N SER F 62 31.45 3.25 -40.02
CA SER F 62 32.30 2.53 -39.08
C SER F 62 33.78 2.62 -39.42
N ARG F 63 34.15 3.24 -40.53
CA ARG F 63 35.55 3.35 -40.88
C ARG F 63 36.28 4.42 -40.05
N PHE F 64 35.56 5.25 -39.32
CA PHE F 64 36.16 6.23 -38.43
C PHE F 64 36.34 5.61 -37.05
N SER F 65 37.55 5.73 -36.50
CA SER F 65 37.83 5.22 -35.17
C SER F 65 38.64 6.25 -34.40
N GLY F 66 38.59 6.17 -33.08
CA GLY F 66 39.36 7.05 -32.24
C GLY F 66 39.94 6.30 -31.05
N ALA F 67 41.03 6.84 -30.53
CA ALA F 67 41.70 6.21 -29.40
C ALA F 67 42.66 7.22 -28.78
N ILE F 68 43.27 6.82 -27.67
CA ILE F 68 44.33 7.58 -27.01
C ILE F 68 45.60 6.76 -27.10
N SER F 69 46.61 7.30 -27.78
CA SER F 69 47.89 6.64 -27.97
C SER F 69 48.96 7.41 -27.22
N GLY F 70 49.63 6.73 -26.29
CA GLY F 70 50.63 7.38 -25.46
C GLY F 70 50.04 8.54 -24.68
N ASN F 71 50.39 9.76 -25.08
CA ASN F 71 49.85 10.97 -24.49
C ASN F 71 49.25 11.89 -25.56
N ARG F 72 48.60 11.29 -26.55
CA ARG F 72 47.96 12.03 -27.64
C ARG F 72 46.64 11.36 -27.98
N ALA F 73 45.76 12.12 -28.64
CA ALA F 73 44.49 11.62 -29.11
C ALA F 73 44.57 11.38 -30.62
N ALA F 74 44.23 10.17 -31.05
CA ALA F 74 44.41 9.76 -32.44
C ALA F 74 43.07 9.39 -33.06
N LEU F 75 42.84 9.89 -34.26
CA LEU F 75 41.69 9.53 -35.08
C LEU F 75 42.17 8.81 -36.34
N THR F 76 41.65 7.61 -36.56
CA THR F 76 42.08 6.76 -37.65
C THR F 76 40.94 6.60 -38.66
N ILE F 77 41.24 6.88 -39.92
CA ILE F 77 40.34 6.66 -41.04
C ILE F 77 40.93 5.52 -41.87
N THR F 78 40.18 4.44 -42.00
CA THR F 78 40.59 3.26 -42.75
C THR F 78 39.69 3.11 -43.97
N GLY F 79 40.30 3.03 -45.15
CA GLY F 79 39.53 2.96 -46.37
C GLY F 79 38.98 4.30 -46.76
N ALA F 80 39.87 5.26 -47.03
CA ALA F 80 39.45 6.62 -47.33
C ALA F 80 38.67 6.65 -48.65
N GLN F 81 37.80 7.66 -48.77
CA GLN F 81 37.00 7.86 -49.96
C GLN F 81 37.19 9.29 -50.46
N ALA F 82 36.53 9.63 -51.56
CA ALA F 82 36.69 10.95 -52.15
C ALA F 82 36.08 12.03 -51.27
N GLU F 83 34.93 11.74 -50.65
CA GLU F 83 34.22 12.76 -49.88
C GLU F 83 34.98 13.17 -48.61
N ASP F 84 35.90 12.34 -48.13
CA ASP F 84 36.55 12.60 -46.84
C ASP F 84 37.46 13.82 -46.87
N GLU F 85 37.76 14.38 -48.05
CA GLU F 85 38.62 15.55 -48.14
C GLU F 85 37.97 16.76 -47.49
N ALA F 86 38.41 17.12 -46.29
CA ALA F 86 37.82 18.22 -45.53
C ALA F 86 38.76 18.58 -44.39
N ASP F 87 38.28 19.41 -43.47
CA ASP F 87 39.02 19.83 -42.30
C ASP F 87 38.56 19.07 -41.06
N TYR F 88 39.50 18.75 -40.18
CA TYR F 88 39.23 18.01 -38.96
C TYR F 88 39.65 18.84 -37.76
N PHE F 89 38.80 18.86 -36.74
CA PHE F 89 39.00 19.66 -35.53
C PHE F 89 38.98 18.76 -34.30
N CYS F 90 39.84 19.11 -33.34
CA CYS F 90 39.97 18.42 -32.07
C CYS F 90 39.50 19.33 -30.96
N GLY F 91 38.55 18.86 -30.15
CA GLY F 91 38.07 19.61 -29.02
C GLY F 91 38.38 18.93 -27.70
N LEU F 92 39.14 19.60 -26.85
CA LEU F 92 39.60 19.02 -25.59
C LEU F 92 38.94 19.76 -24.43
N TRP F 93 38.38 19.00 -23.49
CA TRP F 93 37.71 19.57 -22.33
C TRP F 93 38.69 19.59 -21.15
N LYS F 94 39.50 20.64 -21.08
CA LYS F 94 40.35 20.86 -19.92
C LYS F 94 39.53 21.57 -18.84
N SER F 95 39.75 21.20 -17.59
CA SER F 95 38.95 21.69 -16.48
C SER F 95 37.47 21.35 -16.71
N GLY F 96 36.57 22.17 -16.18
CA GLY F 96 35.16 21.95 -16.37
C GLY F 96 34.42 23.12 -16.98
N THR F 97 35.15 24.18 -17.33
CA THR F 97 34.55 25.39 -17.85
C THR F 97 35.24 25.94 -19.09
N ASP F 98 36.18 25.20 -19.69
CA ASP F 98 36.87 25.68 -20.87
C ASP F 98 36.97 24.55 -21.89
N LEU F 99 36.71 24.88 -23.16
CA LEU F 99 36.79 23.93 -24.26
C LEU F 99 37.60 24.56 -25.39
N PRO F 100 38.92 24.53 -25.30
CA PRO F 100 39.75 25.02 -26.41
C PRO F 100 39.77 24.02 -27.55
N PHE F 101 39.54 24.51 -28.76
CA PHE F 101 39.57 23.67 -29.95
C PHE F 101 40.99 23.61 -30.50
N GLY F 102 41.16 23.03 -31.68
CA GLY F 102 42.44 22.92 -32.33
C GLY F 102 42.56 23.84 -33.53
N GLY F 103 43.75 23.84 -34.12
CA GLY F 103 44.00 24.66 -35.29
C GLY F 103 43.21 24.22 -36.51
N GLY F 104 42.96 22.92 -36.65
CA GLY F 104 42.26 22.41 -37.80
C GLY F 104 43.20 21.84 -38.84
N THR F 105 43.05 20.57 -39.17
CA THR F 105 43.94 19.89 -40.11
C THR F 105 43.18 19.54 -41.39
N HIS F 106 43.72 19.97 -42.54
CA HIS F 106 43.13 19.68 -43.83
C HIS F 106 43.65 18.32 -44.33
N LEU F 107 42.73 17.44 -44.69
CA LEU F 107 43.09 16.10 -45.15
C LEU F 107 42.90 16.01 -46.66
N THR F 108 43.94 15.55 -47.36
CA THR F 108 43.94 15.47 -48.81
C THR F 108 43.98 14.01 -49.23
N VAL F 109 43.00 13.60 -50.04
CA VAL F 109 42.92 12.25 -50.58
C VAL F 109 43.41 12.33 -52.03
N LEU F 110 44.62 11.83 -52.28
CA LEU F 110 45.21 11.88 -53.61
C LEU F 110 44.50 10.95 -54.57
N LEU G 1 -33.44 -8.82 -51.84
CA LEU G 1 -32.62 -8.06 -50.91
C LEU G 1 -33.26 -8.00 -49.53
N GLN G 2 -32.47 -7.66 -48.53
CA GLN G 2 -32.96 -7.54 -47.16
C GLN G 2 -33.71 -6.23 -47.02
N THR G 3 -35.04 -6.29 -47.09
CA THR G 3 -35.88 -5.12 -46.93
C THR G 3 -36.94 -5.42 -45.89
N VAL G 4 -37.48 -4.35 -45.31
CA VAL G 4 -38.39 -4.43 -44.18
C VAL G 4 -39.83 -4.32 -44.68
N ILE G 5 -40.70 -5.21 -44.20
CA ILE G 5 -42.09 -5.26 -44.62
C ILE G 5 -42.99 -5.01 -43.42
N GLN G 6 -43.94 -4.10 -43.59
CA GLN G 6 -44.92 -3.74 -42.56
C GLN G 6 -46.30 -3.67 -43.19
N GLU G 7 -47.33 -3.67 -42.35
CA GLU G 7 -48.68 -3.49 -42.85
C GLU G 7 -48.87 -2.05 -43.32
N PRO G 8 -49.53 -1.84 -44.47
CA PRO G 8 -49.77 -0.46 -44.92
C PRO G 8 -50.59 0.36 -43.95
N ALA G 9 -51.59 -0.23 -43.29
CA ALA G 9 -52.43 0.50 -42.37
C ALA G 9 -53.12 -0.48 -41.43
N MET G 10 -53.53 0.03 -40.27
CA MET G 10 -54.25 -0.74 -39.27
C MET G 10 -55.35 0.11 -38.66
N SER G 11 -56.26 -0.54 -37.94
CA SER G 11 -57.35 0.14 -37.27
C SER G 11 -57.57 -0.50 -35.90
N VAL G 12 -58.19 0.27 -35.01
CA VAL G 12 -58.47 -0.21 -33.66
C VAL G 12 -59.61 0.62 -33.09
N SER G 13 -60.38 0.00 -32.18
CA SER G 13 -61.40 0.70 -31.43
C SER G 13 -60.79 1.30 -30.17
N LEU G 14 -61.40 2.40 -29.70
CA LEU G 14 -60.87 3.09 -28.54
C LEU G 14 -60.88 2.16 -27.32
N GLY G 15 -59.75 2.09 -26.64
CA GLY G 15 -59.60 1.21 -25.50
C GLY G 15 -59.31 -0.23 -25.84
N GLY G 16 -59.12 -0.57 -27.12
CA GLY G 16 -58.88 -1.93 -27.54
C GLY G 16 -57.41 -2.30 -27.50
N THR G 17 -57.12 -3.49 -28.03
CA THR G 17 -55.76 -4.01 -28.12
C THR G 17 -55.44 -4.26 -29.58
N VAL G 18 -54.33 -3.70 -30.05
CA VAL G 18 -53.92 -3.81 -31.44
C VAL G 18 -52.43 -4.14 -31.51
N THR G 19 -52.06 -5.05 -32.40
CA THR G 19 -50.68 -5.50 -32.54
C THR G 19 -50.22 -5.26 -33.97
N LEU G 20 -49.14 -4.49 -34.11
CA LEU G 20 -48.48 -4.26 -35.38
C LEU G 20 -47.30 -5.21 -35.53
N THR G 21 -47.02 -5.62 -36.76
CA THR G 21 -45.97 -6.57 -37.05
C THR G 21 -44.98 -5.98 -38.05
N CYS G 22 -43.75 -6.49 -37.99
CA CYS G 22 -42.66 -6.03 -38.85
C CYS G 22 -41.79 -7.23 -39.17
N ALA G 23 -41.39 -7.38 -40.42
CA ALA G 23 -40.70 -8.61 -40.82
C ALA G 23 -39.65 -8.32 -41.87
N PHE G 24 -38.74 -9.28 -42.04
CA PHE G 24 -37.79 -9.25 -43.14
C PHE G 24 -38.42 -9.80 -44.42
N SER G 25 -37.76 -9.54 -45.55
CA SER G 25 -38.25 -10.06 -46.82
C SER G 25 -37.95 -11.55 -46.96
N SER G 26 -36.76 -11.99 -46.56
CA SER G 26 -36.35 -13.38 -46.72
C SER G 26 -35.85 -14.03 -45.44
N GLY G 27 -35.17 -13.29 -44.58
CA GLY G 27 -34.58 -13.86 -43.38
C GLY G 27 -35.59 -14.05 -42.27
N SER G 28 -35.06 -14.24 -41.06
CA SER G 28 -35.88 -14.42 -39.87
C SER G 28 -35.40 -13.46 -38.79
N VAL G 29 -36.33 -12.72 -38.19
CA VAL G 29 -35.99 -11.76 -37.16
C VAL G 29 -35.75 -12.48 -35.84
N THR G 30 -34.61 -12.22 -35.21
CA THR G 30 -34.31 -12.79 -33.90
C THR G 30 -34.00 -11.67 -32.92
N SER G 31 -33.60 -12.03 -31.70
CA SER G 31 -33.26 -11.03 -30.70
C SER G 31 -31.92 -10.37 -30.95
N SER G 32 -31.13 -10.87 -31.90
CA SER G 32 -29.84 -10.30 -32.22
C SER G 32 -29.92 -9.14 -33.21
N ASN G 33 -31.11 -8.84 -33.73
CA ASN G 33 -31.29 -7.71 -34.62
C ASN G 33 -31.65 -6.43 -33.88
N TYR G 34 -31.98 -6.52 -32.60
CA TYR G 34 -32.33 -5.38 -31.76
C TYR G 34 -33.33 -4.43 -32.43
N PRO G 35 -34.55 -4.91 -32.72
CA PRO G 35 -35.54 -4.03 -33.33
C PRO G 35 -35.90 -2.85 -32.44
N GLY G 36 -36.17 -1.71 -33.07
CA GLY G 36 -36.64 -0.55 -32.36
C GLY G 36 -37.90 -0.01 -33.00
N TRP G 37 -38.74 0.62 -32.19
CA TRP G 37 -40.02 1.14 -32.65
C TRP G 37 -40.08 2.63 -32.41
N PHE G 38 -40.52 3.37 -33.43
CA PHE G 38 -40.55 4.83 -33.40
C PHE G 38 -41.95 5.32 -33.73
N GLN G 39 -42.34 6.43 -33.12
CA GLN G 39 -43.62 7.08 -33.37
C GLN G 39 -43.37 8.50 -33.84
N GLN G 40 -44.11 8.91 -34.89
CA GLN G 40 -43.93 10.22 -35.49
C GLN G 40 -45.28 10.91 -35.63
N THR G 41 -45.64 11.71 -34.63
CA THR G 41 -46.78 12.60 -34.78
C THR G 41 -46.47 13.64 -35.86
N PRO G 42 -47.40 13.88 -36.78
CA PRO G 42 -47.11 14.77 -37.91
C PRO G 42 -46.65 16.15 -37.45
N GLY G 43 -45.62 16.66 -38.11
CA GLY G 43 -45.03 17.93 -37.76
C GLY G 43 -44.01 17.89 -36.64
N GLN G 44 -43.68 16.70 -36.12
CA GLN G 44 -42.77 16.58 -34.99
C GLN G 44 -41.73 15.51 -35.27
N PRO G 45 -40.56 15.60 -34.64
CA PRO G 45 -39.53 14.59 -34.85
C PRO G 45 -39.97 13.24 -34.30
N PRO G 46 -39.43 12.15 -34.85
CA PRO G 46 -39.81 10.83 -34.34
C PRO G 46 -39.45 10.65 -32.88
N ARG G 47 -40.26 9.85 -32.19
CA ARG G 47 -40.10 9.59 -30.76
C ARG G 47 -39.94 8.09 -30.54
N LEU G 48 -39.01 7.71 -29.68
CA LEU G 48 -38.68 6.32 -29.44
C LEU G 48 -39.58 5.73 -28.36
N LEU G 49 -40.19 4.59 -28.66
CA LEU G 49 -41.08 3.90 -27.72
C LEU G 49 -40.47 2.64 -27.15
N ILE G 50 -40.00 1.73 -28.00
CA ILE G 50 -39.43 0.45 -27.57
C ILE G 50 -38.05 0.31 -28.21
N TYR G 51 -37.05 0.00 -27.38
CA TYR G 51 -35.71 -0.31 -27.86
C TYR G 51 -35.28 -1.65 -27.29
N GLN G 52 -34.56 -2.42 -28.12
CA GLN G 52 -34.11 -3.77 -27.77
C GLN G 52 -35.29 -4.69 -27.48
N THR G 53 -36.44 -4.40 -28.09
CA THR G 53 -37.61 -5.27 -28.19
C THR G 53 -38.36 -5.38 -26.87
N ASN G 54 -37.77 -4.91 -25.77
CA ASN G 54 -38.46 -5.01 -24.49
C ASN G 54 -38.38 -3.77 -23.62
N SER G 55 -37.40 -2.90 -23.80
CA SER G 55 -37.15 -1.82 -22.85
C SER G 55 -37.83 -0.53 -23.31
N ARG G 56 -38.27 0.25 -22.32
CA ARG G 56 -38.95 1.52 -22.55
C ARG G 56 -38.10 2.66 -22.00
N PRO G 57 -37.87 3.71 -22.77
CA PRO G 57 -37.25 4.90 -22.21
C PRO G 57 -38.19 5.60 -21.24
N THR G 58 -37.61 6.36 -20.32
CA THR G 58 -38.41 7.08 -19.34
C THR G 58 -39.34 8.07 -20.03
N GLY G 59 -40.58 8.13 -19.58
CA GLY G 59 -41.58 9.01 -20.16
C GLY G 59 -42.52 8.37 -21.15
N VAL G 60 -42.49 7.04 -21.29
CA VAL G 60 -43.36 6.31 -22.20
C VAL G 60 -44.29 5.45 -21.36
N PRO G 61 -45.60 5.45 -21.62
CA PRO G 61 -46.53 4.68 -20.78
C PRO G 61 -46.27 3.18 -20.88
N SER G 62 -46.85 2.45 -19.91
CA SER G 62 -46.68 1.02 -19.82
C SER G 62 -47.63 0.24 -20.71
N ARG G 63 -48.52 0.91 -21.45
CA ARG G 63 -49.43 0.20 -22.33
C ARG G 63 -48.79 -0.22 -23.64
N PHE G 64 -47.56 0.22 -23.91
CA PHE G 64 -46.81 -0.23 -25.08
C PHE G 64 -45.94 -1.42 -24.70
N SER G 65 -46.01 -2.48 -25.51
CA SER G 65 -45.18 -3.65 -25.27
C SER G 65 -44.60 -4.12 -26.60
N GLY G 66 -43.47 -4.82 -26.51
CA GLY G 66 -42.83 -5.34 -27.70
C GLY G 66 -42.33 -6.75 -27.46
N ALA G 67 -42.30 -7.54 -28.53
CA ALA G 67 -41.88 -8.93 -28.41
C ALA G 67 -41.52 -9.46 -29.80
N ILE G 68 -41.01 -10.68 -29.83
CA ILE G 68 -40.72 -11.39 -31.06
C ILE G 68 -41.64 -12.61 -31.11
N SER G 69 -42.52 -12.64 -32.11
CA SER G 69 -43.47 -13.73 -32.27
C SER G 69 -43.10 -14.51 -33.52
N GLY G 70 -42.83 -15.81 -33.34
CA GLY G 70 -42.39 -16.64 -34.45
C GLY G 70 -41.10 -16.13 -35.06
N ASN G 71 -41.19 -15.55 -36.26
CA ASN G 71 -40.05 -14.92 -36.91
C ASN G 71 -40.38 -13.48 -37.33
N ARG G 72 -41.19 -12.79 -36.53
CA ARG G 72 -41.58 -11.41 -36.79
C ARG G 72 -41.50 -10.62 -35.49
N ALA G 73 -41.42 -9.29 -35.62
CA ALA G 73 -41.36 -8.40 -34.47
C ALA G 73 -42.72 -7.74 -34.28
N ALA G 74 -43.27 -7.84 -33.07
CA ALA G 74 -44.62 -7.39 -32.79
C ALA G 74 -44.63 -6.32 -31.71
N LEU G 75 -45.37 -5.24 -31.96
CA LEU G 75 -45.61 -4.19 -30.98
C LEU G 75 -47.10 -4.17 -30.65
N THR G 76 -47.41 -4.29 -29.36
CA THR G 76 -48.79 -4.38 -28.89
C THR G 76 -49.14 -3.13 -28.09
N ILE G 77 -50.23 -2.48 -28.48
CA ILE G 77 -50.80 -1.35 -27.77
C ILE G 77 -52.11 -1.83 -27.14
N THR G 78 -52.19 -1.76 -25.82
CA THR G 78 -53.36 -2.21 -25.07
C THR G 78 -54.03 -0.99 -24.45
N GLY G 79 -55.33 -0.84 -24.69
CA GLY G 79 -56.05 0.31 -24.20
C GLY G 79 -55.69 1.57 -24.98
N ALA G 80 -56.03 1.58 -26.27
CA ALA G 80 -55.67 2.70 -27.13
C ALA G 80 -56.40 3.96 -26.69
N GLN G 81 -55.78 5.10 -27.02
CA GLN G 81 -56.33 6.42 -26.71
C GLN G 81 -56.43 7.23 -28.01
N ALA G 82 -56.89 8.47 -27.87
CA ALA G 82 -57.07 9.31 -29.05
C ALA G 82 -55.74 9.79 -29.61
N GLU G 83 -54.77 10.08 -28.73
CA GLU G 83 -53.50 10.63 -29.17
C GLU G 83 -52.67 9.63 -29.97
N ASP G 84 -52.92 8.33 -29.80
CA ASP G 84 -52.06 7.31 -30.41
C ASP G 84 -52.16 7.27 -31.93
N GLU G 85 -53.12 7.96 -32.53
CA GLU G 85 -53.27 7.95 -33.98
C GLU G 85 -52.08 8.65 -34.63
N ALA G 86 -51.16 7.87 -35.20
CA ALA G 86 -49.93 8.40 -35.79
C ALA G 86 -49.29 7.29 -36.63
N ASP G 87 -48.05 7.54 -37.06
CA ASP G 87 -47.29 6.59 -37.84
C ASP G 87 -46.28 5.85 -36.96
N TYR G 88 -46.09 4.57 -37.24
CA TYR G 88 -45.17 3.72 -36.49
C TYR G 88 -44.11 3.17 -37.44
N PHE G 89 -42.86 3.19 -37.00
CA PHE G 89 -41.71 2.73 -37.78
C PHE G 89 -40.98 1.64 -37.01
N CYS G 90 -40.53 0.61 -37.73
CA CYS G 90 -39.71 -0.43 -37.16
C CYS G 90 -38.32 -0.38 -37.80
N GLY G 91 -37.29 -0.33 -36.96
CA GLY G 91 -35.92 -0.31 -37.43
C GLY G 91 -35.14 -1.52 -36.96
N LEU G 92 -34.58 -2.26 -37.92
CA LEU G 92 -33.88 -3.51 -37.66
C LEU G 92 -32.40 -3.36 -37.96
N TRP G 93 -31.56 -3.86 -37.06
CA TRP G 93 -30.12 -3.78 -37.20
C TRP G 93 -29.60 -5.08 -37.80
N LYS G 94 -29.61 -5.17 -39.14
CA LYS G 94 -28.98 -6.27 -39.83
C LYS G 94 -27.49 -5.96 -39.99
N SER G 95 -26.66 -6.99 -39.85
CA SER G 95 -25.21 -6.82 -39.81
C SER G 95 -24.82 -5.88 -38.69
N GLY G 96 -23.73 -5.14 -38.86
CA GLY G 96 -23.30 -4.20 -37.84
C GLY G 96 -23.07 -2.81 -38.37
N THR G 97 -23.39 -2.58 -39.65
CA THR G 97 -23.14 -1.29 -40.28
C THR G 97 -24.31 -0.80 -41.13
N ASP G 98 -25.50 -1.38 -40.98
CA ASP G 98 -26.66 -0.94 -41.73
C ASP G 98 -27.90 -1.03 -40.87
N LEU G 99 -28.76 -0.01 -40.96
CA LEU G 99 -30.01 0.06 -40.22
C LEU G 99 -31.13 0.43 -41.18
N PRO G 100 -31.67 -0.55 -41.90
CA PRO G 100 -32.81 -0.26 -42.78
C PRO G 100 -34.10 -0.14 -41.98
N PHE G 101 -34.82 0.96 -42.19
CA PHE G 101 -36.08 1.20 -41.49
C PHE G 101 -37.22 0.51 -42.24
N GLY G 102 -38.46 0.79 -41.83
CA GLY G 102 -39.63 0.24 -42.47
C GLY G 102 -40.39 1.28 -43.26
N GLY G 103 -41.43 0.80 -43.95
CA GLY G 103 -42.24 1.69 -44.76
C GLY G 103 -43.10 2.64 -43.95
N GLY G 104 -43.43 2.27 -42.72
CA GLY G 104 -44.26 3.11 -41.88
C GLY G 104 -45.73 2.73 -41.94
N THR G 105 -46.32 2.44 -40.79
CA THR G 105 -47.72 2.03 -40.71
C THR G 105 -48.53 3.09 -39.99
N HIS G 106 -49.59 3.57 -40.62
CA HIS G 106 -50.49 4.54 -40.03
C HIS G 106 -51.57 3.83 -39.22
N LEU G 107 -51.73 4.22 -37.96
CA LEU G 107 -52.69 3.60 -37.07
C LEU G 107 -53.85 4.55 -36.83
N THR G 108 -55.08 4.07 -37.05
CA THR G 108 -56.28 4.87 -36.92
C THR G 108 -57.11 4.35 -35.75
N VAL G 109 -57.46 5.24 -34.83
CA VAL G 109 -58.27 4.92 -33.67
C VAL G 109 -59.67 5.46 -33.96
N LEU G 110 -60.60 4.57 -34.29
CA LEU G 110 -61.96 4.98 -34.62
C LEU G 110 -62.71 5.48 -33.39
N GLY H 118 -14.28 -38.04 38.15
CA GLY H 118 -15.39 -37.13 37.91
C GLY H 118 -15.11 -35.72 38.38
N PHE H 119 -15.43 -34.75 37.53
CA PHE H 119 -15.24 -33.34 37.85
C PHE H 119 -16.47 -32.53 37.43
N GLU H 120 -16.93 -31.66 38.31
CA GLU H 120 -18.06 -30.78 38.04
C GLU H 120 -17.65 -29.35 38.34
N TYR H 121 -17.93 -28.44 37.41
CA TYR H 121 -17.54 -27.05 37.53
C TYR H 121 -18.71 -26.27 38.14
N ASN H 122 -18.64 -26.02 39.44
CA ASN H 122 -19.63 -25.20 40.12
C ASN H 122 -19.06 -23.82 40.43
N LYS H 123 -19.96 -22.91 40.81
CA LYS H 123 -19.66 -21.48 40.89
C LYS H 123 -19.58 -21.02 42.33
N VAL H 124 -18.78 -19.98 42.56
CA VAL H 124 -18.65 -19.34 43.86
C VAL H 124 -18.86 -17.84 43.68
N ARG H 125 -19.60 -17.24 44.62
CA ARG H 125 -19.95 -15.83 44.57
C ARG H 125 -18.98 -15.00 45.40
N PRO H 126 -18.79 -13.72 45.05
CA PRO H 126 -17.90 -12.86 45.84
C PRO H 126 -18.43 -12.67 47.26
N HIS H 127 -17.52 -12.74 48.23
CA HIS H 127 -17.92 -12.56 49.62
C HIS H 127 -18.13 -11.09 49.96
N THR H 128 -17.36 -10.19 49.35
CA THR H 128 -17.46 -8.78 49.69
C THR H 128 -18.80 -8.19 49.26
N GLY H 129 -19.19 -8.40 48.00
CA GLY H 129 -20.44 -7.89 47.51
C GLY H 129 -20.29 -6.67 46.61
N THR H 130 -20.69 -6.80 45.34
CA THR H 130 -20.65 -5.76 44.34
C THR H 130 -19.25 -5.14 44.22
N PRO H 131 -18.27 -5.86 43.68
CA PRO H 131 -16.92 -5.30 43.54
C PRO H 131 -16.87 -4.05 42.68
N THR H 132 -15.79 -3.27 42.83
CA THR H 132 -15.55 -2.08 42.04
C THR H 132 -14.12 -2.11 41.51
N LEU H 133 -13.84 -1.27 40.52
CA LEU H 133 -12.54 -1.24 39.87
C LEU H 133 -11.57 -0.43 40.72
N GLY H 134 -10.73 -1.11 41.50
CA GLY H 134 -9.70 -0.44 42.26
C GLY H 134 -9.74 -0.72 43.75
N ASN H 135 -10.50 -1.75 44.14
CA ASN H 135 -10.68 -2.09 45.54
C ASN H 135 -10.56 -3.60 45.72
N LYS H 136 -10.30 -4.00 46.97
CA LYS H 136 -10.07 -5.40 47.29
C LYS H 136 -11.32 -6.24 47.01
N LEU H 137 -11.09 -7.48 46.62
CA LEU H 137 -12.13 -8.44 46.29
C LEU H 137 -11.79 -9.75 46.98
N THR H 138 -12.81 -10.43 47.50
CA THR H 138 -12.58 -11.63 48.30
C THR H 138 -13.48 -12.76 47.85
N PHE H 139 -12.91 -13.96 47.75
CA PHE H 139 -13.67 -15.19 47.55
C PHE H 139 -13.44 -16.12 48.73
N GLY H 140 -14.49 -16.85 49.09
CA GLY H 140 -14.41 -17.86 50.13
C GLY H 140 -14.55 -19.26 49.58
N ILE H 141 -13.51 -20.06 49.69
CA ILE H 141 -13.48 -21.40 49.09
C ILE H 141 -14.25 -22.38 49.96
N PRO H 142 -15.30 -23.00 49.45
CA PRO H 142 -15.97 -24.07 50.19
C PRO H 142 -15.42 -25.45 49.84
N GLN H 143 -15.63 -26.39 50.76
CA GLN H 143 -15.21 -27.77 50.58
C GLN H 143 -16.35 -28.55 49.94
N TYR H 144 -16.34 -28.65 48.61
CA TYR H 144 -17.34 -29.39 47.86
C TYR H 144 -16.84 -30.73 47.37
N GLY H 145 -15.60 -30.80 46.87
CA GLY H 145 -14.99 -32.02 46.43
C GLY H 145 -13.81 -32.41 47.30
N ASP H 146 -13.37 -33.65 47.13
CA ASP H 146 -12.24 -34.15 47.91
C ASP H 146 -10.94 -33.46 47.50
N PHE H 147 -10.89 -32.90 46.29
CA PHE H 147 -9.75 -32.13 45.82
C PHE H 147 -10.27 -30.97 44.96
N PHE H 148 -9.46 -29.92 44.85
CA PHE H 148 -9.70 -28.88 43.86
C PHE H 148 -8.43 -28.67 43.04
N HIS H 149 -8.61 -28.44 41.74
CA HIS H 149 -7.51 -28.49 40.79
C HIS H 149 -7.12 -27.12 40.24
N ASP H 150 -8.06 -26.38 39.67
CA ASP H 150 -7.74 -25.11 39.02
C ASP H 150 -8.79 -24.06 39.37
N MET H 151 -8.36 -22.81 39.33
CA MET H 151 -9.22 -21.66 39.66
C MET H 151 -9.32 -20.76 38.43
N VAL H 152 -10.55 -20.40 38.08
CA VAL H 152 -10.80 -19.48 36.97
C VAL H 152 -11.75 -18.40 37.46
N GLY H 153 -11.37 -17.14 37.24
CA GLY H 153 -12.22 -16.01 37.57
C GLY H 153 -12.86 -15.45 36.30
N HIS H 154 -14.17 -15.30 36.33
CA HIS H 154 -14.95 -14.79 35.21
C HIS H 154 -15.53 -13.43 35.59
N HIS H 155 -15.23 -12.43 34.76
CA HIS H 155 -15.74 -11.08 34.94
C HIS H 155 -16.26 -10.54 33.62
N ILE H 156 -17.17 -9.58 33.69
CA ILE H 156 -17.75 -8.95 32.49
C ILE H 156 -17.69 -7.44 32.70
N LEU H 157 -16.68 -6.80 32.11
CA LEU H 157 -16.57 -5.35 32.15
C LEU H 157 -17.62 -4.72 31.24
N GLY H 158 -18.23 -3.64 31.70
CA GLY H 158 -19.31 -3.00 30.99
C GLY H 158 -18.84 -2.14 29.84
N ALA H 159 -19.81 -1.47 29.22
CA ALA H 159 -19.55 -0.66 28.05
C ALA H 159 -18.84 0.64 28.44
N CYS H 160 -18.17 1.23 27.45
CA CYS H 160 -17.40 2.46 27.65
C CYS H 160 -17.69 3.43 26.53
N HIS H 161 -17.52 4.71 26.83
CA HIS H 161 -17.57 5.79 25.84
C HIS H 161 -17.04 7.04 26.52
N SER H 162 -16.92 8.12 25.75
CA SER H 162 -16.39 9.39 26.24
C SER H 162 -17.49 10.44 26.20
N SER H 163 -17.16 11.62 26.71
CA SER H 163 -18.12 12.71 26.77
C SER H 163 -17.94 13.66 25.59
N TRP H 164 -19.02 14.36 25.26
CA TRP H 164 -19.00 15.32 24.17
C TRP H 164 -18.15 16.54 24.53
N GLN H 165 -17.55 17.15 23.51
CA GLN H 165 -16.68 18.30 23.70
C GLN H 165 -16.96 19.33 22.62
N ASP H 166 -16.38 20.51 22.80
CA ASP H 166 -16.61 21.65 21.92
C ASP H 166 -15.46 21.82 20.94
N ALA H 167 -15.79 22.27 19.74
CA ALA H 167 -14.76 22.57 18.76
C ALA H 167 -14.06 23.88 19.10
N PRO H 168 -12.75 23.96 18.87
CA PRO H 168 -12.01 25.18 19.22
C PRO H 168 -12.26 26.31 18.24
N ILE H 169 -11.77 27.49 18.61
CA ILE H 169 -11.80 28.68 17.75
C ILE H 169 -10.39 28.89 17.22
N GLN H 170 -10.29 29.29 15.95
CA GLN H 170 -8.99 29.44 15.31
C GLN H 170 -8.11 30.44 16.06
N GLY H 171 -6.87 30.04 16.32
CA GLY H 171 -5.95 30.84 17.10
C GLY H 171 -5.83 30.45 18.55
N THR H 172 -6.50 29.38 18.97
CA THR H 172 -6.54 28.99 20.37
C THR H 172 -5.43 28.02 20.71
N SER H 173 -4.84 28.20 21.90
CA SER H 173 -3.89 27.25 22.45
C SER H 173 -4.39 26.80 23.82
N GLN H 174 -4.38 25.49 24.05
CA GLN H 174 -4.90 24.92 25.27
C GLN H 174 -3.90 23.89 25.80
N MET H 175 -4.02 23.57 27.09
CA MET H 175 -3.08 22.71 27.76
C MET H 175 -3.58 21.28 27.66
N GLY H 176 -2.87 20.44 26.90
CA GLY H 176 -3.28 19.08 26.66
C GLY H 176 -2.78 18.10 27.71
N ALA H 177 -2.73 16.84 27.34
CA ALA H 177 -2.32 15.79 28.25
C ALA H 177 -0.80 15.62 28.25
N HIS H 178 -0.29 15.05 29.35
CA HIS H 178 1.14 14.77 29.52
C HIS H 178 2.00 16.02 29.37
N GLY H 179 1.45 17.17 29.73
CA GLY H 179 2.19 18.42 29.63
C GLY H 179 2.51 18.85 28.21
N GLN H 180 1.61 18.59 27.27
CA GLN H 180 1.78 18.99 25.87
C GLN H 180 0.77 20.08 25.53
N LEU H 181 1.23 21.07 24.77
CA LEU H 181 0.39 22.22 24.42
C LEU H 181 -0.24 21.99 23.05
N GLN H 182 -1.57 21.95 23.02
CA GLN H 182 -2.31 21.81 21.76
C GLN H 182 -2.62 23.20 21.22
N THR H 183 -2.58 23.34 19.91
CA THR H 183 -2.76 24.64 19.28
C THR H 183 -3.52 24.50 17.97
N PHE H 184 -4.21 25.59 17.60
CA PHE H 184 -4.98 25.68 16.36
C PHE H 184 -4.51 26.95 15.69
N PRO H 185 -3.45 26.88 14.87
CA PRO H 185 -2.77 28.09 14.40
C PRO H 185 -3.63 28.91 13.45
N ARG H 186 -3.25 30.18 13.32
CA ARG H 186 -3.88 31.10 12.39
C ARG H 186 -3.37 30.88 10.98
N ASN H 187 -3.98 31.57 10.02
CA ASN H 187 -3.58 31.44 8.63
C ASN H 187 -2.25 32.16 8.40
N GLY H 188 -1.30 31.46 7.78
CA GLY H 188 -0.01 32.04 7.50
C GLY H 188 1.03 31.87 8.58
N TYR H 189 0.85 30.93 9.51
CA TYR H 189 1.79 30.69 10.58
C TYR H 189 2.05 29.20 10.71
N ASP H 190 3.18 28.88 11.34
CA ASP H 190 3.60 27.50 11.52
C ASP H 190 2.80 26.87 12.66
N TRP H 191 3.18 25.66 13.06
CA TRP H 191 2.45 24.95 14.11
C TRP H 191 2.56 25.61 15.47
N ASP H 192 3.52 26.52 15.67
CA ASP H 192 3.71 27.19 16.95
C ASP H 192 2.98 28.52 17.04
N ASN H 193 2.27 28.92 15.98
CA ASN H 193 1.48 30.15 15.95
C ASN H 193 2.32 31.41 16.13
N GLN H 194 3.63 31.31 15.94
CA GLN H 194 4.51 32.48 16.09
C GLN H 194 5.40 32.68 14.87
N THR H 195 5.87 31.59 14.26
CA THR H 195 6.78 31.68 13.14
C THR H 195 6.00 31.81 11.84
N PRO H 196 6.21 32.86 11.05
CA PRO H 196 5.43 33.02 9.82
C PRO H 196 5.68 31.91 8.82
N LEU H 197 4.64 31.59 8.06
CA LEU H 197 4.71 30.63 6.97
C LEU H 197 3.92 31.20 5.80
N GLU H 198 4.27 30.80 4.58
CA GLU H 198 3.77 31.52 3.40
C GLU H 198 2.27 31.32 3.21
N GLY H 199 1.84 30.08 2.97
CA GLY H 199 0.46 29.87 2.57
C GLY H 199 -0.30 28.78 3.31
N ALA H 200 -0.06 28.65 4.61
CA ALA H 200 -0.72 27.62 5.40
C ALA H 200 -2.16 28.00 5.71
N VAL H 201 -3.06 27.04 5.59
CA VAL H 201 -4.48 27.21 5.91
C VAL H 201 -4.90 26.01 6.76
N TYR H 202 -5.58 26.28 7.87
CA TYR H 202 -5.90 25.25 8.85
C TYR H 202 -7.40 25.09 9.00
N THR H 203 -7.87 23.84 8.94
CA THR H 203 -9.27 23.49 9.17
C THR H 203 -9.32 22.34 10.17
N LEU H 204 -10.53 21.86 10.45
CA LEU H 204 -10.77 20.81 11.43
C LEU H 204 -11.45 19.62 10.75
N VAL H 205 -11.07 18.40 11.14
CA VAL H 205 -11.62 17.18 10.55
C VAL H 205 -11.74 16.10 11.63
N ASP H 206 -12.53 15.08 11.30
CA ASP H 206 -12.62 13.85 12.08
C ASP H 206 -11.40 12.97 11.79
N PRO H 207 -11.22 11.90 12.56
CA PRO H 207 -10.18 10.92 12.21
C PRO H 207 -10.42 10.24 10.88
N PHE H 208 -11.64 10.31 10.34
CA PHE H 208 -11.98 9.67 9.07
C PHE H 208 -12.14 10.69 7.94
N GLY H 209 -11.82 11.95 8.18
CA GLY H 209 -11.90 12.98 7.15
C GLY H 209 -13.19 13.74 7.08
N ARG H 210 -14.12 13.52 7.99
CA ARG H 210 -15.40 14.22 7.97
C ARG H 210 -15.27 15.58 8.65
N PRO H 211 -15.65 16.67 8.00
CA PRO H 211 -15.36 18.00 8.52
C PRO H 211 -16.16 18.34 9.77
N ILE H 212 -15.65 19.34 10.50
CA ILE H 212 -16.30 19.89 11.69
C ILE H 212 -16.19 21.40 11.65
N VAL H 213 -17.27 22.09 12.00
CA VAL H 213 -17.31 23.55 12.02
C VAL H 213 -16.79 24.06 13.36
N PRO H 214 -15.85 25.00 13.38
CA PRO H 214 -15.34 25.51 14.65
C PRO H 214 -16.41 26.19 15.48
N GLY H 215 -16.32 26.03 16.80
CA GLY H 215 -17.22 26.68 17.74
C GLY H 215 -18.48 25.91 18.04
N THR H 216 -18.74 24.81 17.35
CA THR H 216 -19.97 24.06 17.57
C THR H 216 -19.94 23.37 18.94
N LYS H 217 -21.01 23.54 19.70
CA LYS H 217 -21.14 22.88 20.99
C LYS H 217 -21.46 21.41 20.80
N ASN H 218 -20.82 20.55 21.59
CA ASN H 218 -21.00 19.11 21.52
C ASN H 218 -20.77 18.59 20.09
N ALA H 219 -19.55 18.80 19.61
CA ALA H 219 -19.23 18.52 18.21
C ALA H 219 -18.52 17.19 17.98
N TYR H 220 -17.79 16.68 18.96
CA TYR H 220 -17.00 15.47 18.74
C TYR H 220 -16.83 14.74 20.06
N ARG H 221 -16.40 13.48 19.96
CA ARG H 221 -16.06 12.66 21.11
C ARG H 221 -14.72 12.00 20.86
N ASN H 222 -13.95 11.80 21.92
CA ASN H 222 -12.73 11.01 21.80
C ASN H 222 -13.08 9.54 21.67
N LEU H 223 -12.14 8.77 21.14
CA LEU H 223 -12.32 7.33 21.00
C LEU H 223 -11.66 6.62 22.17
N VAL H 224 -12.14 5.43 22.49
CA VAL H 224 -11.64 4.69 23.65
C VAL H 224 -11.12 3.34 23.20
N TYR H 225 -10.00 2.91 23.80
CA TYR H 225 -9.46 1.58 23.58
C TYR H 225 -8.96 1.03 24.90
N TYR H 226 -8.55 -0.24 24.88
CA TYR H 226 -8.11 -0.94 26.07
C TYR H 226 -6.60 -1.09 26.08
N CYS H 227 -6.08 -1.63 27.18
CA CYS H 227 -4.68 -2.00 27.27
C CYS H 227 -4.42 -3.30 26.52
N GLU H 228 -3.14 -3.61 26.35
CA GLU H 228 -2.76 -4.89 25.78
C GLU H 228 -2.79 -5.95 26.86
N TYR H 229 -3.46 -7.08 26.56
CA TYR H 229 -3.71 -8.13 27.53
C TYR H 229 -4.43 -7.57 28.75
N PRO H 230 -5.63 -7.01 28.61
CA PRO H 230 -6.31 -6.44 29.78
C PRO H 230 -6.64 -7.45 30.86
N GLY H 231 -6.69 -8.74 30.52
CA GLY H 231 -6.96 -9.75 31.51
C GLY H 231 -5.82 -10.08 32.43
N GLU H 232 -4.64 -9.53 32.17
CA GLU H 232 -3.48 -9.74 33.03
C GLU H 232 -3.21 -8.56 33.95
N ARG H 233 -3.56 -7.35 33.53
CA ARG H 233 -3.43 -6.19 34.40
C ARG H 233 -4.53 -6.10 35.45
N LEU H 234 -5.65 -6.80 35.25
CA LEU H 234 -6.77 -6.69 36.17
C LEU H 234 -6.40 -7.19 37.56
N TYR H 235 -5.72 -8.33 37.65
CA TYR H 235 -5.34 -8.90 38.94
C TYR H 235 -3.96 -8.38 39.29
N GLU H 236 -3.91 -7.18 39.89
CA GLU H 236 -2.65 -6.57 40.27
C GLU H 236 -1.97 -7.29 41.42
N ASN H 237 -2.72 -8.05 42.22
CA ASN H 237 -2.15 -8.77 43.36
C ASN H 237 -3.08 -9.88 43.79
N VAL H 238 -2.56 -11.09 43.95
CA VAL H 238 -3.36 -12.26 44.31
C VAL H 238 -2.74 -12.89 45.54
N ARG H 239 -3.55 -13.10 46.58
CA ARG H 239 -3.08 -13.71 47.82
C ARG H 239 -4.02 -14.85 48.22
N PHE H 240 -3.43 -15.94 48.71
CA PHE H 240 -4.15 -17.08 49.23
C PHE H 240 -3.93 -17.12 50.73
N ASP H 241 -4.97 -16.83 51.50
CA ASP H 241 -4.85 -16.68 52.94
C ASP H 241 -5.58 -17.82 53.66
N VAL H 242 -4.99 -18.28 54.76
CA VAL H 242 -5.61 -19.26 55.64
C VAL H 242 -5.53 -18.69 57.05
N ASN H 243 -6.56 -17.94 57.45
CA ASN H 243 -6.55 -17.19 58.70
C ASN H 243 -5.27 -16.36 58.82
N GLY H 244 -5.06 -15.53 57.80
CA GLY H 244 -3.76 -14.89 57.65
C GLY H 244 -2.75 -15.90 57.12
N ASN H 245 -1.47 -15.60 57.34
CA ASN H 245 -0.36 -16.48 56.98
C ASN H 245 -0.43 -16.84 55.50
N SER H 246 -0.23 -15.82 54.67
CA SER H 246 -0.35 -15.95 53.22
C SER H 246 0.58 -17.04 52.68
N LEU H 247 -0.01 -18.13 52.18
CA LEU H 247 0.79 -19.22 51.65
C LEU H 247 1.49 -18.84 50.36
N ASP H 248 0.82 -18.07 49.51
CA ASP H 248 1.40 -17.66 48.24
C ASP H 248 0.91 -16.26 47.88
N GLU H 249 1.71 -15.56 47.08
CA GLU H 249 1.38 -14.20 46.67
C GLU H 249 2.23 -13.78 45.48
N TYR H 250 1.59 -13.33 44.41
CA TYR H 250 2.30 -12.84 43.23
C TYR H 250 1.62 -11.58 42.73
N SER H 251 2.19 -11.01 41.68
CA SER H 251 1.74 -9.74 41.13
C SER H 251 1.42 -9.91 39.64
N SER H 252 1.21 -8.78 38.96
CA SER H 252 0.98 -8.77 37.52
C SER H 252 2.27 -8.72 36.73
N ASP H 253 3.40 -9.10 37.33
CA ASP H 253 4.67 -9.23 36.64
C ASP H 253 5.11 -10.66 36.47
N VAL H 254 4.79 -11.54 37.42
CA VAL H 254 5.08 -12.96 37.26
C VAL H 254 4.27 -13.54 36.12
N THR H 255 3.03 -13.07 35.95
CA THR H 255 2.18 -13.57 34.87
C THR H 255 2.77 -13.24 33.50
N THR H 256 3.37 -12.05 33.36
CA THR H 256 4.03 -11.71 32.10
C THR H 256 5.20 -12.65 31.83
N LEU H 257 5.97 -12.98 32.86
CA LEU H 257 7.07 -13.92 32.69
C LEU H 257 6.57 -15.31 32.28
N VAL H 258 5.50 -15.78 32.92
CA VAL H 258 5.03 -17.12 32.57
C VAL H 258 4.46 -17.13 31.15
N ARG H 259 3.82 -16.05 30.70
CA ARG H 259 3.32 -16.07 29.32
C ARG H 259 4.46 -15.94 28.32
N LYS H 260 5.53 -15.24 28.69
CA LYS H 260 6.65 -15.12 27.77
C LYS H 260 7.55 -16.35 27.75
N PHE H 261 7.48 -17.23 28.75
CA PHE H 261 8.35 -18.39 28.79
C PHE H 261 7.60 -19.72 28.67
N CYS H 262 6.64 -19.99 29.54
CA CYS H 262 6.12 -21.33 29.73
C CYS H 262 4.84 -21.64 28.96
N ILE H 263 4.35 -20.72 28.13
CA ILE H 263 3.17 -21.00 27.32
C ILE H 263 3.62 -21.59 25.99
N PRO H 264 3.07 -22.73 25.57
CA PRO H 264 3.66 -23.48 24.44
C PRO H 264 3.74 -22.70 23.14
N GLY H 265 2.81 -21.78 22.88
CA GLY H 265 2.76 -21.08 21.62
C GLY H 265 1.85 -21.75 20.61
N ASP H 266 1.70 -23.07 20.69
CA ASP H 266 0.63 -23.75 19.95
C ASP H 266 -0.73 -23.36 20.48
N LYS H 267 -0.81 -23.06 21.78
CA LYS H 267 -2.05 -22.70 22.46
C LYS H 267 -2.14 -21.22 22.77
N MET H 268 -1.65 -20.36 21.86
CA MET H 268 -1.66 -18.93 22.10
C MET H 268 -2.93 -18.26 21.63
N THR H 269 -3.63 -18.80 20.64
CA THR H 269 -4.88 -18.20 20.19
C THR H 269 -5.93 -18.25 21.30
N GLY H 270 -6.06 -19.40 21.96
CA GLY H 270 -7.00 -19.50 23.06
C GLY H 270 -6.65 -18.58 24.21
N TYR H 271 -5.37 -18.51 24.56
CA TYR H 271 -4.96 -17.62 25.64
C TYR H 271 -5.24 -16.16 25.30
N LYS H 272 -4.96 -15.76 24.07
CA LYS H 272 -5.25 -14.38 23.67
C LYS H 272 -6.75 -14.12 23.57
N HIS H 273 -7.56 -15.17 23.39
CA HIS H 273 -9.01 -14.98 23.46
C HIS H 273 -9.50 -14.84 24.90
N LEU H 274 -8.90 -15.58 25.83
CA LEU H 274 -9.36 -15.55 27.21
C LEU H 274 -9.11 -14.19 27.87
N VAL H 275 -7.93 -13.61 27.64
CA VAL H 275 -7.56 -12.36 28.29
C VAL H 275 -7.95 -11.13 27.47
N GLY H 276 -8.77 -11.31 26.44
CA GLY H 276 -9.23 -10.18 25.65
C GLY H 276 -8.17 -9.46 24.85
N GLN H 277 -7.27 -10.20 24.21
CA GLN H 277 -6.29 -9.63 23.31
C GLN H 277 -6.69 -9.92 21.88
N GLU H 278 -6.63 -8.92 21.02
CA GLU H 278 -7.10 -9.06 19.65
C GLU H 278 -6.13 -9.90 18.82
N VAL H 279 -6.67 -10.54 17.78
CA VAL H 279 -5.90 -11.32 16.83
C VAL H 279 -6.21 -10.79 15.43
N SER H 280 -5.23 -10.90 14.54
CA SER H 280 -5.38 -10.35 13.20
C SER H 280 -6.09 -11.33 12.27
N VAL H 281 -6.84 -10.78 11.33
CA VAL H 281 -7.61 -11.55 10.35
C VAL H 281 -7.03 -11.27 8.97
N GLU H 282 -6.93 -12.33 8.17
CA GLU H 282 -6.27 -12.30 6.87
C GLU H 282 -7.30 -12.08 5.76
N GLY H 283 -6.86 -11.38 4.71
CA GLY H 283 -7.69 -11.12 3.55
C GLY H 283 -6.84 -11.08 2.30
N THR H 284 -7.51 -11.14 1.15
CA THR H 284 -6.85 -11.23 -0.13
C THR H 284 -7.41 -10.20 -1.09
N SER H 285 -6.72 -10.01 -2.21
CA SER H 285 -7.12 -9.07 -3.25
C SER H 285 -7.42 -9.83 -4.54
N GLY H 286 -7.71 -9.08 -5.60
CA GLY H 286 -7.96 -9.64 -6.90
C GLY H 286 -6.69 -10.11 -7.56
N PRO H 287 -6.81 -10.85 -8.66
CA PRO H 287 -5.62 -11.31 -9.38
C PRO H 287 -4.84 -10.14 -9.97
N LEU H 288 -3.52 -10.32 -10.04
CA LEU H 288 -2.61 -9.31 -10.53
C LEU H 288 -1.55 -9.96 -11.41
N LEU H 289 -1.00 -9.18 -12.33
CA LEU H 289 -0.03 -9.67 -13.30
C LEU H 289 1.40 -9.45 -12.82
N CYS H 290 2.27 -10.39 -13.17
CA CYS H 290 3.67 -10.34 -12.79
C CYS H 290 4.54 -10.78 -13.96
N ASN H 291 5.78 -10.28 -13.98
CA ASN H 291 6.76 -10.63 -15.00
C ASN H 291 7.92 -11.37 -14.31
N ILE H 292 7.98 -12.68 -14.52
CA ILE H 292 9.00 -13.52 -13.92
C ILE H 292 10.33 -13.37 -14.67
N HIS H 293 11.43 -13.51 -13.94
CA HIS H 293 12.76 -13.51 -14.52
C HIS H 293 13.53 -14.75 -14.06
N ASP H 294 14.36 -15.26 -14.96
CA ASP H 294 15.18 -16.43 -14.68
C ASP H 294 16.57 -16.23 -15.29
N LEU H 295 17.56 -16.88 -14.68
CA LEU H 295 18.93 -16.82 -15.16
C LEU H 295 19.59 -18.20 -15.16
N TYR H 350 8.31 -13.95 -19.41
CA TYR H 350 7.31 -14.80 -18.78
C TYR H 350 6.33 -13.94 -17.97
N LEU H 351 5.12 -14.46 -17.78
CA LEU H 351 4.08 -13.75 -17.05
C LEU H 351 3.40 -14.71 -16.09
N ASP H 352 2.80 -14.16 -15.03
CA ASP H 352 2.14 -14.98 -14.03
C ASP H 352 1.03 -14.16 -13.37
N ILE H 353 0.16 -14.86 -12.65
CA ILE H 353 -0.95 -14.25 -11.94
C ILE H 353 -0.80 -14.56 -10.46
N ARG H 354 -0.84 -13.51 -9.62
CA ARG H 354 -0.61 -13.65 -8.19
C ARG H 354 -1.61 -12.80 -7.42
N ARG H 355 -1.72 -13.08 -6.12
CA ARG H 355 -2.60 -12.36 -5.22
C ARG H 355 -1.80 -11.74 -4.09
N ASN H 356 -2.31 -10.63 -3.55
CA ASN H 356 -1.73 -10.00 -2.38
C ASN H 356 -2.48 -10.42 -1.13
N VAL H 357 -1.76 -10.44 -0.01
CA VAL H 357 -2.30 -10.86 1.28
C VAL H 357 -2.15 -9.73 2.28
N HIS H 358 -3.26 -9.38 2.94
CA HIS H 358 -3.27 -8.29 3.91
C HIS H 358 -3.85 -8.79 5.23
N TYR H 359 -3.61 -8.02 6.30
CA TYR H 359 -4.08 -8.36 7.63
C TYR H 359 -4.76 -7.15 8.25
N SER H 360 -5.69 -7.41 9.17
CA SER H 360 -6.40 -6.35 9.85
C SER H 360 -6.72 -6.79 11.27
N CYS H 361 -7.19 -5.84 12.09
CA CYS H 361 -7.57 -6.10 13.47
C CYS H 361 -8.87 -5.37 13.80
N ASN H 362 -9.67 -5.98 14.69
CA ASN H 362 -10.95 -5.39 15.08
C ASN H 362 -11.26 -5.61 16.56
N GLY H 363 -10.26 -5.87 17.39
CA GLY H 363 -10.50 -6.26 18.76
C GLY H 363 -10.69 -5.10 19.72
N PRO H 364 -10.62 -5.39 21.01
CA PRO H 364 -10.77 -4.33 22.02
C PRO H 364 -9.73 -3.23 21.93
N GLN H 365 -8.53 -3.54 21.43
CA GLN H 365 -7.45 -2.56 21.40
C GLN H 365 -7.56 -1.57 20.25
N THR H 366 -8.48 -1.78 19.32
CA THR H 366 -8.69 -0.81 18.26
C THR H 366 -9.56 0.34 18.77
N PRO H 367 -9.12 1.59 18.60
CA PRO H 367 -9.94 2.71 19.07
C PRO H 367 -11.31 2.73 18.41
N LYS H 368 -12.35 2.75 19.24
CA LYS H 368 -13.72 2.76 18.79
C LYS H 368 -14.50 3.82 19.56
N TYR H 369 -15.59 4.29 18.94
CA TYR H 369 -16.46 5.23 19.62
C TYR H 369 -17.13 4.60 20.83
N TYR H 370 -17.54 3.34 20.70
CA TYR H 370 -18.28 2.64 21.75
C TYR H 370 -17.70 1.24 21.89
N GLN H 371 -17.22 0.89 23.08
CA GLN H 371 -16.61 -0.40 23.33
C GLN H 371 -17.64 -1.34 23.94
N PRO H 372 -17.98 -2.45 23.29
CA PRO H 372 -18.98 -3.37 23.84
C PRO H 372 -18.46 -4.05 25.10
N PRO H 373 -19.33 -4.67 25.89
CA PRO H 373 -18.88 -5.34 27.11
C PRO H 373 -17.85 -6.42 26.81
N LEU H 374 -16.89 -6.56 27.72
CA LEU H 374 -15.75 -7.45 27.53
C LEU H 374 -15.77 -8.54 28.59
N ALA H 375 -15.76 -9.80 28.15
CA ALA H 375 -15.74 -10.94 29.06
C ALA H 375 -14.31 -11.42 29.24
N LEU H 376 -13.88 -11.56 30.51
CA LEU H 376 -12.52 -11.96 30.84
C LEU H 376 -12.55 -13.22 31.70
N TRP H 377 -11.76 -14.21 31.29
CA TRP H 377 -11.47 -15.39 32.09
C TRP H 377 -10.00 -15.35 32.46
N ILE H 378 -9.71 -15.43 33.76
CA ILE H 378 -8.35 -15.31 34.27
C ILE H 378 -8.04 -16.52 35.13
N LYS H 379 -6.96 -17.22 34.83
CA LYS H 379 -6.60 -18.43 35.55
C LYS H 379 -5.68 -18.08 36.72
N LEU H 380 -5.93 -18.70 37.87
CA LEU H 380 -5.12 -18.46 39.07
C LEU H 380 -4.05 -19.55 39.18
N ARG H 381 -2.81 -19.14 39.37
CA ARG H 381 -1.65 -20.02 39.29
C ARG H 381 -1.02 -20.15 40.68
N PHE H 382 -1.37 -21.22 41.38
CA PHE H 382 -0.72 -21.60 42.63
C PHE H 382 0.08 -22.88 42.40
N TRP H 383 1.00 -23.16 43.33
CA TRP H 383 1.98 -24.22 43.11
C TRP H 383 1.32 -25.57 42.92
N PHE H 384 0.14 -25.79 43.51
CA PHE H 384 -0.56 -27.06 43.37
C PHE H 384 -1.45 -27.14 42.14
N ASN H 385 -1.65 -26.02 41.43
CA ASN H 385 -2.51 -26.03 40.25
C ASN H 385 -1.77 -26.46 38.98
N GLU H 386 -0.45 -26.62 39.04
CA GLU H 386 0.32 -26.92 37.84
C GLU H 386 -0.06 -28.28 37.27
N ASN H 387 -0.21 -29.29 38.11
CA ASN H 387 -0.47 -30.64 37.67
C ASN H 387 -1.70 -31.21 38.37
N VAL H 388 -2.38 -32.14 37.68
CA VAL H 388 -3.56 -32.78 38.24
C VAL H 388 -3.22 -33.66 39.44
N ASN H 389 -2.01 -34.18 39.51
CA ASN H 389 -1.59 -35.04 40.62
C ASN H 389 -1.06 -34.26 41.82
N LEU H 390 -0.84 -32.96 41.68
CA LEU H 390 -0.27 -32.15 42.74
C LEU H 390 -1.29 -31.24 43.43
N ALA H 391 -2.55 -31.28 43.00
CA ALA H 391 -3.57 -30.43 43.61
C ALA H 391 -3.77 -30.81 45.07
N ILE H 392 -3.80 -29.80 45.94
CA ILE H 392 -3.94 -30.01 47.38
C ILE H 392 -5.39 -30.40 47.69
N PRO H 393 -5.63 -31.16 48.75
CA PRO H 393 -7.01 -31.50 49.12
C PRO H 393 -7.72 -30.31 49.74
N SER H 394 -9.05 -30.44 49.83
CA SER H 394 -9.88 -29.43 50.46
C SER H 394 -10.10 -29.69 51.94
N VAL H 395 -9.57 -30.79 52.47
CA VAL H 395 -9.74 -31.15 53.88
C VAL H 395 -8.45 -30.97 54.67
N SER H 396 -7.36 -30.58 54.01
CA SER H 396 -6.07 -30.50 54.68
C SER H 396 -6.07 -29.44 55.78
N ILE H 397 -6.80 -28.35 55.57
CA ILE H 397 -6.75 -27.21 56.49
C ILE H 397 -8.20 -26.87 56.81
N PRO H 398 -8.50 -26.40 58.04
CA PRO H 398 -9.90 -26.24 58.43
C PRO H 398 -10.74 -25.42 57.46
N PHE H 399 -12.04 -25.73 57.43
CA PHE H 399 -12.92 -25.31 56.35
C PHE H 399 -13.06 -23.80 56.27
N GLY H 400 -13.23 -23.12 57.40
CA GLY H 400 -13.58 -21.72 57.38
C GLY H 400 -12.45 -20.74 57.20
N GLU H 401 -11.22 -21.22 57.01
CA GLU H 401 -10.06 -20.34 56.98
C GLU H 401 -9.58 -20.00 55.57
N ARG H 402 -10.03 -20.73 54.55
CA ARG H 402 -9.54 -20.51 53.19
C ARG H 402 -10.16 -19.25 52.61
N PHE H 403 -9.32 -18.36 52.08
CA PHE H 403 -9.80 -17.15 51.43
C PHE H 403 -8.85 -16.77 50.29
N ILE H 404 -9.41 -16.14 49.27
CA ILE H 404 -8.65 -15.62 48.14
C ILE H 404 -8.88 -14.12 48.07
N THR H 405 -7.80 -13.34 48.07
CA THR H 405 -7.86 -11.89 48.06
C THR H 405 -7.22 -11.37 46.78
N ILE H 406 -7.89 -10.43 46.11
CA ILE H 406 -7.41 -9.89 44.85
C ILE H 406 -7.53 -8.37 44.88
N LYS H 407 -6.49 -7.67 44.48
CA LYS H 407 -6.51 -6.21 44.40
C LYS H 407 -6.66 -5.82 42.93
N LEU H 408 -7.88 -5.48 42.55
CA LEU H 408 -8.15 -5.13 41.15
C LEU H 408 -7.50 -3.80 40.79
N ALA H 409 -7.06 -3.69 39.54
CA ALA H 409 -6.44 -2.48 39.04
C ALA H 409 -7.47 -1.38 38.85
N SER H 410 -6.99 -0.14 38.86
CA SER H 410 -7.86 1.02 38.72
C SER H 410 -8.33 1.17 37.29
N GLN H 411 -9.38 1.98 37.11
CA GLN H 411 -9.96 2.18 35.79
C GLN H 411 -9.01 2.90 34.86
N LYS H 412 -8.25 3.87 35.36
CA LYS H 412 -7.34 4.64 34.52
C LYS H 412 -6.15 3.83 34.04
N ASP H 413 -5.93 2.62 34.57
CA ASP H 413 -4.88 1.74 34.12
C ASP H 413 -5.39 0.68 33.15
N LEU H 414 -6.64 0.74 32.74
CA LEU H 414 -7.22 -0.24 31.83
C LEU H 414 -7.66 0.35 30.50
N VAL H 415 -8.34 1.50 30.51
CA VAL H 415 -8.84 2.10 29.28
C VAL H 415 -8.09 3.40 29.02
N ASN H 416 -8.04 3.80 27.76
CA ASN H 416 -7.37 5.03 27.37
C ASN H 416 -8.11 5.63 26.19
N GLU H 417 -7.76 6.88 25.87
CA GLU H 417 -8.43 7.64 24.84
C GLU H 417 -7.49 7.97 23.69
N PHE H 418 -8.07 8.10 22.50
CA PHE H 418 -7.49 8.42 21.22
C PHE H 418 -8.18 9.67 20.66
N PRO H 419 -7.44 10.58 20.03
CA PRO H 419 -8.03 11.85 19.60
C PRO H 419 -9.21 11.65 18.66
N GLY H 420 -10.22 12.49 18.82
CA GLY H 420 -11.39 12.44 17.97
C GLY H 420 -11.47 13.64 17.05
N LEU H 421 -10.48 14.52 17.14
CA LEU H 421 -10.44 15.73 16.33
C LEU H 421 -9.02 15.91 15.80
N PHE H 422 -8.91 16.34 14.55
CA PHE H 422 -7.62 16.58 13.91
C PHE H 422 -7.63 17.94 13.24
N VAL H 423 -6.46 18.57 13.17
CA VAL H 423 -6.27 19.82 12.47
C VAL H 423 -5.59 19.52 11.15
N ARG H 424 -6.18 20.00 10.05
CA ARG H 424 -5.72 19.75 8.70
C ARG H 424 -5.04 21.02 8.17
N GLN H 425 -3.77 20.90 7.79
CA GLN H 425 -3.00 22.00 7.23
C GLN H 425 -2.84 21.78 5.73
N SER H 426 -3.20 22.79 4.96
CA SER H 426 -3.02 22.79 3.52
C SER H 426 -2.13 23.97 3.14
N ARG H 427 -1.06 23.70 2.41
CA ARG H 427 -0.08 24.72 2.06
C ARG H 427 0.15 24.71 0.55
N PHE H 428 0.10 25.89 -0.05
CA PHE H 428 0.37 26.07 -1.47
C PHE H 428 1.69 26.81 -1.62
N ILE H 429 2.64 26.19 -2.32
CA ILE H 429 3.95 26.76 -2.54
C ILE H 429 4.03 27.21 -3.99
N ALA H 430 4.29 28.49 -4.20
CA ALA H 430 4.28 29.10 -5.52
C ALA H 430 5.64 28.94 -6.20
N GLY H 431 5.61 28.97 -7.52
CA GLY H 431 6.82 28.82 -8.31
C GLY H 431 6.60 27.91 -9.50
N ARG H 432 7.58 27.07 -9.81
CA ARG H 432 7.45 26.08 -10.87
C ARG H 432 8.34 24.89 -10.55
N PRO H 433 7.77 23.73 -10.20
CA PRO H 433 6.33 23.45 -10.13
C PRO H 433 5.65 24.03 -8.90
N SER H 434 4.42 24.53 -9.07
CA SER H 434 3.61 24.90 -7.91
C SER H 434 3.17 23.64 -7.18
N ARG H 435 3.20 23.69 -5.85
CA ARG H 435 3.02 22.48 -5.05
C ARG H 435 1.90 22.67 -4.04
N ARG H 436 1.21 21.57 -3.74
CA ARG H 436 0.19 21.53 -2.70
C ARG H 436 0.54 20.43 -1.71
N ASN H 437 0.58 20.77 -0.43
CA ASN H 437 0.88 19.82 0.63
C ASN H 437 -0.25 19.81 1.65
N ILE H 438 -0.65 18.61 2.07
CA ILE H 438 -1.69 18.43 3.08
C ILE H 438 -1.15 17.55 4.20
N ARG H 439 -1.18 18.06 5.43
CA ARG H 439 -0.68 17.36 6.60
C ARG H 439 -1.71 17.47 7.72
N PHE H 440 -1.51 16.69 8.78
CA PHE H 440 -2.47 16.60 9.87
C PHE H 440 -1.76 16.64 11.22
N LYS H 441 -2.49 17.08 12.24
CA LYS H 441 -1.95 17.15 13.60
C LYS H 441 -3.08 16.96 14.60
N PRO H 442 -2.93 16.06 15.58
CA PRO H 442 -4.03 15.81 16.53
C PRO H 442 -4.30 17.01 17.44
N TRP H 443 -5.55 17.10 17.88
CA TRP H 443 -5.98 18.03 18.93
C TRP H 443 -6.54 17.16 20.04
N PHE H 444 -5.70 16.83 21.02
CA PHE H 444 -6.02 15.86 22.05
C PHE H 444 -6.22 16.59 23.38
N ILE H 445 -7.46 16.66 23.83
CA ILE H 445 -7.83 17.21 25.13
C ILE H 445 -8.58 16.13 25.88
N PRO H 446 -8.15 15.73 27.08
CA PRO H 446 -8.77 14.59 27.75
C PRO H 446 -10.21 14.86 28.14
N GLY H 447 -11.01 13.79 28.12
CA GLY H 447 -12.41 13.86 28.51
C GLY H 447 -12.69 12.99 29.71
N VAL H 448 -13.96 12.61 29.91
CA VAL H 448 -14.37 11.79 31.04
C VAL H 448 -14.97 10.50 30.51
N ILE H 449 -14.50 9.37 31.02
CA ILE H 449 -15.00 8.06 30.68
C ILE H 449 -15.88 7.58 31.82
N ASN H 450 -17.07 7.06 31.49
CA ASN H 450 -18.00 6.64 32.51
C ASN H 450 -17.44 5.49 33.34
N GLU H 451 -18.03 5.28 34.50
CA GLU H 451 -17.56 4.24 35.41
C GLU H 451 -17.88 2.86 34.84
N ILE H 452 -16.90 1.97 34.87
CA ILE H 452 -17.06 0.60 34.38
C ILE H 452 -17.46 -0.29 35.56
N SER H 453 -18.51 -1.08 35.36
CA SER H 453 -19.06 -1.92 36.42
C SER H 453 -18.83 -3.39 36.10
N LEU H 454 -18.31 -4.12 37.09
CA LEU H 454 -18.10 -5.55 36.93
C LEU H 454 -19.38 -6.32 37.27
N THR H 455 -19.76 -7.24 36.39
CA THR H 455 -20.95 -8.06 36.58
C THR H 455 -20.61 -9.52 36.32
N ASN H 456 -21.42 -10.41 36.87
CA ASN H 456 -21.23 -11.85 36.74
C ASN H 456 -19.86 -12.29 37.24
N ASN H 457 -19.42 -11.69 38.36
CA ASN H 457 -18.15 -12.04 38.96
C ASN H 457 -18.25 -13.42 39.59
N GLU H 458 -17.62 -14.42 38.96
CA GLU H 458 -17.74 -15.80 39.43
C GLU H 458 -16.37 -16.46 39.50
N LEU H 459 -16.28 -17.49 40.33
CA LEU H 459 -15.09 -18.32 40.46
C LEU H 459 -15.47 -19.76 40.18
N TYR H 460 -14.89 -20.34 39.13
CA TYR H 460 -15.18 -21.71 38.72
C TYR H 460 -14.23 -22.65 39.44
N ILE H 461 -14.53 -22.93 40.70
CA ILE H 461 -13.78 -23.93 41.45
C ILE H 461 -14.12 -25.31 40.92
N ASN H 462 -13.09 -26.11 40.65
CA ASN H 462 -13.25 -27.44 40.08
C ASN H 462 -13.14 -28.46 41.20
N ASN H 463 -14.12 -29.35 41.31
CA ASN H 463 -14.18 -30.34 42.37
C ASN H 463 -14.02 -31.73 41.77
N LEU H 464 -12.86 -32.33 41.96
CA LEU H 464 -12.64 -33.71 41.54
C LEU H 464 -13.29 -34.66 42.54
N PHE H 465 -14.04 -35.63 42.02
CA PHE H 465 -14.75 -36.60 42.85
C PHE H 465 -14.05 -37.94 42.82
N VAL H 466 -13.85 -38.53 43.99
CA VAL H 466 -13.22 -39.84 44.10
C VAL H 466 -14.26 -40.95 44.03
N ILE H 510 16.92 -25.75 43.33
CA ILE H 510 16.26 -25.01 42.25
C ILE H 510 17.09 -25.15 40.97
N GLU H 511 16.42 -25.06 39.82
CA GLU H 511 17.12 -25.29 38.56
C GLU H 511 16.72 -24.31 37.46
N TYR H 512 15.87 -23.32 37.74
CA TYR H 512 15.49 -22.34 36.73
C TYR H 512 15.17 -21.02 37.41
N MET H 513 15.53 -19.93 36.74
CA MET H 513 15.19 -18.59 37.21
C MET H 513 14.92 -17.71 36.01
N PHE H 514 13.76 -17.06 35.99
CA PHE H 514 13.42 -16.09 34.97
C PHE H 514 13.49 -14.70 35.57
N ILE H 515 14.26 -13.81 34.93
CA ILE H 515 14.50 -12.47 35.44
C ILE H 515 14.05 -11.47 34.39
N GLY H 516 13.23 -10.51 34.81
CA GLY H 516 12.81 -9.45 33.91
C GLY H 516 13.18 -8.08 34.45
N LEU H 517 13.89 -7.29 33.65
CA LEU H 517 14.34 -5.97 34.06
C LEU H 517 13.58 -4.94 33.23
N LYS H 518 12.68 -4.20 33.88
CA LYS H 518 11.75 -3.30 33.23
C LYS H 518 12.03 -1.86 33.65
N PRO H 519 12.26 -0.94 32.73
CA PRO H 519 12.39 0.46 33.12
C PRO H 519 11.11 0.98 33.76
N THR H 520 11.27 1.87 34.74
CA THR H 520 10.11 2.47 35.39
C THR H 520 9.35 3.39 34.45
N TRP H 521 9.97 3.83 33.36
CA TRP H 521 9.26 4.63 32.37
C TRP H 521 8.12 3.86 31.72
N ASN H 522 8.20 2.53 31.72
CA ASN H 522 7.19 1.72 31.06
C ASN H 522 5.83 1.85 31.73
N ILE H 523 5.81 1.89 33.06
CA ILE H 523 4.57 1.86 33.83
C ILE H 523 4.21 3.21 34.44
N SER H 524 5.04 4.23 34.25
CA SER H 524 4.73 5.53 34.84
C SER H 524 3.53 6.17 34.17
N ASP H 525 2.73 6.87 34.97
CA ASP H 525 1.52 7.52 34.47
C ASP H 525 1.81 8.65 33.48
N GLN H 526 3.05 9.16 33.45
CA GLN H 526 3.43 10.21 32.52
C GLN H 526 3.84 9.67 31.16
N ASN H 527 3.88 8.35 30.99
CA ASN H 527 4.23 7.76 29.71
C ASN H 527 3.04 7.83 28.77
N PRO H 528 3.18 8.49 27.61
CA PRO H 528 2.05 8.53 26.66
C PRO H 528 1.71 7.17 26.07
N HIS H 529 2.59 6.18 26.17
CA HIS H 529 2.38 4.87 25.59
C HIS H 529 2.42 3.76 26.64
N GLN H 530 2.03 4.07 27.87
CA GLN H 530 2.15 3.07 28.93
C GLN H 530 1.21 1.89 28.72
N HIS H 531 0.08 2.11 28.04
CA HIS H 531 -0.85 1.01 27.82
C HIS H 531 -0.28 -0.02 26.86
N ARG H 532 0.49 0.42 25.88
CA ARG H 532 1.17 -0.50 24.97
C ARG H 532 2.36 -1.19 25.63
N ASP H 533 3.15 -0.45 26.40
CA ASP H 533 4.46 -0.90 26.85
C ASP H 533 4.48 -1.35 28.31
N TRP H 534 3.32 -1.57 28.93
CA TRP H 534 3.32 -1.90 30.35
C TRP H 534 3.93 -3.26 30.64
N HIS H 535 4.08 -4.13 29.64
CA HIS H 535 4.59 -5.48 29.86
C HIS H 535 5.95 -5.74 29.22
N LYS H 536 6.44 -4.84 28.38
CA LYS H 536 7.68 -5.10 27.66
C LYS H 536 8.89 -4.95 28.56
N PHE H 537 9.85 -5.86 28.42
CA PHE H 537 11.09 -5.85 29.19
C PHE H 537 12.21 -5.30 28.31
N GLY H 538 12.30 -3.98 28.26
CA GLY H 538 13.34 -3.35 27.47
C GLY H 538 13.04 -1.88 27.27
N HIS H 539 13.96 -1.23 26.57
CA HIS H 539 13.82 0.19 26.25
C HIS H 539 13.10 0.32 24.92
N VAL H 540 11.92 0.93 24.93
CA VAL H 540 11.05 0.95 23.76
C VAL H 540 11.14 2.32 23.09
N VAL H 541 11.46 2.32 21.80
CA VAL H 541 11.41 3.52 20.97
C VAL H 541 10.37 3.28 19.88
N ASN H 542 10.08 4.33 19.13
CA ASN H 542 9.05 4.28 18.10
C ASN H 542 9.60 4.78 16.77
N ALA H 543 9.31 4.03 15.71
CA ALA H 543 9.65 4.42 14.35
C ALA H 543 8.37 4.73 13.58
N ILE H 544 8.31 5.92 12.99
CA ILE H 544 7.10 6.41 12.35
C ILE H 544 7.31 6.51 10.85
N MET H 545 6.47 5.81 10.10
CA MET H 545 6.40 5.90 8.65
C MET H 545 5.14 6.65 8.25
N GLN H 546 5.27 7.56 7.30
CA GLN H 546 4.15 8.37 6.83
C GLN H 546 4.01 8.22 5.31
N PRO H 547 3.20 7.27 4.83
CA PRO H 547 3.03 7.11 3.38
C PRO H 547 2.33 8.31 2.76
N THR H 548 2.67 8.56 1.49
CA THR H 548 2.21 9.75 0.79
C THR H 548 1.88 9.41 -0.66
N HIS H 549 0.80 10.02 -1.16
CA HIS H 549 0.43 9.92 -2.57
C HIS H 549 1.01 11.12 -3.31
N HIS H 550 1.79 10.84 -4.36
CA HIS H 550 2.49 11.88 -5.11
C HIS H 550 2.03 11.89 -6.55
N ALA H 551 1.92 13.08 -7.14
CA ALA H 551 1.53 13.19 -8.54
C ALA H 551 2.11 14.46 -9.15
N GLU H 552 2.38 14.40 -10.46
CA GLU H 552 2.88 15.54 -11.23
C GLU H 552 2.10 15.66 -12.53
N ILE H 553 1.80 16.89 -12.92
CA ILE H 553 0.97 17.17 -14.09
C ILE H 553 1.61 18.30 -14.89
N SER H 554 1.57 18.17 -16.22
CA SER H 554 2.04 19.20 -17.13
C SER H 554 0.87 19.68 -17.99
N PHE H 555 0.71 21.00 -18.10
CA PHE H 555 -0.46 21.58 -18.76
C PHE H 555 -0.25 21.87 -20.24
N GLN H 556 0.96 21.72 -20.78
CA GLN H 556 1.22 22.10 -22.16
C GLN H 556 2.40 21.29 -22.69
N ASP H 557 2.73 21.53 -23.96
CA ASP H 557 3.80 20.81 -24.64
C ASP H 557 4.89 21.73 -25.18
N ARG H 558 4.96 22.97 -24.70
CA ARG H 558 6.03 23.87 -25.15
C ARG H 558 7.34 23.58 -24.44
N ASP H 559 7.36 23.73 -23.12
CA ASP H 559 8.51 23.34 -22.31
C ASP H 559 8.03 22.35 -21.25
N THR H 560 8.59 21.13 -21.29
CA THR H 560 8.13 20.04 -20.44
C THR H 560 9.26 19.41 -19.65
N ALA H 561 10.36 20.12 -19.43
CA ALA H 561 11.45 19.58 -18.63
C ALA H 561 11.00 19.35 -17.19
N LEU H 562 10.23 20.27 -16.64
CA LEU H 562 9.75 20.21 -15.28
C LEU H 562 8.23 20.22 -15.25
N PRO H 563 7.59 19.50 -14.33
CA PRO H 563 6.13 19.48 -14.29
C PRO H 563 5.57 20.84 -13.96
N ASP H 564 4.37 21.11 -14.47
CA ASP H 564 3.71 22.38 -14.17
C ASP H 564 3.11 22.41 -12.78
N ALA H 565 2.66 21.25 -12.27
CA ALA H 565 2.07 21.19 -10.95
C ALA H 565 2.40 19.86 -10.30
N CYS H 566 2.41 19.86 -8.97
CA CYS H 566 2.67 18.66 -8.18
C CYS H 566 1.66 18.58 -7.05
N SER H 567 1.56 17.40 -6.44
CA SER H 567 0.70 17.20 -5.30
C SER H 567 1.23 16.09 -4.43
N SER H 568 1.14 16.29 -3.11
CA SER H 568 1.55 15.32 -2.10
C SER H 568 0.44 15.26 -1.06
N ILE H 569 -0.22 14.11 -0.95
CA ILE H 569 -1.34 13.91 -0.03
C ILE H 569 -0.88 12.94 1.05
N SER H 570 -1.03 13.33 2.30
CA SER H 570 -0.66 12.47 3.42
C SER H 570 -1.89 11.74 3.95
N ASP H 571 -1.67 10.90 4.94
CA ASP H 571 -2.75 10.23 5.66
C ASP H 571 -2.96 10.90 7.01
N ILE H 572 -4.15 10.70 7.56
CA ILE H 572 -4.52 11.36 8.81
C ILE H 572 -3.66 10.88 9.96
N SER H 573 -3.40 9.58 10.03
CA SER H 573 -2.60 9.02 11.10
C SER H 573 -1.46 8.19 10.54
N PRO H 574 -0.29 8.21 11.16
CA PRO H 574 0.87 7.49 10.61
C PRO H 574 0.92 6.02 10.98
N VAL H 575 2.01 5.35 10.61
CA VAL H 575 2.24 3.96 10.98
C VAL H 575 3.39 3.92 11.97
N THR H 576 3.16 3.28 13.12
CA THR H 576 4.10 3.31 14.23
C THR H 576 4.59 1.90 14.54
N TYR H 577 5.91 1.71 14.57
CA TYR H 577 6.53 0.46 14.92
C TYR H 577 7.23 0.58 16.27
N PRO H 578 6.88 -0.23 17.26
CA PRO H 578 7.60 -0.22 18.54
C PRO H 578 8.84 -1.12 18.45
N ILE H 579 10.00 -0.54 18.74
CA ILE H 579 11.28 -1.25 18.67
C ILE H 579 11.84 -1.34 20.08
N THR H 580 12.08 -2.56 20.55
CA THR H 580 12.59 -2.81 21.89
C THR H 580 14.09 -3.06 21.81
N LEU H 581 14.85 -2.43 22.70
CA LEU H 581 16.30 -2.52 22.75
C LEU H 581 16.75 -2.96 24.14
N PRO H 582 17.88 -3.65 24.24
CA PRO H 582 18.35 -4.11 25.55
C PRO H 582 18.83 -2.96 26.41
N ILE H 583 18.78 -3.18 27.72
CA ILE H 583 19.28 -2.22 28.70
C ILE H 583 20.37 -2.80 29.59
N ILE H 584 20.81 -4.03 29.33
CA ILE H 584 21.81 -4.71 30.15
C ILE H 584 22.93 -5.20 29.25
N LYS H 585 24.17 -4.93 29.66
CA LYS H 585 25.33 -5.45 28.95
C LYS H 585 25.98 -6.64 29.65
N ASN H 586 25.94 -6.67 30.98
CA ASN H 586 26.51 -7.77 31.74
C ASN H 586 25.66 -7.99 32.99
N ILE H 587 25.41 -9.25 33.32
CA ILE H 587 24.58 -9.62 34.45
C ILE H 587 25.33 -10.65 35.29
N SER H 588 25.30 -10.50 36.61
CA SER H 588 25.93 -11.45 37.52
C SER H 588 25.02 -11.68 38.71
N VAL H 589 24.76 -12.94 39.02
CA VAL H 589 23.97 -13.33 40.18
C VAL H 589 24.92 -14.08 41.12
N THR H 590 25.53 -13.36 42.04
CA THR H 590 26.53 -13.93 42.93
C THR H 590 25.88 -14.60 44.13
N ALA H 591 26.70 -15.34 44.87
CA ALA H 591 26.29 -15.97 46.12
C ALA H 591 27.41 -15.84 47.13
N HIS H 592 27.07 -16.12 48.39
CA HIS H 592 28.06 -16.03 49.46
C HIS H 592 29.19 -17.02 49.27
N GLY H 593 28.93 -18.14 48.59
CA GLY H 593 29.96 -19.13 48.36
C GLY H 593 30.97 -18.74 47.30
N ILE H 594 30.52 -18.64 46.05
CA ILE H 594 31.36 -18.27 44.92
C ILE H 594 30.59 -17.30 44.04
N ASN H 595 31.20 -16.94 42.91
CA ASN H 595 30.63 -15.91 42.04
C ASN H 595 29.43 -16.42 41.26
N LEU H 596 29.39 -17.71 40.94
CA LEU H 596 28.35 -18.31 40.07
C LEU H 596 28.44 -17.59 38.72
N ILE H 597 27.33 -17.09 38.17
CA ILE H 597 27.38 -16.39 36.90
C ILE H 597 28.11 -15.07 37.09
N ASP H 598 29.10 -14.80 36.25
CA ASP H 598 29.98 -13.64 36.41
C ASP H 598 30.20 -12.98 35.06
N LYS H 599 29.59 -11.81 34.88
CA LYS H 599 29.87 -10.93 33.74
C LYS H 599 29.60 -11.60 32.40
N PHE H 600 28.64 -12.53 32.34
CA PHE H 600 28.26 -13.09 31.06
C PHE H 600 27.51 -12.06 30.23
N PRO H 601 27.64 -12.11 28.90
CA PRO H 601 26.93 -11.17 28.05
C PRO H 601 25.41 -11.33 28.18
N SER H 602 24.70 -10.32 27.67
CA SER H 602 23.24 -10.32 27.78
C SER H 602 22.62 -11.43 26.93
N LYS H 603 23.03 -11.52 25.66
CA LYS H 603 22.39 -12.46 24.74
C LYS H 603 22.69 -13.90 25.09
N PHE H 604 23.75 -14.18 25.83
CA PHE H 604 23.99 -15.55 26.28
C PHE H 604 22.86 -16.02 27.20
N CYS H 605 22.47 -15.18 28.15
CA CYS H 605 21.38 -15.53 29.06
C CYS H 605 20.02 -15.36 28.40
N SER H 606 19.88 -14.38 27.51
CA SER H 606 18.57 -14.10 26.91
C SER H 606 18.18 -15.16 25.89
N SER H 607 19.11 -15.56 25.02
CA SER H 607 18.80 -16.38 23.86
C SER H 607 19.36 -17.79 23.94
N TYR H 608 20.67 -17.94 24.18
CA TYR H 608 21.27 -19.27 24.10
C TYR H 608 20.74 -20.20 25.18
N ILE H 609 20.61 -19.71 26.42
CA ILE H 609 20.16 -20.58 27.52
C ILE H 609 18.76 -21.13 27.28
N PRO H 610 17.74 -20.32 26.94
CA PRO H 610 16.44 -20.93 26.60
C PRO H 610 16.50 -21.85 25.40
N PHE H 611 17.33 -21.51 24.41
CA PHE H 611 17.40 -22.31 23.19
C PHE H 611 17.94 -23.70 23.47
N HIS H 612 18.99 -23.81 24.29
CA HIS H 612 19.59 -25.12 24.55
C HIS H 612 18.82 -25.87 25.62
N TYR H 613 18.74 -25.32 26.83
CA TYR H 613 18.09 -25.99 27.93
C TYR H 613 16.57 -25.84 27.84
N GLY H 614 15.87 -26.67 28.62
CA GLY H 614 14.44 -26.51 28.77
C GLY H 614 13.59 -27.57 28.11
N GLY H 615 13.98 -28.01 26.92
CA GLY H 615 13.13 -28.91 26.17
C GLY H 615 11.99 -28.15 25.51
N ASN H 616 10.92 -28.90 25.21
CA ASN H 616 9.76 -28.31 24.57
C ASN H 616 8.92 -27.46 25.52
N ALA H 617 9.14 -27.57 26.83
CA ALA H 617 8.34 -26.80 27.78
C ALA H 617 8.66 -25.31 27.68
N ILE H 618 9.94 -24.95 27.67
CA ILE H 618 10.36 -23.57 27.71
C ILE H 618 10.44 -23.03 26.29
N LYS H 619 9.68 -21.98 26.02
CA LYS H 619 9.74 -21.27 24.74
C LYS H 619 10.83 -20.20 24.82
N THR H 620 11.46 -19.96 23.67
CA THR H 620 12.46 -18.90 23.59
C THR H 620 11.76 -17.55 23.56
N PRO H 621 12.07 -16.63 24.48
CA PRO H 621 11.35 -15.36 24.53
C PRO H 621 11.68 -14.47 23.35
N ASP H 622 10.98 -13.35 23.29
CA ASP H 622 11.14 -12.37 22.22
C ASP H 622 11.82 -11.09 22.70
N ASP H 623 11.58 -10.68 23.94
CA ASP H 623 12.09 -9.43 24.50
C ASP H 623 13.55 -9.59 24.91
N PRO H 624 14.36 -8.55 24.74
CA PRO H 624 15.78 -8.64 25.13
C PRO H 624 16.02 -8.57 26.62
N GLY H 625 15.00 -8.21 27.42
CA GLY H 625 15.17 -8.08 28.85
C GLY H 625 14.78 -9.28 29.67
N ALA H 626 14.22 -10.32 29.06
CA ALA H 626 13.83 -11.53 29.78
C ALA H 626 14.98 -12.51 29.72
N MET H 627 15.56 -12.84 30.86
CA MET H 627 16.75 -13.67 30.94
C MET H 627 16.45 -14.94 31.73
N MET H 628 17.15 -16.01 31.39
CA MET H 628 17.02 -17.29 32.07
C MET H 628 18.41 -17.77 32.47
N ILE H 629 18.53 -18.29 33.69
CA ILE H 629 19.80 -18.82 34.19
C ILE H 629 19.51 -20.14 34.88
N THR H 630 20.39 -21.12 34.68
CA THR H 630 20.25 -22.44 35.27
C THR H 630 21.29 -22.65 36.35
N PHE H 631 20.91 -23.37 37.41
CA PHE H 631 21.76 -23.58 38.57
C PHE H 631 22.22 -25.04 38.72
N ALA H 632 21.29 -25.98 38.74
CA ALA H 632 21.65 -27.38 38.91
C ALA H 632 21.13 -28.23 37.76
N PHE H 653 22.14 -14.92 45.60
CA PHE H 653 20.96 -14.19 45.11
C PHE H 653 21.17 -12.69 45.20
N TYR H 654 22.05 -12.16 44.36
CA TYR H 654 22.34 -10.73 44.29
C TYR H 654 22.51 -10.38 42.82
N ILE H 655 21.45 -9.90 42.19
CA ILE H 655 21.47 -9.58 40.77
C ILE H 655 22.11 -8.21 40.59
N SER H 656 23.31 -8.19 40.01
CA SER H 656 23.99 -6.96 39.66
C SER H 656 24.17 -6.89 38.16
N TRP H 657 24.19 -5.69 37.62
CA TRP H 657 24.25 -5.53 36.17
C TRP H 657 25.05 -4.29 35.82
N ASP H 658 25.56 -4.29 34.59
CA ASP H 658 26.22 -3.13 34.00
C ASP H 658 25.31 -2.55 32.94
N THR H 659 25.12 -1.23 32.98
CA THR H 659 24.05 -0.59 32.23
C THR H 659 24.53 0.72 31.65
N ASP H 660 24.18 0.97 30.38
CA ASP H 660 24.41 2.24 29.72
C ASP H 660 23.16 3.11 29.71
N TYR H 661 22.10 2.68 30.39
CA TYR H 661 20.82 3.38 30.45
C TYR H 661 20.69 4.05 31.82
N VAL H 662 20.36 5.34 31.82
CA VAL H 662 20.23 6.11 33.04
C VAL H 662 18.76 6.15 33.44
N GLY H 663 18.47 5.70 34.65
CA GLY H 663 17.11 5.68 35.13
C GLY H 663 16.90 4.52 36.09
N SER H 664 15.68 4.45 36.62
CA SER H 664 15.31 3.38 37.54
C SER H 664 15.01 2.10 36.77
N ILE H 665 15.26 0.96 37.40
CA ILE H 665 15.03 -0.34 36.80
C ILE H 665 14.30 -1.23 37.81
N THR H 666 13.18 -1.81 37.37
CA THR H 666 12.43 -2.75 38.18
C THR H 666 12.91 -4.18 37.89
N THR H 667 12.75 -5.05 38.89
CA THR H 667 13.19 -6.43 38.77
C THR H 667 12.05 -7.36 39.13
N ALA H 668 11.91 -8.46 38.38
CA ALA H 668 10.93 -9.49 38.66
C ALA H 668 11.62 -10.85 38.59
N ASP H 669 11.26 -11.73 39.52
CA ASP H 669 11.90 -13.04 39.64
C ASP H 669 10.85 -14.13 39.69
N LEU H 670 11.23 -15.33 39.28
CA LEU H 670 10.34 -16.49 39.33
C LEU H 670 11.23 -17.74 39.37
N VAL H 671 11.34 -18.33 40.55
CA VAL H 671 12.15 -19.53 40.72
C VAL H 671 11.25 -20.75 40.57
N VAL H 672 11.55 -21.58 39.56
CA VAL H 672 10.74 -22.76 39.26
C VAL H 672 11.69 -23.93 39.06
N SER H 673 11.19 -25.13 39.33
CA SER H 673 11.93 -26.37 39.15
C SER H 673 11.19 -27.27 38.17
N ALA H 674 11.94 -27.86 37.23
CA ALA H 674 11.34 -28.76 36.26
C ALA H 674 12.18 -30.01 36.09
N GLY I 118 11.13 -54.21 8.36
CA GLY I 118 11.11 -53.80 6.97
C GLY I 118 9.73 -53.37 6.50
N PHE I 119 9.69 -52.36 5.65
CA PHE I 119 8.44 -51.84 5.10
C PHE I 119 8.68 -51.22 3.73
N GLU I 120 7.79 -51.54 2.80
CA GLU I 120 7.78 -50.90 1.48
C GLU I 120 6.33 -50.66 1.09
N TYR I 121 6.12 -49.67 0.22
CA TYR I 121 4.77 -49.24 -0.14
C TYR I 121 4.38 -49.92 -1.45
N ASN I 122 3.36 -50.78 -1.37
CA ASN I 122 2.80 -51.40 -2.55
C ASN I 122 1.67 -50.54 -3.10
N LYS I 123 1.30 -50.79 -4.36
CA LYS I 123 0.27 -50.02 -5.04
C LYS I 123 -0.93 -50.91 -5.33
N VAL I 124 -2.12 -50.36 -5.15
CA VAL I 124 -3.37 -51.07 -5.40
C VAL I 124 -4.18 -50.28 -6.42
N ARG I 125 -4.67 -50.98 -7.44
CA ARG I 125 -5.42 -50.36 -8.52
C ARG I 125 -6.91 -50.35 -8.22
N PRO I 126 -7.65 -49.37 -8.73
CA PRO I 126 -9.11 -49.34 -8.49
C PRO I 126 -9.79 -50.56 -9.07
N HIS I 127 -10.75 -51.09 -8.31
CA HIS I 127 -11.49 -52.27 -8.77
C HIS I 127 -12.58 -51.90 -9.76
N THR I 128 -13.19 -50.72 -9.60
CA THR I 128 -14.31 -50.34 -10.47
C THR I 128 -13.86 -50.13 -11.91
N GLY I 129 -12.82 -49.32 -12.11
CA GLY I 129 -12.34 -49.03 -13.44
C GLY I 129 -12.69 -47.64 -13.93
N THR I 130 -11.67 -46.82 -14.16
CA THR I 130 -11.80 -45.44 -14.63
C THR I 130 -12.78 -44.63 -13.79
N PRO I 131 -12.43 -44.27 -12.54
CA PRO I 131 -13.30 -43.41 -11.74
C PRO I 131 -13.72 -42.11 -12.42
N THR I 132 -14.81 -41.53 -11.94
CA THR I 132 -15.28 -40.21 -12.36
C THR I 132 -15.63 -39.39 -11.14
N LEU I 133 -15.75 -38.08 -11.32
CA LEU I 133 -16.08 -37.18 -10.23
C LEU I 133 -17.58 -37.24 -9.96
N GLY I 134 -17.96 -37.89 -8.87
CA GLY I 134 -19.36 -37.96 -8.47
C GLY I 134 -19.92 -39.35 -8.48
N ASN I 135 -19.04 -40.35 -8.43
CA ASN I 135 -19.46 -41.75 -8.50
C ASN I 135 -18.66 -42.57 -7.51
N LYS I 136 -19.23 -43.71 -7.13
CA LYS I 136 -18.58 -44.59 -6.16
C LYS I 136 -17.29 -45.16 -6.72
N LEU I 137 -16.33 -45.39 -5.82
CA LEU I 137 -15.01 -45.88 -6.15
C LEU I 137 -14.66 -46.97 -5.14
N THR I 138 -14.02 -48.04 -5.61
CA THR I 138 -13.76 -49.20 -4.76
C THR I 138 -12.32 -49.66 -4.89
N PHE I 139 -11.68 -49.91 -3.75
CA PHE I 139 -10.40 -50.58 -3.69
C PHE I 139 -10.56 -51.92 -2.99
N GLY I 140 -9.79 -52.91 -3.46
CA GLY I 140 -9.76 -54.21 -2.82
C GLY I 140 -8.43 -54.48 -2.16
N ILE I 141 -8.41 -54.61 -0.84
CA ILE I 141 -7.17 -54.75 -0.09
C ILE I 141 -6.65 -56.18 -0.20
N PRO I 142 -5.44 -56.39 -0.72
CA PRO I 142 -4.84 -57.72 -0.70
C PRO I 142 -3.96 -57.92 0.52
N GLN I 143 -3.73 -59.19 0.85
CA GLN I 143 -2.86 -59.57 1.97
C GLN I 143 -1.46 -59.80 1.43
N TYR I 144 -0.62 -58.77 1.49
CA TYR I 144 0.76 -58.86 1.06
C TYR I 144 1.74 -58.96 2.22
N GLY I 145 1.60 -58.10 3.23
CA GLY I 145 2.39 -58.17 4.43
C GLY I 145 1.57 -58.67 5.61
N ASP I 146 2.28 -58.94 6.71
CA ASP I 146 1.61 -59.46 7.90
C ASP I 146 0.77 -58.38 8.59
N PHE I 147 1.00 -57.11 8.28
CA PHE I 147 0.20 -56.01 8.78
C PHE I 147 0.11 -54.94 7.72
N PHE I 148 -0.91 -54.09 7.83
CA PHE I 148 -0.97 -52.82 7.11
C PHE I 148 -1.19 -51.70 8.12
N HIS I 149 -0.47 -50.60 7.93
CA HIS I 149 -0.41 -49.54 8.93
C HIS I 149 -1.14 -48.27 8.48
N ASP I 150 -0.78 -47.71 7.33
CA ASP I 150 -1.39 -46.47 6.86
C ASP I 150 -1.68 -46.58 5.38
N MET I 151 -2.74 -45.88 4.95
CA MET I 151 -3.21 -45.94 3.58
C MET I 151 -3.31 -44.52 3.03
N VAL I 152 -2.78 -44.31 1.83
CA VAL I 152 -2.79 -43.01 1.17
C VAL I 152 -3.34 -43.19 -0.24
N GLY I 153 -4.32 -42.38 -0.60
CA GLY I 153 -4.86 -42.35 -1.94
C GLY I 153 -4.21 -41.22 -2.73
N HIS I 154 -3.71 -41.56 -3.91
CA HIS I 154 -3.07 -40.62 -4.82
C HIS I 154 -3.92 -40.45 -6.06
N HIS I 155 -4.27 -39.20 -6.35
CA HIS I 155 -5.05 -38.86 -7.55
C HIS I 155 -4.41 -37.66 -8.25
N ILE I 156 -4.69 -37.54 -9.54
CA ILE I 156 -4.17 -36.44 -10.35
C ILE I 156 -5.33 -35.85 -11.14
N LEU I 157 -5.88 -34.73 -10.65
CA LEU I 157 -6.94 -34.06 -11.38
C LEU I 157 -6.36 -33.30 -12.56
N GLY I 158 -7.08 -33.36 -13.69
CA GLY I 158 -6.60 -32.77 -14.92
C GLY I 158 -6.80 -31.27 -15.00
N ALA I 159 -6.39 -30.73 -16.15
CA ALA I 159 -6.42 -29.29 -16.35
C ALA I 159 -7.86 -28.80 -16.49
N CYS I 160 -8.04 -27.50 -16.23
CA CYS I 160 -9.35 -26.86 -16.28
C CYS I 160 -9.26 -25.53 -17.01
N HIS I 161 -10.36 -25.13 -17.62
CA HIS I 161 -10.51 -23.81 -18.21
C HIS I 161 -11.98 -23.61 -18.52
N SER I 162 -12.33 -22.39 -18.92
CA SER I 162 -13.70 -22.03 -19.23
C SER I 162 -13.87 -21.84 -20.74
N SER I 163 -15.11 -21.58 -21.14
CA SER I 163 -15.45 -21.42 -22.54
C SER I 163 -15.49 -19.94 -22.93
N TRP I 164 -15.27 -19.69 -24.21
CA TRP I 164 -15.30 -18.33 -24.73
C TRP I 164 -16.72 -17.78 -24.71
N GLN I 165 -16.83 -16.47 -24.46
CA GLN I 165 -18.12 -15.81 -24.36
C GLN I 165 -18.11 -14.54 -25.19
N ASP I 166 -19.30 -13.94 -25.34
CA ASP I 166 -19.51 -12.77 -26.17
C ASP I 166 -19.52 -11.50 -25.32
N ALA I 167 -19.06 -10.40 -25.91
CA ALA I 167 -19.16 -9.16 -25.15
C ALA I 167 -20.56 -8.57 -25.26
N PRO I 168 -21.05 -7.89 -24.23
CA PRO I 168 -22.42 -7.36 -24.27
C PRO I 168 -22.57 -6.11 -25.12
N ILE I 169 -23.79 -5.60 -25.21
CA ILE I 169 -24.11 -4.35 -25.90
C ILE I 169 -24.61 -3.36 -24.87
N GLN I 170 -24.22 -2.10 -25.00
CA GLN I 170 -24.58 -1.09 -24.00
C GLN I 170 -26.09 -0.99 -23.85
N GLY I 171 -26.56 -1.07 -22.60
CA GLY I 171 -27.97 -1.08 -22.31
C GLY I 171 -28.56 -2.44 -22.00
N THR I 172 -27.74 -3.49 -22.00
CA THR I 172 -28.22 -4.85 -21.83
C THR I 172 -28.30 -5.23 -20.36
N SER I 173 -29.33 -6.01 -20.01
CA SER I 173 -29.46 -6.58 -18.68
C SER I 173 -29.75 -8.08 -18.83
N GLN I 174 -29.01 -8.89 -18.07
CA GLN I 174 -29.10 -10.34 -18.17
C GLN I 174 -29.06 -10.96 -16.79
N MET I 175 -29.76 -12.08 -16.64
CA MET I 175 -29.81 -12.77 -15.36
C MET I 175 -28.53 -13.61 -15.18
N GLY I 176 -27.80 -13.33 -14.10
CA GLY I 176 -26.57 -14.02 -13.80
C GLY I 176 -26.76 -15.12 -12.78
N ALA I 177 -25.68 -15.41 -12.05
CA ALA I 177 -25.69 -16.48 -11.07
C ALA I 177 -26.42 -16.05 -9.79
N HIS I 178 -26.97 -17.04 -9.10
CA HIS I 178 -27.64 -16.84 -7.81
C HIS I 178 -28.79 -15.85 -7.91
N GLY I 179 -29.44 -15.78 -9.06
CA GLY I 179 -30.56 -14.86 -9.25
C GLY I 179 -30.18 -13.40 -9.17
N GLN I 180 -28.99 -13.03 -9.62
CA GLN I 180 -28.54 -11.65 -9.65
C GLN I 180 -28.59 -11.13 -11.07
N LEU I 181 -28.99 -9.87 -11.21
CA LEU I 181 -29.15 -9.25 -12.52
C LEU I 181 -27.94 -8.37 -12.82
N GLN I 182 -27.21 -8.72 -13.88
CA GLN I 182 -26.08 -7.93 -14.32
C GLN I 182 -26.53 -6.99 -15.44
N THR I 183 -26.05 -5.75 -15.39
CA THR I 183 -26.47 -4.74 -16.33
C THR I 183 -25.27 -3.96 -16.85
N PHE I 184 -25.43 -3.39 -18.04
CA PHE I 184 -24.43 -2.56 -18.70
C PHE I 184 -25.11 -1.23 -18.98
N PRO I 185 -25.09 -0.28 -18.04
CA PRO I 185 -25.96 0.89 -18.13
C PRO I 185 -25.58 1.81 -19.27
N ARG I 186 -26.56 2.61 -19.69
CA ARG I 186 -26.37 3.61 -20.73
C ARG I 186 -25.65 4.82 -20.15
N ASN I 187 -25.32 5.77 -21.01
CA ASN I 187 -24.61 6.98 -20.58
C ASN I 187 -25.57 7.91 -19.87
N GLY I 188 -25.16 8.38 -18.69
CA GLY I 188 -25.99 9.28 -17.91
C GLY I 188 -26.98 8.61 -16.98
N TYR I 189 -26.76 7.35 -16.64
CA TYR I 189 -27.66 6.61 -15.76
C TYR I 189 -26.85 5.87 -14.70
N ASP I 190 -27.53 5.53 -13.61
CA ASP I 190 -26.89 4.88 -12.48
C ASP I 190 -26.71 3.39 -12.78
N TRP I 191 -26.34 2.61 -11.77
CA TRP I 191 -26.09 1.19 -11.96
C TRP I 191 -27.35 0.40 -12.22
N ASP I 192 -28.53 0.99 -12.06
CA ASP I 192 -29.78 0.29 -12.30
C ASP I 192 -30.40 0.62 -13.65
N ASN I 193 -29.75 1.47 -14.45
CA ASN I 193 -30.19 1.82 -15.79
C ASN I 193 -31.55 2.53 -15.79
N GLN I 194 -31.97 3.08 -14.65
CA GLN I 194 -33.26 3.77 -14.58
C GLN I 194 -33.13 5.14 -13.92
N THR I 195 -32.20 5.27 -12.98
CA THR I 195 -32.06 6.51 -12.22
C THR I 195 -31.04 7.41 -12.90
N PRO I 196 -31.41 8.64 -13.28
CA PRO I 196 -30.46 9.50 -14.00
C PRO I 196 -29.25 9.85 -13.16
N LEU I 197 -28.10 10.00 -13.84
CA LEU I 197 -26.87 10.45 -13.24
C LEU I 197 -26.22 11.45 -14.19
N GLU I 198 -25.38 12.34 -13.66
CA GLU I 198 -24.95 13.50 -14.43
C GLU I 198 -24.04 13.10 -15.59
N GLY I 199 -22.86 12.57 -15.28
CA GLY I 199 -21.86 12.37 -16.30
C GLY I 199 -21.22 11.00 -16.35
N ALA I 200 -22.00 9.95 -16.09
CA ALA I 200 -21.47 8.59 -16.08
C ALA I 200 -21.20 8.11 -17.50
N VAL I 201 -20.05 7.48 -17.69
CA VAL I 201 -19.66 6.86 -18.96
C VAL I 201 -19.16 5.46 -18.66
N TYR I 202 -19.65 4.47 -19.40
CA TYR I 202 -19.39 3.07 -19.11
C TYR I 202 -18.65 2.42 -20.26
N THR I 203 -17.56 1.71 -19.93
CA THR I 203 -16.80 0.93 -20.91
C THR I 203 -16.57 -0.47 -20.33
N LEU I 204 -15.87 -1.31 -21.10
CA LEU I 204 -15.60 -2.69 -20.72
C LEU I 204 -14.10 -2.90 -20.62
N VAL I 205 -13.67 -3.69 -19.62
CA VAL I 205 -12.26 -3.97 -19.39
C VAL I 205 -12.08 -5.39 -18.90
N ASP I 206 -10.83 -5.85 -18.91
CA ASP I 206 -10.42 -7.11 -18.29
C ASP I 206 -10.19 -6.92 -16.80
N PRO I 207 -9.95 -8.00 -16.06
CA PRO I 207 -9.54 -7.84 -14.65
C PRO I 207 -8.21 -7.13 -14.49
N PHE I 208 -7.42 -7.01 -15.55
CA PHE I 208 -6.12 -6.36 -15.49
C PHE I 208 -6.11 -5.01 -16.21
N GLY I 209 -7.26 -4.52 -16.65
CA GLY I 209 -7.37 -3.23 -17.28
C GLY I 209 -7.24 -3.21 -18.79
N ARG I 210 -7.13 -4.37 -19.43
CA ARG I 210 -7.01 -4.41 -20.88
C ARG I 210 -8.39 -4.30 -21.52
N PRO I 211 -8.58 -3.33 -22.42
CA PRO I 211 -9.94 -3.04 -22.92
C PRO I 211 -10.50 -4.15 -23.81
N ILE I 212 -11.83 -4.14 -23.92
CA ILE I 212 -12.57 -5.07 -24.76
C ILE I 212 -13.65 -4.29 -25.51
N VAL I 213 -13.79 -4.58 -26.80
CA VAL I 213 -14.76 -3.90 -27.65
C VAL I 213 -16.13 -4.58 -27.52
N PRO I 214 -17.21 -3.83 -27.27
CA PRO I 214 -18.52 -4.46 -27.16
C PRO I 214 -18.96 -5.13 -28.45
N GLY I 215 -19.67 -6.25 -28.29
CA GLY I 215 -20.22 -6.99 -29.42
C GLY I 215 -19.28 -7.99 -30.05
N THR I 216 -18.02 -8.02 -29.63
CA THR I 216 -17.05 -8.93 -30.23
C THR I 216 -17.39 -10.37 -29.87
N LYS I 217 -17.36 -11.26 -30.87
CA LYS I 217 -17.60 -12.67 -30.65
C LYS I 217 -16.36 -13.34 -30.09
N ASN I 218 -16.55 -14.20 -29.09
CA ASN I 218 -15.47 -14.92 -28.44
C ASN I 218 -14.39 -13.95 -27.95
N ALA I 219 -14.80 -13.05 -27.05
CA ALA I 219 -13.94 -11.96 -26.63
C ALA I 219 -13.27 -12.17 -25.29
N TYR I 220 -13.84 -13.00 -24.41
CA TYR I 220 -13.27 -13.16 -23.08
C TYR I 220 -13.62 -14.54 -22.54
N ARG I 221 -12.89 -14.93 -21.49
CA ARG I 221 -13.14 -16.17 -20.76
C ARG I 221 -13.17 -15.86 -19.28
N ASN I 222 -13.99 -16.61 -18.53
CA ASN I 222 -13.94 -16.50 -17.09
C ASN I 222 -12.69 -17.19 -16.57
N LEU I 223 -12.32 -16.86 -15.34
CA LEU I 223 -11.20 -17.51 -14.68
C LEU I 223 -11.71 -18.61 -13.77
N VAL I 224 -10.86 -19.60 -13.48
CA VAL I 224 -11.25 -20.75 -12.69
C VAL I 224 -10.33 -20.88 -11.48
N TYR I 225 -10.90 -21.24 -10.34
CA TYR I 225 -10.13 -21.52 -9.15
C TYR I 225 -10.76 -22.72 -8.42
N TYR I 226 -10.05 -23.21 -7.42
CA TYR I 226 -10.45 -24.39 -6.68
C TYR I 226 -11.07 -24.01 -5.35
N CYS I 227 -11.57 -25.01 -4.63
CA CYS I 227 -12.03 -24.81 -3.27
C CYS I 227 -10.84 -24.73 -2.32
N GLU I 228 -11.12 -24.37 -1.07
CA GLU I 228 -10.10 -24.39 -0.04
C GLU I 228 -9.98 -25.79 0.54
N TYR I 229 -8.76 -26.30 0.58
CA TYR I 229 -8.48 -27.69 0.95
C TYR I 229 -9.23 -28.65 0.05
N PRO I 230 -8.97 -28.64 -1.26
CA PRO I 230 -9.70 -29.56 -2.16
C PRO I 230 -9.44 -31.02 -1.88
N GLY I 231 -8.34 -31.35 -1.21
CA GLY I 231 -8.08 -32.74 -0.87
C GLY I 231 -8.91 -33.29 0.25
N GLU I 232 -9.68 -32.45 0.94
CA GLU I 232 -10.57 -32.89 1.99
C GLU I 232 -12.01 -33.00 1.55
N ARG I 233 -12.45 -32.16 0.61
CA ARG I 233 -13.80 -32.25 0.07
C ARG I 233 -13.97 -33.40 -0.92
N LEU I 234 -12.87 -33.93 -1.46
CA LEU I 234 -12.97 -34.98 -2.47
C LEU I 234 -13.60 -36.24 -1.90
N TYR I 235 -13.16 -36.68 -0.72
CA TYR I 235 -13.67 -37.90 -0.11
C TYR I 235 -14.87 -37.53 0.76
N GLU I 236 -16.04 -37.44 0.13
CA GLU I 236 -17.24 -37.05 0.86
C GLU I 236 -17.79 -38.16 1.74
N ASN I 237 -17.35 -39.40 1.53
CA ASN I 237 -17.78 -40.51 2.38
C ASN I 237 -16.84 -41.69 2.20
N VAL I 238 -16.30 -42.23 3.30
CA VAL I 238 -15.34 -43.33 3.27
C VAL I 238 -15.92 -44.46 4.10
N ARG I 239 -15.96 -45.67 3.53
CA ARG I 239 -16.52 -46.84 4.19
C ARG I 239 -15.55 -48.01 4.08
N PHE I 240 -15.41 -48.75 5.18
CA PHE I 240 -14.61 -49.97 5.22
C PHE I 240 -15.55 -51.15 5.39
N ASP I 241 -15.62 -52.02 4.37
CA ASP I 241 -16.59 -53.09 4.33
C ASP I 241 -15.91 -54.44 4.40
N VAL I 242 -16.51 -55.36 5.15
CA VAL I 242 -16.08 -56.76 5.21
C VAL I 242 -17.32 -57.59 4.91
N ASN I 243 -17.55 -57.88 3.62
CA ASN I 243 -18.78 -58.53 3.16
C ASN I 243 -20.01 -57.80 3.73
N GLY I 244 -20.03 -56.49 3.49
CA GLY I 244 -20.98 -55.65 4.21
C GLY I 244 -20.46 -55.37 5.60
N ASN I 245 -21.38 -55.06 6.52
CA ASN I 245 -21.06 -54.86 7.94
C ASN I 245 -19.95 -53.83 8.12
N SER I 246 -20.28 -52.60 7.75
CA SER I 246 -19.31 -51.50 7.75
C SER I 246 -18.67 -51.31 9.12
N LEU I 247 -17.37 -51.58 9.21
CA LEU I 247 -16.67 -51.42 10.47
C LEU I 247 -16.50 -49.96 10.85
N ASP I 248 -16.34 -49.07 9.87
CA ASP I 248 -16.17 -47.66 10.15
C ASP I 248 -16.69 -46.85 8.97
N GLU I 249 -17.06 -45.60 9.25
CA GLU I 249 -17.61 -44.70 8.25
C GLU I 249 -17.57 -43.26 8.74
N TYR I 250 -16.95 -42.37 7.97
CA TYR I 250 -16.91 -40.96 8.33
C TYR I 250 -17.12 -40.12 7.08
N SER I 251 -17.44 -38.86 7.30
CA SER I 251 -17.76 -37.91 6.24
C SER I 251 -16.64 -36.89 6.12
N SER I 252 -16.86 -35.88 5.28
CA SER I 252 -15.91 -34.78 5.11
C SER I 252 -16.08 -33.71 6.16
N ASP I 253 -16.76 -34.01 7.27
CA ASP I 253 -16.87 -33.11 8.41
C ASP I 253 -15.98 -33.52 9.57
N VAL I 254 -15.80 -34.82 9.78
CA VAL I 254 -14.87 -35.30 10.81
C VAL I 254 -13.45 -34.91 10.47
N THR I 255 -13.10 -34.91 9.18
CA THR I 255 -11.76 -34.53 8.77
C THR I 255 -11.44 -33.09 9.11
N THR I 256 -12.42 -32.20 8.96
CA THR I 256 -12.22 -30.80 9.32
C THR I 256 -11.97 -30.64 10.81
N LEU I 257 -12.71 -31.36 11.65
CA LEU I 257 -12.45 -31.32 13.08
C LEU I 257 -11.06 -31.87 13.40
N VAL I 258 -10.66 -32.94 12.72
CA VAL I 258 -9.35 -33.52 12.96
C VAL I 258 -8.26 -32.51 12.64
N ARG I 259 -8.37 -31.80 11.51
CA ARG I 259 -7.33 -30.85 11.18
C ARG I 259 -7.36 -29.63 12.11
N LYS I 260 -8.55 -29.24 12.56
CA LYS I 260 -8.62 -28.08 13.45
C LYS I 260 -8.20 -28.38 14.87
N PHE I 261 -8.15 -29.65 15.27
CA PHE I 261 -7.78 -29.98 16.65
C PHE I 261 -6.47 -30.74 16.78
N CYS I 262 -6.28 -31.85 16.06
CA CYS I 262 -5.25 -32.82 16.37
C CYS I 262 -4.06 -32.78 15.43
N ILE I 263 -3.82 -31.68 14.72
CA ILE I 263 -2.63 -31.53 13.89
C ILE I 263 -1.68 -30.55 14.58
N PRO I 264 -0.41 -30.93 14.80
CA PRO I 264 0.45 -30.13 15.70
C PRO I 264 0.63 -28.68 15.31
N GLY I 265 0.76 -28.37 14.03
CA GLY I 265 1.01 -27.00 13.64
C GLY I 265 2.41 -26.80 13.08
N ASP I 266 3.39 -27.49 13.65
CA ASP I 266 4.70 -27.56 13.01
C ASP I 266 4.62 -28.31 11.70
N LYS I 267 3.74 -29.31 11.63
CA LYS I 267 3.56 -30.13 10.44
C LYS I 267 2.38 -29.70 9.59
N MET I 268 2.09 -28.41 9.53
CA MET I 268 0.99 -27.92 8.71
C MET I 268 1.42 -27.51 7.31
N THR I 269 2.69 -27.16 7.11
CA THR I 269 3.14 -26.86 5.75
C THR I 269 3.05 -28.08 4.86
N GLY I 270 3.51 -29.23 5.35
CA GLY I 270 3.41 -30.45 4.59
C GLY I 270 1.97 -30.86 4.33
N TYR I 271 1.12 -30.74 5.35
CA TYR I 271 -0.29 -31.08 5.19
C TYR I 271 -0.95 -30.19 4.15
N LYS I 272 -0.68 -28.88 4.20
CA LYS I 272 -1.25 -27.98 3.20
C LYS I 272 -0.66 -28.21 1.82
N HIS I 273 0.53 -28.80 1.73
CA HIS I 273 1.06 -29.21 0.43
C HIS I 273 0.39 -30.48 -0.09
N LEU I 274 0.02 -31.39 0.81
CA LEU I 274 -0.57 -32.66 0.38
C LEU I 274 -1.97 -32.46 -0.18
N VAL I 275 -2.80 -31.65 0.46
CA VAL I 275 -4.19 -31.48 0.06
C VAL I 275 -4.37 -30.31 -0.90
N GLY I 276 -3.28 -29.77 -1.46
CA GLY I 276 -3.39 -28.72 -2.44
C GLY I 276 -3.94 -27.41 -1.94
N GLN I 277 -3.48 -26.95 -0.78
CA GLN I 277 -3.82 -25.63 -0.25
C GLN I 277 -2.61 -24.72 -0.38
N GLU I 278 -2.83 -23.51 -0.87
CA GLU I 278 -1.73 -22.60 -1.15
C GLU I 278 -1.12 -22.05 0.13
N VAL I 279 0.15 -21.68 0.04
CA VAL I 279 0.90 -21.08 1.15
C VAL I 279 1.50 -19.77 0.67
N SER I 280 1.49 -18.76 1.53
CA SER I 280 1.97 -17.44 1.14
C SER I 280 3.49 -17.38 1.13
N VAL I 281 4.02 -16.56 0.23
CA VAL I 281 5.45 -16.37 0.04
C VAL I 281 5.78 -14.92 0.36
N GLU I 282 6.90 -14.72 1.05
CA GLU I 282 7.30 -13.42 1.58
C GLU I 282 8.32 -12.75 0.66
N GLY I 283 8.13 -11.45 0.46
CA GLY I 283 9.07 -10.65 -0.32
C GLY I 283 9.36 -9.35 0.38
N THR I 284 10.39 -8.66 -0.11
CA THR I 284 10.89 -7.45 0.51
C THR I 284 11.03 -6.34 -0.53
N SER I 285 11.15 -5.11 -0.04
CA SER I 285 11.32 -3.93 -0.87
C SER I 285 12.71 -3.34 -0.65
N GLY I 286 12.95 -2.19 -1.28
CA GLY I 286 14.20 -1.49 -1.12
C GLY I 286 14.27 -0.75 0.20
N PRO I 287 15.45 -0.25 0.52
CA PRO I 287 15.61 0.51 1.77
C PRO I 287 14.80 1.80 1.77
N LEU I 288 14.33 2.17 2.95
CA LEU I 288 13.51 3.35 3.14
C LEU I 288 13.95 4.08 4.40
N LEU I 289 13.73 5.39 4.42
CA LEU I 289 14.16 6.22 5.54
C LEU I 289 13.05 6.35 6.58
N CYS I 290 13.45 6.34 7.85
CA CYS I 290 12.54 6.50 8.97
C CYS I 290 13.12 7.52 9.94
N ASN I 291 12.23 8.19 10.67
CA ASN I 291 12.63 9.12 11.73
C ASN I 291 12.19 8.58 13.09
N ILE I 292 13.16 8.39 13.98
CA ILE I 292 12.91 7.77 15.28
C ILE I 292 12.60 8.85 16.31
N HIS I 293 11.74 8.51 17.26
CA HIS I 293 11.40 9.37 18.39
C HIS I 293 11.61 8.64 19.70
N ASP I 294 12.16 9.33 20.68
CA ASP I 294 12.43 8.77 21.99
C ASP I 294 12.03 9.77 23.07
N LEU I 295 11.64 9.25 24.23
CA LEU I 295 11.25 10.09 25.36
C LEU I 295 11.84 9.56 26.66
N TYR I 350 16.64 11.63 14.96
CA TYR I 350 17.43 10.47 14.59
C TYR I 350 16.80 9.85 13.33
N LEU I 351 17.63 9.26 12.46
CA LEU I 351 17.16 8.64 11.23
C LEU I 351 17.62 7.20 11.20
N ASP I 352 16.90 6.39 10.41
CA ASP I 352 17.21 4.97 10.31
C ASP I 352 16.77 4.47 8.94
N ILE I 353 17.24 3.28 8.59
CA ILE I 353 16.93 2.63 7.31
C ILE I 353 16.22 1.32 7.61
N ARG I 354 15.04 1.14 7.00
CA ARG I 354 14.22 -0.04 7.25
C ARG I 354 13.69 -0.57 5.91
N ARG I 355 13.11 -1.77 5.97
CA ARG I 355 12.53 -2.44 4.82
C ARG I 355 11.08 -2.81 5.10
N ASN I 356 10.30 -2.96 4.04
CA ASN I 356 8.92 -3.42 4.13
C ASN I 356 8.83 -4.87 3.70
N VAL I 357 7.93 -5.61 4.33
CA VAL I 357 7.74 -7.03 4.07
C VAL I 357 6.32 -7.25 3.58
N HIS I 358 6.19 -7.94 2.44
CA HIS I 358 4.91 -8.21 1.81
C HIS I 358 4.74 -9.72 1.62
N TYR I 359 3.51 -10.13 1.36
CA TYR I 359 3.18 -11.54 1.15
C TYR I 359 2.35 -11.68 -0.11
N SER I 360 2.45 -12.86 -0.74
CA SER I 360 1.73 -13.09 -1.99
C SER I 360 1.40 -14.58 -2.11
N CYS I 361 0.43 -14.89 -2.96
CA CYS I 361 -0.02 -16.25 -3.16
C CYS I 361 -0.10 -16.58 -4.64
N ASN I 362 0.17 -17.85 -4.98
CA ASN I 362 0.13 -18.31 -6.35
C ASN I 362 -0.43 -19.71 -6.50
N GLY I 363 -1.16 -20.21 -5.51
CA GLY I 363 -1.57 -21.60 -5.50
C GLY I 363 -2.80 -21.89 -6.33
N PRO I 364 -3.37 -23.08 -6.15
CA PRO I 364 -4.57 -23.46 -6.90
C PRO I 364 -5.77 -22.56 -6.65
N GLN I 365 -5.85 -21.90 -5.49
CA GLN I 365 -7.00 -21.08 -5.15
C GLN I 365 -6.94 -19.68 -5.75
N THR I 366 -5.87 -19.33 -6.42
CA THR I 366 -5.80 -18.06 -7.12
C THR I 366 -6.46 -18.18 -8.48
N PRO I 367 -7.44 -17.34 -8.81
CA PRO I 367 -8.09 -17.44 -10.13
C PRO I 367 -7.08 -17.30 -11.26
N LYS I 368 -7.09 -18.28 -12.15
CA LYS I 368 -6.19 -18.34 -13.29
C LYS I 368 -6.97 -18.68 -14.55
N TYR I 369 -6.44 -18.27 -15.69
CA TYR I 369 -7.05 -18.65 -16.96
C TYR I 369 -6.97 -20.15 -17.19
N TYR I 370 -5.86 -20.77 -16.83
CA TYR I 370 -5.62 -22.18 -17.05
C TYR I 370 -5.07 -22.79 -15.76
N GLN I 371 -5.75 -23.80 -15.25
CA GLN I 371 -5.32 -24.44 -14.01
C GLN I 371 -4.56 -25.72 -14.33
N PRO I 372 -3.28 -25.81 -13.99
CA PRO I 372 -2.50 -27.02 -14.31
C PRO I 372 -2.99 -28.21 -13.53
N PRO I 373 -2.60 -29.43 -13.90
CA PRO I 373 -3.04 -30.62 -13.17
C PRO I 373 -2.62 -30.56 -11.70
N LEU I 374 -3.47 -31.07 -10.83
CA LEU I 374 -3.28 -31.00 -9.39
C LEU I 374 -3.15 -32.40 -8.83
N ALA I 375 -2.06 -32.66 -8.12
CA ALA I 375 -1.81 -33.96 -7.50
C ALA I 375 -2.25 -33.91 -6.05
N LEU I 376 -3.08 -34.87 -5.64
CA LEU I 376 -3.64 -34.92 -4.30
C LEU I 376 -3.28 -36.24 -3.63
N TRP I 377 -2.74 -36.14 -2.41
CA TRP I 377 -2.53 -37.27 -1.53
C TRP I 377 -3.47 -37.13 -0.34
N ILE I 378 -4.26 -38.16 -0.07
CA ILE I 378 -5.27 -38.12 0.98
C ILE I 378 -5.08 -39.34 1.88
N LYS I 379 -4.93 -39.10 3.18
CA LYS I 379 -4.67 -40.17 4.12
C LYS I 379 -5.97 -40.72 4.68
N LEU I 380 -6.09 -42.05 4.72
CA LEU I 380 -7.28 -42.70 5.25
C LEU I 380 -7.08 -42.95 6.74
N ARG I 381 -8.10 -42.61 7.53
CA ARG I 381 -8.00 -42.57 8.99
C ARG I 381 -9.00 -43.54 9.60
N PHE I 382 -8.53 -44.73 9.94
CA PHE I 382 -9.30 -45.70 10.71
C PHE I 382 -8.65 -45.88 12.08
N TRP I 383 -9.40 -46.51 12.99
CA TRP I 383 -8.98 -46.54 14.39
C TRP I 383 -7.62 -47.21 14.58
N PHE I 384 -7.26 -48.14 13.69
CA PHE I 384 -5.98 -48.83 13.81
C PHE I 384 -4.84 -48.09 13.12
N ASN I 385 -5.13 -47.01 12.37
CA ASN I 385 -4.07 -46.27 11.70
C ASN I 385 -3.40 -45.25 12.60
N GLU I 386 -3.93 -45.00 13.80
CA GLU I 386 -3.42 -43.94 14.65
C GLU I 386 -1.99 -44.23 15.10
N ASN I 387 -1.72 -45.47 15.50
CA ASN I 387 -0.42 -45.84 16.04
C ASN I 387 0.13 -47.06 15.30
N VAL I 388 1.47 -47.14 15.27
CA VAL I 388 2.14 -48.26 14.62
C VAL I 388 1.90 -49.57 15.35
N ASN I 389 1.65 -49.51 16.67
CA ASN I 389 1.41 -50.72 17.45
C ASN I 389 -0.04 -51.18 17.42
N LEU I 390 -0.95 -50.37 16.91
CA LEU I 390 -2.37 -50.69 16.91
C LEU I 390 -2.91 -51.11 15.55
N ALA I 391 -2.07 -51.14 14.52
CA ALA I 391 -2.54 -51.53 13.20
C ALA I 391 -3.01 -52.98 13.20
N ILE I 392 -4.20 -53.21 12.63
CA ILE I 392 -4.80 -54.54 12.61
C ILE I 392 -4.03 -55.42 11.64
N PRO I 393 -3.98 -56.73 11.87
CA PRO I 393 -3.32 -57.62 10.90
C PRO I 393 -4.15 -57.81 9.64
N SER I 394 -3.50 -58.34 8.61
CA SER I 394 -4.16 -58.65 7.35
C SER I 394 -4.69 -60.08 7.29
N VAL I 395 -4.54 -60.86 8.37
CA VAL I 395 -4.95 -62.25 8.41
C VAL I 395 -6.14 -62.48 9.33
N SER I 396 -6.49 -61.50 10.18
CA SER I 396 -7.59 -61.68 11.12
C SER I 396 -8.92 -61.84 10.40
N ILE I 397 -9.00 -61.37 9.15
CA ILE I 397 -10.23 -61.38 8.37
C ILE I 397 -9.99 -62.13 7.07
N PRO I 398 -11.00 -62.89 6.61
CA PRO I 398 -10.84 -63.60 5.34
C PRO I 398 -10.41 -62.69 4.19
N PHE I 399 -9.63 -63.27 3.27
CA PHE I 399 -8.87 -62.49 2.30
C PHE I 399 -9.79 -61.69 1.38
N GLY I 400 -10.84 -62.33 0.86
CA GLY I 400 -11.64 -61.72 -0.18
C GLY I 400 -12.75 -60.79 0.26
N GLU I 401 -12.90 -60.54 1.56
CA GLU I 401 -14.02 -59.75 2.05
C GLU I 401 -13.68 -58.29 2.30
N ARG I 402 -12.40 -57.91 2.26
CA ARG I 402 -12.02 -56.54 2.57
C ARG I 402 -12.24 -55.63 1.38
N PHE I 403 -12.90 -54.50 1.60
CA PHE I 403 -13.13 -53.51 0.55
C PHE I 403 -13.16 -52.12 1.15
N ILE I 404 -12.72 -51.13 0.35
CA ILE I 404 -12.79 -49.73 0.72
C ILE I 404 -13.65 -49.03 -0.32
N THR I 405 -14.69 -48.33 0.14
CA THR I 405 -15.61 -47.62 -0.74
C THR I 405 -15.51 -46.12 -0.47
N ILE I 406 -15.47 -45.33 -1.53
CA ILE I 406 -15.34 -43.88 -1.43
C ILE I 406 -16.31 -43.23 -2.40
N LYS I 407 -17.08 -42.25 -1.92
CA LYS I 407 -18.03 -41.52 -2.76
C LYS I 407 -17.42 -40.16 -3.07
N LEU I 408 -16.80 -40.05 -4.24
CA LEU I 408 -16.12 -38.82 -4.64
C LEU I 408 -17.12 -37.68 -4.83
N ALA I 409 -16.68 -36.48 -4.49
CA ALA I 409 -17.52 -35.30 -4.64
C ALA I 409 -17.62 -34.90 -6.11
N SER I 410 -18.67 -34.14 -6.42
CA SER I 410 -18.94 -33.75 -7.79
C SER I 410 -18.00 -32.63 -8.23
N GLN I 411 -17.93 -32.45 -9.56
CA GLN I 411 -17.08 -31.39 -10.11
C GLN I 411 -17.58 -30.00 -9.72
N LYS I 412 -18.90 -29.85 -9.57
CA LYS I 412 -19.48 -28.56 -9.22
C LYS I 412 -19.15 -28.13 -7.80
N ASP I 413 -18.73 -29.07 -6.94
CA ASP I 413 -18.34 -28.76 -5.57
C ASP I 413 -16.85 -28.61 -5.40
N LEU I 414 -16.08 -28.63 -6.47
CA LEU I 414 -14.62 -28.54 -6.40
C LEU I 414 -14.06 -27.29 -7.07
N VAL I 415 -14.58 -26.89 -8.22
CA VAL I 415 -14.07 -25.74 -8.95
C VAL I 415 -15.15 -24.68 -9.02
N ASN I 416 -14.71 -23.43 -9.20
CA ASN I 416 -15.62 -22.31 -9.34
C ASN I 416 -15.00 -21.29 -10.27
N GLU I 417 -15.80 -20.30 -10.66
CA GLU I 417 -15.40 -19.32 -11.65
C GLU I 417 -15.38 -17.91 -11.05
N PHE I 418 -14.57 -17.07 -11.67
CA PHE I 418 -14.33 -15.68 -11.31
C PHE I 418 -14.54 -14.84 -12.57
N PRO I 419 -15.11 -13.64 -12.44
CA PRO I 419 -15.45 -12.86 -13.62
C PRO I 419 -14.23 -12.54 -14.47
N GLY I 420 -14.41 -12.59 -15.79
CA GLY I 420 -13.35 -12.26 -16.71
C GLY I 420 -13.60 -10.97 -17.44
N LEU I 421 -14.70 -10.29 -17.08
CA LEU I 421 -15.08 -9.04 -17.70
C LEU I 421 -15.57 -8.09 -16.61
N PHE I 422 -15.21 -6.81 -16.74
CA PHE I 422 -15.60 -5.78 -15.79
C PHE I 422 -16.14 -4.58 -16.53
N VAL I 423 -17.05 -3.86 -15.90
CA VAL I 423 -17.60 -2.62 -16.41
C VAL I 423 -16.97 -1.47 -15.66
N ARG I 424 -16.41 -0.53 -16.41
CA ARG I 424 -15.69 0.62 -15.87
C ARG I 424 -16.57 1.85 -15.99
N GLN I 425 -16.85 2.49 -14.86
CA GLN I 425 -17.64 3.71 -14.81
C GLN I 425 -16.72 4.89 -14.54
N SER I 426 -16.81 5.92 -15.37
CA SER I 426 -16.08 7.16 -15.20
C SER I 426 -17.07 8.31 -15.11
N ARG I 427 -16.96 9.11 -14.06
CA ARG I 427 -17.89 10.19 -13.81
C ARG I 427 -17.14 11.49 -13.61
N PHE I 428 -17.58 12.53 -14.31
CA PHE I 428 -17.03 13.87 -14.17
C PHE I 428 -18.07 14.74 -13.48
N ILE I 429 -17.68 15.34 -12.35
CA ILE I 429 -18.55 16.18 -11.55
C ILE I 429 -18.09 17.62 -11.71
N ALA I 430 -18.96 18.47 -12.23
CA ALA I 430 -18.61 19.83 -12.53
C ALA I 430 -18.75 20.72 -11.29
N GLY I 431 -18.04 21.83 -11.31
CA GLY I 431 -18.03 22.76 -10.19
C GLY I 431 -16.62 23.21 -9.84
N ARG I 432 -16.36 23.40 -8.56
CA ARG I 432 -15.01 23.70 -8.10
C ARG I 432 -14.81 23.14 -6.70
N PRO I 433 -13.96 22.12 -6.54
CA PRO I 433 -13.13 21.51 -7.59
C PRO I 433 -13.89 20.56 -8.52
N SER I 434 -13.56 20.58 -9.81
CA SER I 434 -14.07 19.56 -10.71
C SER I 434 -13.45 18.21 -10.37
N ARG I 435 -14.27 17.17 -10.40
CA ARG I 435 -13.85 15.87 -9.88
C ARG I 435 -14.00 14.80 -10.94
N ARG I 436 -13.09 13.82 -10.91
CA ARG I 436 -13.16 12.65 -11.77
C ARG I 436 -13.11 11.40 -10.90
N ASN I 437 -14.10 10.53 -11.04
CA ASN I 437 -14.18 9.30 -10.27
C ASN I 437 -14.25 8.11 -11.22
N ILE I 438 -13.49 7.07 -10.91
CA ILE I 438 -13.50 5.83 -11.69
C ILE I 438 -13.78 4.66 -10.76
N ARG I 439 -14.80 3.88 -11.08
CA ARG I 439 -15.23 2.71 -10.30
C ARG I 439 -15.44 1.53 -11.24
N PHE I 440 -15.62 0.35 -10.65
CA PHE I 440 -15.74 -0.88 -11.42
C PHE I 440 -16.84 -1.75 -10.87
N LYS I 441 -17.42 -2.59 -11.75
CA LYS I 441 -18.48 -3.52 -11.36
C LYS I 441 -18.38 -4.78 -12.21
N PRO I 442 -18.43 -5.97 -11.61
CA PRO I 442 -18.29 -7.19 -12.41
C PRO I 442 -19.47 -7.45 -13.33
N TRP I 443 -19.20 -8.15 -14.42
CA TRP I 443 -20.21 -8.71 -15.32
C TRP I 443 -19.99 -10.22 -15.31
N PHE I 444 -20.70 -10.91 -14.43
CA PHE I 444 -20.47 -12.32 -14.16
C PHE I 444 -21.64 -13.13 -14.73
N ILE I 445 -21.39 -13.83 -15.83
CA ILE I 445 -22.35 -14.74 -16.44
C ILE I 445 -21.70 -16.11 -16.51
N PRO I 446 -22.31 -17.15 -15.95
CA PRO I 446 -21.61 -18.45 -15.85
C PRO I 446 -21.38 -19.08 -17.21
N GLY I 447 -20.28 -19.83 -17.30
CA GLY I 447 -19.93 -20.54 -18.51
C GLY I 447 -19.89 -22.03 -18.30
N VAL I 448 -19.11 -22.75 -19.11
CA VAL I 448 -19.00 -24.19 -19.02
C VAL I 448 -17.54 -24.56 -18.77
N ILE I 449 -17.31 -25.40 -17.77
CA ILE I 449 -15.98 -25.93 -17.46
C ILE I 449 -15.92 -27.36 -17.94
N ASN I 450 -14.84 -27.72 -18.62
CA ASN I 450 -14.72 -29.05 -19.19
C ASN I 450 -14.67 -30.11 -18.08
N GLU I 451 -14.90 -31.36 -18.48
CA GLU I 451 -14.90 -32.46 -17.53
C GLU I 451 -13.48 -32.73 -17.04
N ILE I 452 -13.33 -32.86 -15.73
CA ILE I 452 -12.04 -33.17 -15.11
C ILE I 452 -11.93 -34.68 -14.95
N SER I 453 -10.81 -35.24 -15.39
CA SER I 453 -10.59 -36.68 -15.39
C SER I 453 -9.52 -37.06 -14.39
N LEU I 454 -9.78 -38.11 -13.61
CA LEU I 454 -8.81 -38.59 -12.64
C LEU I 454 -7.88 -39.61 -13.29
N THR I 455 -6.59 -39.47 -13.03
CA THR I 455 -5.59 -40.39 -13.57
C THR I 455 -4.58 -40.72 -12.47
N ASN I 456 -3.89 -41.85 -12.65
CA ASN I 456 -2.93 -42.36 -11.68
C ASN I 456 -3.56 -42.56 -10.31
N ASN I 457 -4.78 -43.10 -10.29
CA ASN I 457 -5.49 -43.36 -9.05
C ASN I 457 -4.86 -44.57 -8.37
N GLU I 458 -4.16 -44.35 -7.26
CA GLU I 458 -3.45 -45.44 -6.60
C GLU I 458 -3.69 -45.40 -5.10
N LEU I 459 -3.50 -46.54 -4.46
CA LEU I 459 -3.58 -46.66 -3.01
C LEU I 459 -2.27 -47.27 -2.52
N TYR I 460 -1.59 -46.55 -1.63
CA TYR I 460 -0.31 -46.98 -1.08
C TYR I 460 -0.57 -47.67 0.26
N ILE I 461 -0.43 -48.98 0.29
CA ILE I 461 -0.60 -49.75 1.52
C ILE I 461 0.77 -50.08 2.08
N ASN I 462 0.99 -49.73 3.34
CA ASN I 462 2.24 -50.04 4.03
C ASN I 462 2.23 -51.51 4.39
N ASN I 463 3.30 -52.23 4.04
CA ASN I 463 3.40 -53.66 4.29
C ASN I 463 4.58 -53.88 5.24
N LEU I 464 4.29 -53.93 6.54
CA LEU I 464 5.31 -54.21 7.54
C LEU I 464 5.64 -55.69 7.52
N PHE I 465 6.93 -56.01 7.48
CA PHE I 465 7.41 -57.38 7.44
C PHE I 465 8.01 -57.78 8.78
N VAL I 466 7.62 -58.95 9.27
CA VAL I 466 8.14 -59.47 10.53
C VAL I 466 9.39 -60.30 10.28
N ILE I 510 -15.11 -42.86 27.56
CA ILE I 510 -14.67 -41.82 26.65
C ILE I 510 -14.25 -40.59 27.44
N GLU I 511 -13.34 -39.79 26.88
CA GLU I 511 -12.83 -38.64 27.61
C GLU I 511 -12.69 -37.38 26.76
N TYR I 512 -13.11 -37.40 25.50
CA TYR I 512 -13.02 -36.21 24.67
C TYR I 512 -14.15 -36.24 23.65
N MET I 513 -14.68 -35.06 23.34
CA MET I 513 -15.64 -34.89 22.25
C MET I 513 -15.38 -33.56 21.56
N PHE I 514 -15.29 -33.58 20.25
CA PHE I 514 -15.18 -32.37 19.45
C PHE I 514 -16.51 -32.17 18.72
N ILE I 515 -17.11 -31.00 18.90
CA ILE I 515 -18.43 -30.70 18.35
C ILE I 515 -18.32 -29.48 17.46
N GLY I 516 -18.86 -29.58 16.25
CA GLY I 516 -18.85 -28.46 15.33
C GLY I 516 -20.25 -28.05 14.93
N LEU I 517 -20.58 -26.78 15.14
CA LEU I 517 -21.89 -26.24 14.81
C LEU I 517 -21.74 -25.41 13.54
N LYS I 518 -22.33 -25.89 12.44
CA LYS I 518 -22.14 -25.29 11.13
C LYS I 518 -23.50 -24.90 10.56
N PRO I 519 -23.71 -23.64 10.19
CA PRO I 519 -24.95 -23.27 9.51
C PRO I 519 -25.05 -23.96 8.16
N THR I 520 -26.29 -24.25 7.75
CA THR I 520 -26.51 -24.86 6.44
C THR I 520 -26.26 -23.87 5.31
N TRP I 521 -26.22 -22.57 5.61
CA TRP I 521 -25.88 -21.58 4.59
C TRP I 521 -24.45 -21.75 4.10
N ASN I 522 -23.58 -22.34 4.92
CA ASN I 522 -22.18 -22.47 4.55
C ASN I 522 -22.02 -23.39 3.34
N ILE I 523 -22.78 -24.49 3.29
CA ILE I 523 -22.63 -25.47 2.23
C ILE I 523 -23.74 -25.41 1.20
N SER I 524 -24.68 -24.47 1.35
CA SER I 524 -25.79 -24.37 0.41
C SER I 524 -25.31 -23.90 -0.96
N ASP I 525 -25.93 -24.45 -2.00
CA ASP I 525 -25.55 -24.12 -3.37
C ASP I 525 -25.85 -22.68 -3.74
N GLN I 526 -26.78 -22.04 -3.04
CA GLN I 526 -27.10 -20.64 -3.31
C GLN I 526 -26.11 -19.68 -2.65
N ASN I 527 -25.17 -20.19 -1.86
CA ASN I 527 -24.18 -19.34 -1.22
C ASN I 527 -23.14 -18.92 -2.26
N PRO I 528 -22.97 -17.61 -2.51
CA PRO I 528 -21.92 -17.19 -3.46
C PRO I 528 -20.52 -17.47 -2.97
N HIS I 529 -20.32 -17.74 -1.68
CA HIS I 529 -19.00 -17.96 -1.11
C HIS I 529 -18.88 -19.34 -0.48
N GLN I 530 -19.60 -20.33 -1.01
CA GLN I 530 -19.58 -21.65 -0.37
C GLN I 530 -18.22 -22.32 -0.50
N HIS I 531 -17.47 -22.00 -1.55
CA HIS I 531 -16.17 -22.62 -1.74
C HIS I 531 -15.18 -22.17 -0.66
N ARG I 532 -15.28 -20.91 -0.23
CA ARG I 532 -14.43 -20.42 0.85
C ARG I 532 -14.90 -20.95 2.21
N ASP I 533 -16.20 -20.96 2.44
CA ASP I 533 -16.78 -21.17 3.76
C ASP I 533 -17.30 -22.58 4.00
N TRP I 534 -16.99 -23.54 3.13
CA TRP I 534 -17.56 -24.87 3.28
C TRP I 534 -17.07 -25.57 4.54
N HIS I 535 -16.00 -25.09 5.17
CA HIS I 535 -15.41 -25.75 6.32
C HIS I 535 -15.48 -24.94 7.60
N LYS I 536 -15.90 -23.68 7.54
CA LYS I 536 -15.86 -22.82 8.72
C LYS I 536 -17.04 -23.10 9.64
N PHE I 537 -16.74 -23.18 10.94
CA PHE I 537 -17.76 -23.46 11.97
C PHE I 537 -18.16 -22.13 12.61
N GLY I 538 -19.06 -21.43 11.94
CA GLY I 538 -19.56 -20.17 12.47
C GLY I 538 -20.34 -19.41 11.43
N HIS I 539 -20.75 -18.21 11.82
CA HIS I 539 -21.48 -17.32 10.92
C HIS I 539 -20.49 -16.35 10.29
N VAL I 540 -20.35 -16.41 8.97
CA VAL I 540 -19.30 -15.70 8.26
C VAL I 540 -19.89 -14.46 7.59
N VAL I 541 -19.32 -13.30 7.88
CA VAL I 541 -19.63 -12.06 7.19
C VAL I 541 -18.36 -11.59 6.48
N ASN I 542 -18.51 -10.56 5.66
CA ASN I 542 -17.41 -10.06 4.85
C ASN I 542 -17.23 -8.56 5.04
N ALA I 543 -15.98 -8.14 5.16
CA ALA I 543 -15.62 -6.72 5.25
C ALA I 543 -14.82 -6.34 4.03
N ILE I 544 -15.21 -5.24 3.37
CA ILE I 544 -14.65 -4.85 2.09
C ILE I 544 -13.92 -3.52 2.25
N MET I 545 -12.62 -3.53 1.92
CA MET I 545 -11.82 -2.32 1.79
C MET I 545 -11.66 -1.99 0.32
N GLN I 546 -11.70 -0.70 0.00
CA GLN I 546 -11.52 -0.22 -1.37
C GLN I 546 -10.50 0.90 -1.38
N PRO I 547 -9.21 0.56 -1.47
CA PRO I 547 -8.17 1.60 -1.49
C PRO I 547 -8.28 2.47 -2.73
N THR I 548 -7.89 3.74 -2.57
CA THR I 548 -8.08 4.75 -3.59
C THR I 548 -6.87 5.66 -3.67
N HIS I 549 -6.49 6.04 -4.88
CA HIS I 549 -5.44 7.02 -5.12
C HIS I 549 -6.09 8.39 -5.29
N HIS I 550 -5.65 9.36 -4.48
CA HIS I 550 -6.25 10.68 -4.46
C HIS I 550 -5.21 11.73 -4.86
N ALA I 551 -5.66 12.76 -5.57
CA ALA I 551 -4.75 13.82 -5.98
C ALA I 551 -5.53 15.12 -6.16
N GLU I 552 -4.86 16.24 -5.87
CA GLU I 552 -5.43 17.57 -5.98
C GLU I 552 -4.45 18.48 -6.70
N ILE I 553 -4.93 19.28 -7.65
CA ILE I 553 -4.08 20.12 -8.49
C ILE I 553 -4.68 21.51 -8.58
N SER I 554 -3.82 22.52 -8.54
CA SER I 554 -4.22 23.92 -8.73
C SER I 554 -3.50 24.49 -9.94
N PHE I 555 -4.25 25.15 -10.82
CA PHE I 555 -3.71 25.62 -12.09
C PHE I 555 -3.17 27.04 -12.06
N GLN I 556 -3.37 27.79 -10.96
CA GLN I 556 -2.98 29.19 -10.94
C GLN I 556 -2.68 29.59 -9.49
N ASP I 557 -2.28 30.85 -9.32
CA ASP I 557 -1.89 31.39 -8.03
C ASP I 557 -2.70 32.60 -7.62
N ARG I 558 -3.85 32.84 -8.24
CA ARG I 558 -4.69 33.98 -7.83
C ARG I 558 -5.50 33.64 -6.59
N ASP I 559 -6.35 32.62 -6.67
CA ASP I 559 -7.08 32.12 -5.51
C ASP I 559 -6.78 30.64 -5.36
N THR I 560 -6.17 30.28 -4.22
CA THR I 560 -5.68 28.93 -4.01
C THR I 560 -6.24 28.30 -2.74
N ALA I 561 -7.38 28.80 -2.23
CA ALA I 561 -7.98 28.21 -1.05
C ALA I 561 -8.44 26.78 -1.32
N LEU I 562 -9.03 26.54 -2.49
CA LEU I 562 -9.55 25.25 -2.87
C LEU I 562 -8.84 24.74 -4.13
N PRO I 563 -8.61 23.44 -4.25
CA PRO I 563 -7.95 22.92 -5.45
C PRO I 563 -8.80 23.15 -6.69
N ASP I 564 -8.12 23.36 -7.82
CA ASP I 564 -8.83 23.55 -9.07
C ASP I 564 -9.36 22.23 -9.64
N ALA I 565 -8.68 21.12 -9.39
CA ALA I 565 -9.11 19.82 -9.87
C ALA I 565 -8.75 18.75 -8.86
N CYS I 566 -9.55 17.68 -8.84
CA CYS I 566 -9.33 16.54 -7.96
C CYS I 566 -9.41 15.26 -8.78
N SER I 567 -8.91 14.19 -8.19
CA SER I 567 -9.02 12.88 -8.83
C SER I 567 -8.97 11.79 -7.77
N SER I 568 -9.82 10.78 -7.94
CA SER I 568 -9.81 9.60 -7.09
C SER I 568 -9.95 8.38 -7.98
N ILE I 569 -8.94 7.49 -7.92
CA ILE I 569 -8.88 6.31 -8.77
C ILE I 569 -9.02 5.09 -7.88
N SER I 570 -9.93 4.19 -8.23
CA SER I 570 -10.14 2.97 -7.47
C SER I 570 -9.42 1.80 -8.16
N ASP I 571 -9.32 0.69 -7.44
CA ASP I 571 -8.81 -0.56 -8.00
C ASP I 571 -9.96 -1.36 -8.58
N ILE I 572 -9.61 -2.32 -9.44
CA ILE I 572 -10.62 -3.12 -10.11
C ILE I 572 -11.32 -4.05 -9.14
N SER I 573 -10.56 -4.67 -8.24
CA SER I 573 -11.15 -5.58 -7.27
C SER I 573 -10.86 -5.10 -5.85
N PRO I 574 -11.78 -5.31 -4.91
CA PRO I 574 -11.57 -4.84 -3.54
C PRO I 574 -10.76 -5.82 -2.71
N VAL I 575 -10.60 -5.53 -1.42
CA VAL I 575 -9.95 -6.42 -0.47
C VAL I 575 -11.01 -6.94 0.48
N THR I 576 -11.14 -8.26 0.56
CA THR I 576 -12.22 -8.91 1.30
C THR I 576 -11.67 -9.67 2.50
N TYR I 577 -12.21 -9.39 3.68
CA TYR I 577 -11.84 -10.08 4.91
C TYR I 577 -13.01 -10.90 5.40
N PRO I 578 -12.86 -12.22 5.56
CA PRO I 578 -13.93 -13.03 6.15
C PRO I 578 -13.88 -13.01 7.67
N ILE I 579 -14.95 -12.57 8.32
CA ILE I 579 -15.01 -12.48 9.77
C ILE I 579 -16.03 -13.49 10.27
N THR I 580 -15.60 -14.39 11.14
CA THR I 580 -16.44 -15.45 11.67
C THR I 580 -16.91 -15.09 13.08
N LEU I 581 -18.20 -15.25 13.32
CA LEU I 581 -18.85 -14.93 14.58
C LEU I 581 -19.54 -16.16 15.15
N PRO I 582 -19.64 -16.27 16.48
CA PRO I 582 -20.28 -17.45 17.07
C PRO I 582 -21.79 -17.46 16.84
N ILE I 583 -22.35 -18.66 16.87
CA ILE I 583 -23.79 -18.86 16.73
C ILE I 583 -24.40 -19.53 17.96
N ILE I 584 -23.63 -19.76 19.02
CA ILE I 584 -24.10 -20.44 20.21
C ILE I 584 -23.78 -19.56 21.42
N LYS I 585 -24.77 -19.37 22.29
CA LYS I 585 -24.56 -18.67 23.55
C LYS I 585 -24.42 -19.61 24.74
N ASN I 586 -25.16 -20.71 24.75
CA ASN I 586 -25.08 -21.70 25.81
C ASN I 586 -25.26 -23.08 25.20
N ILE I 587 -24.48 -24.04 25.69
CA ILE I 587 -24.51 -25.42 25.20
C ILE I 587 -24.63 -26.36 26.39
N SER I 588 -25.45 -27.39 26.24
CA SER I 588 -25.61 -28.39 27.28
C SER I 588 -25.71 -29.77 26.65
N VAL I 589 -24.88 -30.71 27.12
CA VAL I 589 -24.96 -32.09 26.70
C VAL I 589 -25.46 -32.92 27.88
N THR I 590 -26.77 -33.10 27.98
CA THR I 590 -27.37 -33.72 29.14
C THR I 590 -27.17 -35.24 29.11
N ALA I 591 -27.43 -35.85 30.26
CA ALA I 591 -27.38 -37.29 30.41
C ALA I 591 -28.69 -37.78 31.02
N HIS I 592 -29.00 -39.06 30.78
CA HIS I 592 -30.21 -39.64 31.33
C HIS I 592 -30.19 -39.67 32.85
N GLY I 593 -29.00 -39.63 33.45
CA GLY I 593 -28.88 -39.66 34.90
C GLY I 593 -28.85 -38.28 35.53
N ILE I 594 -27.95 -37.42 35.05
CA ILE I 594 -27.77 -36.08 35.58
C ILE I 594 -27.67 -35.09 34.42
N ASN I 595 -27.68 -33.81 34.76
CA ASN I 595 -27.62 -32.76 33.74
C ASN I 595 -26.28 -32.72 33.02
N LEU I 596 -25.21 -33.19 33.66
CA LEU I 596 -23.85 -33.20 33.09
C LEU I 596 -23.48 -31.75 32.80
N ILE I 597 -23.01 -31.41 31.59
CA ILE I 597 -22.70 -30.02 31.27
C ILE I 597 -24.00 -29.25 31.10
N ASP I 598 -24.13 -28.12 31.81
CA ASP I 598 -25.38 -27.37 31.84
C ASP I 598 -25.09 -25.89 31.76
N LYS I 599 -25.57 -25.26 30.69
CA LYS I 599 -25.62 -23.80 30.54
C LYS I 599 -24.25 -23.14 30.60
N PHE I 600 -23.19 -23.85 30.26
CA PHE I 600 -21.88 -23.23 30.20
C PHE I 600 -21.80 -22.26 29.03
N PRO I 601 -21.06 -21.17 29.16
CA PRO I 601 -20.90 -20.24 28.05
C PRO I 601 -20.12 -20.86 26.91
N SER I 602 -20.22 -20.24 25.74
CA SER I 602 -19.59 -20.79 24.55
C SER I 602 -18.07 -20.76 24.65
N LYS I 603 -17.51 -19.62 25.08
CA LYS I 603 -16.05 -19.48 25.11
C LYS I 603 -15.40 -20.35 26.17
N PHE I 604 -16.15 -20.80 27.18
CA PHE I 604 -15.59 -21.74 28.14
C PHE I 604 -15.24 -23.07 27.47
N CYS I 605 -16.12 -23.55 26.58
CA CYS I 605 -15.87 -24.81 25.90
C CYS I 605 -15.00 -24.64 24.66
N SER I 606 -15.10 -23.49 24.00
CA SER I 606 -14.33 -23.28 22.77
C SER I 606 -12.86 -23.03 23.05
N SER I 607 -12.55 -22.23 24.07
CA SER I 607 -11.20 -21.74 24.30
C SER I 607 -10.55 -22.32 25.55
N TYR I 608 -11.20 -22.23 26.71
CA TYR I 608 -10.53 -22.61 27.95
C TYR I 608 -10.26 -24.10 28.03
N ILE I 609 -11.23 -24.93 27.62
CA ILE I 609 -11.06 -26.38 27.72
C ILE I 609 -9.90 -26.87 26.86
N PRO I 610 -9.79 -26.52 25.57
CA PRO I 610 -8.59 -26.92 24.82
C PRO I 610 -7.30 -26.36 25.40
N PHE I 611 -7.35 -25.13 25.92
CA PHE I 611 -6.14 -24.50 26.44
C PHE I 611 -5.61 -25.24 27.66
N HIS I 612 -6.50 -25.64 28.57
CA HIS I 612 -6.04 -26.31 29.78
C HIS I 612 -5.79 -27.80 29.55
N TYR I 613 -6.84 -28.53 29.16
CA TYR I 613 -6.74 -29.97 28.97
C TYR I 613 -6.10 -30.30 27.63
N GLY I 614 -5.51 -31.48 27.54
CA GLY I 614 -5.06 -32.00 26.27
C GLY I 614 -3.57 -32.24 26.16
N GLY I 615 -2.76 -31.38 26.74
CA GLY I 615 -1.33 -31.47 26.54
C GLY I 615 -0.95 -30.93 25.17
N ASN I 616 0.24 -31.32 24.71
CA ASN I 616 0.73 -30.86 23.43
C ASN I 616 0.00 -31.48 22.25
N ALA I 617 -0.80 -32.52 22.47
CA ALA I 617 -1.51 -33.17 21.37
C ALA I 617 -2.61 -32.27 20.81
N ILE I 618 -3.43 -31.70 21.68
CA ILE I 618 -4.60 -30.94 21.26
C ILE I 618 -4.19 -29.48 21.05
N LYS I 619 -4.39 -29.00 19.83
CA LYS I 619 -4.19 -27.59 19.51
C LYS I 619 -5.45 -26.80 19.81
N THR I 620 -5.27 -25.55 20.21
CA THR I 620 -6.40 -24.66 20.46
C THR I 620 -6.98 -24.19 19.14
N PRO I 621 -8.26 -24.41 18.87
CA PRO I 621 -8.82 -24.08 17.55
C PRO I 621 -8.92 -22.58 17.34
N ASP I 622 -9.26 -22.22 16.10
CA ASP I 622 -9.39 -20.83 15.70
C ASP I 622 -10.83 -20.40 15.45
N ASP I 623 -11.76 -21.35 15.35
CA ASP I 623 -13.14 -21.02 15.04
C ASP I 623 -13.98 -20.96 16.31
N PRO I 624 -14.96 -20.05 16.36
CA PRO I 624 -15.82 -19.95 17.56
C PRO I 624 -16.83 -21.07 17.67
N GLY I 625 -17.05 -21.86 16.62
CA GLY I 625 -18.02 -22.93 16.65
C GLY I 625 -17.49 -24.30 16.98
N ALA I 626 -16.18 -24.46 17.09
CA ALA I 626 -15.58 -25.75 17.41
C ALA I 626 -15.41 -25.83 18.92
N MET I 627 -16.13 -26.75 19.55
CA MET I 627 -16.14 -26.89 21.01
C MET I 627 -15.60 -28.24 21.42
N MET I 628 -15.03 -28.30 22.62
CA MET I 628 -14.47 -29.52 23.16
C MET I 628 -14.91 -29.66 24.61
N ILE I 629 -15.37 -30.86 24.98
CA ILE I 629 -15.82 -31.14 26.34
C ILE I 629 -15.19 -32.44 26.81
N THR I 630 -14.88 -32.51 28.10
CA THR I 630 -14.24 -33.67 28.70
C THR I 630 -15.20 -34.33 29.70
N PHE I 631 -15.17 -35.66 29.75
CA PHE I 631 -16.08 -36.42 30.60
C PHE I 631 -15.36 -37.06 31.79
N ALA I 632 -14.30 -37.81 31.56
CA ALA I 632 -13.60 -38.48 32.65
C ALA I 632 -12.15 -37.99 32.74
N PHE I 653 -26.13 -38.02 25.90
CA PHE I 653 -25.81 -37.58 24.55
C PHE I 653 -26.98 -36.86 23.90
N TYR I 654 -27.32 -35.69 24.43
CA TYR I 654 -28.39 -34.85 23.88
C TYR I 654 -27.86 -33.42 23.88
N ILE I 655 -27.41 -32.96 22.71
CA ILE I 655 -26.78 -31.65 22.57
C ILE I 655 -27.87 -30.61 22.34
N SER I 656 -28.06 -29.71 23.30
CA SER I 656 -28.99 -28.61 23.17
C SER I 656 -28.23 -27.30 23.28
N TRP I 657 -28.76 -26.26 22.65
CA TRP I 657 -28.06 -24.99 22.59
C TRP I 657 -29.07 -23.85 22.56
N ASP I 658 -28.58 -22.67 22.91
CA ASP I 658 -29.36 -21.43 22.84
C ASP I 658 -28.67 -20.48 21.88
N THR I 659 -29.43 -19.97 20.91
CA THR I 659 -28.87 -19.13 19.86
C THR I 659 -29.67 -17.86 19.71
N ASP I 660 -29.01 -16.84 19.16
CA ASP I 660 -29.67 -15.67 18.61
C ASP I 660 -29.74 -15.72 17.09
N TYR I 661 -29.39 -16.87 16.51
CA TYR I 661 -29.32 -17.05 15.07
C TYR I 661 -30.52 -17.88 14.60
N VAL I 662 -31.19 -17.40 13.56
CA VAL I 662 -32.35 -18.08 12.99
C VAL I 662 -31.92 -18.78 11.71
N GLY I 663 -32.15 -20.08 11.65
CA GLY I 663 -31.77 -20.86 10.49
C GLY I 663 -31.42 -22.27 10.89
N SER I 664 -31.17 -23.09 9.87
CA SER I 664 -30.79 -24.48 10.09
C SER I 664 -29.34 -24.56 10.56
N ILE I 665 -29.07 -25.52 11.44
CA ILE I 665 -27.74 -25.71 12.01
C ILE I 665 -27.38 -27.19 11.90
N THR I 666 -26.18 -27.47 11.38
CA THR I 666 -25.67 -28.83 11.26
C THR I 666 -24.74 -29.14 12.42
N THR I 667 -24.68 -30.42 12.78
CA THR I 667 -23.88 -30.86 13.92
C THR I 667 -22.95 -31.99 13.48
N ALA I 668 -21.69 -31.92 13.91
CA ALA I 668 -20.71 -32.96 13.66
C ALA I 668 -20.05 -33.35 14.98
N ASP I 669 -19.79 -34.64 15.16
CA ASP I 669 -19.26 -35.16 16.40
C ASP I 669 -18.09 -36.09 16.11
N LEU I 670 -17.19 -36.20 17.09
CA LEU I 670 -16.04 -37.11 16.99
C LEU I 670 -15.61 -37.44 18.42
N VAL I 671 -15.91 -38.67 18.85
CA VAL I 671 -15.58 -39.11 20.19
C VAL I 671 -14.24 -39.84 20.14
N VAL I 672 -13.25 -39.32 20.87
CA VAL I 672 -11.90 -39.87 20.87
C VAL I 672 -11.44 -40.00 22.32
N SER I 673 -10.54 -40.95 22.56
CA SER I 673 -9.95 -41.18 23.87
C SER I 673 -8.44 -41.06 23.77
N ALA I 674 -7.84 -40.38 24.74
CA ALA I 674 -6.40 -40.19 24.76
C ALA I 674 -5.84 -40.42 26.16
#